data_3QS1
#
_entry.id   3QS1
#
_cell.length_a   93.690
_cell.length_b   93.690
_cell.length_c   160.120
_cell.angle_alpha   90.00
_cell.angle_beta   90.00
_cell.angle_gamma   90.00
#
_symmetry.space_group_name_H-M   'P 43'
#
loop_
_entity.id
_entity.type
_entity.pdbx_description
1 polymer Plasmepsin-1
2 non-polymer (4R)-3-[(2S,3S)-3-{[(2,6-dimethylphenoxy)acetyl]amino}-2-hydroxy-4-phenylbutanoyl]-N-[(1S,2R)-2-hydroxy-2,3-dihydro-1H-inden-1-yl]-5,5-dimethyl-1,3-thiazolidine-4-carboxamide
3 non-polymer GLYCEROL
#
_entity_poly.entity_id   1
_entity_poly.type   'polypeptide(L)'
_entity_poly.pdbx_seq_one_letter_code
;TQKPHLGNAGDSVTLNDVANVMYYGEAQIGDNKQKFAFIFDTGSANLWVPSAQCNTIGCKTKNLYDSNKSKTYEKDGTKV
EMNYVSGTVSGFFSKDIVTIANLSFPYKFIEVTDTNGFEPAYTLGQFDGIVGLGWKDLSIGSVDPVVVELKNQNKIEQAV
FTFYLPFDDKHKGYLTIGGIEDRFYEGQLTYEKLNHDLYWQVDLDLHFGNLTVEKATAIVDSGTSSITAPTEFLNKFFEG
LDVVKIPFLPLYITTCNNPKLPTLEFRSATNVYTLEPEYYLQQIFDFGISLCMVSIIPVDLNKNTFILGDPFMRKYFTVF
DYDNHTVGFALAKKKL
;
_entity_poly.pdbx_strand_id   A,B,C,D
#
loop_
_chem_comp.id
_chem_comp.type
_chem_comp.name
_chem_comp.formula
006 peptide-like (4R)-3-[(2S,3S)-3-{[(2,6-dimethylphenoxy)acetyl]amino}-2-hydroxy-4-phenylbutanoyl]-N-[(1S,2R)-2-hydroxy-2,3-dihydro-1H-inden-1-yl]-5,5-dimethyl-1,3-thiazolidine-4-carboxamide 'C35 H41 N3 O6 S'
GOL non-polymer GLYCEROL 'C3 H8 O3'
#
# COMPACT_ATOMS: atom_id res chain seq x y z
N ALA A 9 -17.41 40.53 -16.36
CA ALA A 9 -16.70 40.56 -17.69
C ALA A 9 -15.66 39.45 -17.70
N GLY A 10 -14.43 39.72 -17.21
CA GLY A 10 -13.35 38.71 -17.11
C GLY A 10 -12.67 38.06 -18.34
N ASP A 11 -11.31 37.93 -18.27
CA ASP A 11 -10.46 37.08 -19.15
C ASP A 11 -9.67 35.99 -18.41
N SER A 12 -9.59 34.80 -18.99
CA SER A 12 -9.24 33.62 -18.19
C SER A 12 -8.17 32.74 -18.76
N VAL A 13 -7.02 32.61 -18.09
CA VAL A 13 -6.04 31.52 -18.37
C VAL A 13 -6.55 30.23 -17.78
N THR A 14 -6.72 29.23 -18.63
CA THR A 14 -7.14 27.98 -18.09
C THR A 14 -5.92 27.27 -17.52
N LEU A 15 -6.02 26.75 -16.31
CA LEU A 15 -4.90 26.15 -15.61
C LEU A 15 -4.97 24.62 -15.58
N ASN A 16 -3.88 23.98 -15.98
CA ASN A 16 -3.73 22.52 -15.87
C ASN A 16 -3.13 22.04 -14.55
N ASP A 17 -3.55 20.88 -14.09
CA ASP A 17 -3.33 20.50 -12.71
C ASP A 17 -2.61 19.17 -12.63
N VAL A 18 -1.43 19.18 -12.02
CA VAL A 18 -0.72 17.91 -11.90
C VAL A 18 -0.76 17.32 -10.47
N ALA A 19 -1.40 16.16 -10.34
CA ALA A 19 -1.47 15.45 -9.03
C ALA A 19 -2.02 16.34 -7.89
N ASN A 20 -3.01 17.17 -8.22
CA ASN A 20 -3.55 18.16 -7.26
C ASN A 20 -2.48 19.02 -6.55
N VAL A 21 -1.23 18.84 -7.00
CA VAL A 21 -0.05 19.33 -6.29
C VAL A 21 0.71 20.54 -6.88
N MET A 22 0.53 20.82 -8.17
CA MET A 22 0.69 22.19 -8.72
C MET A 22 -0.12 22.46 -10.00
N TYR A 23 -0.27 23.75 -10.30
CA TYR A 23 -1.17 24.16 -11.38
C TYR A 23 -0.38 25.02 -12.33
N TYR A 24 -0.53 24.82 -13.62
CA TYR A 24 0.13 25.72 -14.53
C TYR A 24 -0.70 26.20 -15.71
N GLY A 25 -0.42 27.38 -16.19
CA GLY A 25 -1.09 27.86 -17.39
C GLY A 25 -0.15 28.56 -18.38
N GLU A 26 -0.60 28.73 -19.61
CA GLU A 26 0.19 29.42 -20.60
C GLU A 26 0.12 30.92 -20.58
N ALA A 27 1.17 31.55 -21.09
CA ALA A 27 1.17 32.98 -21.32
C ALA A 27 2.27 33.26 -22.28
N GLN A 28 2.23 34.48 -22.79
CA GLN A 28 3.13 34.89 -23.83
C GLN A 28 4.03 36.04 -23.47
N ILE A 29 5.19 36.09 -24.11
CA ILE A 29 6.21 37.10 -23.77
C ILE A 29 6.80 37.54 -25.10
N GLY A 30 7.12 38.81 -25.24
CA GLY A 30 7.73 39.30 -26.49
C GLY A 30 6.61 39.62 -27.43
N ASP A 31 6.90 40.42 -28.46
CA ASP A 31 5.92 40.78 -29.52
C ASP A 31 5.92 39.79 -30.68
N ASN A 32 6.71 38.70 -30.54
CA ASN A 32 6.69 37.53 -31.43
C ASN A 32 5.98 36.39 -30.69
N LYS A 33 5.54 36.74 -29.50
CA LYS A 33 4.66 35.92 -28.69
C LYS A 33 5.20 34.53 -28.51
N GLN A 34 6.27 34.45 -27.72
CA GLN A 34 6.94 33.20 -27.34
C GLN A 34 6.17 32.67 -26.17
N LYS A 35 5.90 31.38 -26.18
CA LYS A 35 4.97 30.78 -25.19
C LYS A 35 5.67 30.08 -24.02
N PHE A 36 5.00 30.05 -22.88
CA PHE A 36 5.57 29.49 -21.68
C PHE A 36 4.46 29.10 -20.73
N ALA A 37 4.71 28.07 -19.95
CA ALA A 37 3.86 27.66 -18.82
C ALA A 37 4.38 28.22 -17.48
N PHE A 38 3.45 28.72 -16.68
CA PHE A 38 3.82 29.40 -15.43
C PHE A 38 2.97 28.93 -14.26
N ILE A 39 3.55 28.93 -13.07
CA ILE A 39 2.77 28.74 -11.88
C ILE A 39 2.30 30.13 -11.50
N PHE A 40 1.00 30.29 -11.32
CA PHE A 40 0.47 31.57 -10.88
C PHE A 40 0.33 31.55 -9.35
N ASP A 41 1.24 32.30 -8.71
CA ASP A 41 1.54 32.23 -7.30
C ASP A 41 1.08 33.46 -6.58
N THR A 42 0.05 33.40 -5.75
CA THR A 42 -0.45 34.63 -5.14
C THR A 42 0.37 34.91 -3.91
N GLY A 43 1.48 34.19 -3.79
CA GLY A 43 2.33 34.32 -2.62
C GLY A 43 3.75 34.67 -3.00
N SER A 44 3.93 35.28 -4.16
CA SER A 44 5.18 35.94 -4.47
C SER A 44 4.87 36.95 -5.51
N ALA A 45 5.79 37.87 -5.78
CA ALA A 45 5.43 39.00 -6.66
C ALA A 45 6.42 39.36 -7.76
N ASN A 46 6.97 38.35 -8.45
CA ASN A 46 7.81 38.63 -9.58
C ASN A 46 7.48 37.64 -10.66
N LEU A 47 7.68 38.03 -11.91
CA LEU A 47 7.58 37.14 -13.06
C LEU A 47 8.98 36.79 -13.55
N TRP A 48 9.21 35.53 -13.92
CA TRP A 48 10.42 35.12 -14.60
C TRP A 48 10.28 34.00 -15.59
N VAL A 49 11.20 33.91 -16.55
CA VAL A 49 11.27 32.80 -17.50
C VAL A 49 12.68 32.25 -17.63
N PRO A 50 12.82 31.02 -18.14
CA PRO A 50 14.21 30.64 -18.44
C PRO A 50 14.77 31.51 -19.57
N SER A 51 16.05 31.84 -19.53
CA SER A 51 16.61 32.73 -20.53
C SER A 51 17.16 31.86 -21.56
N ALA A 52 17.03 32.29 -22.80
CA ALA A 52 17.80 31.71 -23.92
C ALA A 52 19.24 31.54 -23.49
N GLN A 53 19.56 32.28 -22.44
CA GLN A 53 20.90 32.50 -21.89
C GLN A 53 21.26 31.45 -20.85
N CYS A 54 20.30 30.62 -20.48
CA CYS A 54 20.49 29.79 -19.34
C CYS A 54 21.22 28.51 -19.69
N ASN A 55 22.27 28.14 -18.96
CA ASN A 55 22.99 26.91 -19.29
C ASN A 55 23.07 25.87 -18.17
N THR A 56 22.20 25.99 -17.16
CA THR A 56 22.13 25.04 -16.05
C THR A 56 21.26 23.89 -16.46
N ILE A 57 21.49 22.72 -15.86
CA ILE A 57 20.69 21.51 -16.13
C ILE A 57 19.18 21.73 -16.19
N GLY A 58 18.65 22.46 -15.22
CA GLY A 58 17.23 22.54 -15.05
C GLY A 58 16.52 23.25 -16.15
N CYS A 59 17.26 24.09 -16.89
CA CYS A 59 16.75 24.80 -18.06
C CYS A 59 16.51 23.93 -19.24
N LYS A 60 17.25 22.85 -19.30
CA LYS A 60 17.50 22.25 -20.59
C LYS A 60 16.31 21.65 -21.25
N THR A 61 15.24 21.44 -20.52
CA THR A 61 14.09 20.92 -21.20
C THR A 61 13.07 22.02 -21.40
N LYS A 62 13.31 23.20 -20.84
CA LYS A 62 12.25 24.25 -20.80
C LYS A 62 12.30 25.11 -22.05
N ASN A 63 11.26 25.92 -22.23
CA ASN A 63 11.13 26.91 -23.29
C ASN A 63 11.87 28.17 -22.88
N LEU A 64 12.97 28.46 -23.57
CA LEU A 64 13.84 29.57 -23.17
C LEU A 64 13.56 30.84 -23.96
N TYR A 65 13.39 31.93 -23.24
CA TYR A 65 13.02 33.21 -23.82
C TYR A 65 14.20 33.83 -24.51
N ASP A 66 14.01 34.19 -25.79
CA ASP A 66 15.06 34.80 -26.62
C ASP A 66 14.81 36.30 -26.75
N SER A 67 15.56 37.08 -25.99
CA SER A 67 15.34 38.51 -25.87
C SER A 67 15.51 39.12 -27.22
N ASN A 68 16.19 38.36 -28.05
CA ASN A 68 16.58 38.78 -29.35
C ASN A 68 15.47 38.80 -30.37
N LYS A 69 14.73 37.70 -30.53
CA LYS A 69 13.77 37.69 -31.60
C LYS A 69 12.44 38.31 -31.23
N SER A 70 12.34 38.93 -30.04
CA SER A 70 11.30 39.94 -29.74
C SER A 70 11.80 41.33 -30.09
N LYS A 71 11.02 42.04 -30.88
CA LYS A 71 11.47 43.30 -31.40
C LYS A 71 11.03 44.38 -30.45
N THR A 72 10.40 43.99 -29.35
CA THR A 72 9.89 44.96 -28.39
C THR A 72 10.59 44.84 -27.03
N TYR A 73 11.58 43.96 -26.95
CA TYR A 73 12.37 43.84 -25.75
C TYR A 73 13.29 45.06 -25.58
N GLU A 74 13.41 45.51 -24.32
CA GLU A 74 14.34 46.56 -23.92
C GLU A 74 15.23 46.01 -22.81
N LYS A 75 16.53 46.29 -22.89
CA LYS A 75 17.46 45.69 -21.96
C LYS A 75 17.35 46.35 -20.61
N ASP A 76 17.71 45.63 -19.55
CA ASP A 76 17.90 46.20 -18.19
C ASP A 76 19.22 45.65 -17.67
N GLY A 77 19.20 44.36 -17.33
CA GLY A 77 20.44 43.62 -17.06
C GLY A 77 20.95 43.57 -15.65
N THR A 78 20.27 44.27 -14.75
CA THR A 78 20.64 44.29 -13.33
C THR A 78 20.38 42.89 -12.82
N LYS A 79 21.31 42.31 -12.09
CA LYS A 79 21.21 40.91 -11.77
C LYS A 79 20.42 40.64 -10.49
N VAL A 80 19.70 39.51 -10.41
CA VAL A 80 18.87 39.18 -9.25
C VAL A 80 18.81 37.72 -8.81
N GLU A 81 18.98 37.53 -7.49
CA GLU A 81 18.61 36.32 -6.77
C GLU A 81 17.14 36.56 -6.59
N MET A 82 16.38 35.48 -6.45
CA MET A 82 14.96 35.48 -6.13
C MET A 82 14.83 34.28 -5.16
N ASN A 83 14.68 34.54 -3.86
CA ASN A 83 14.78 33.44 -2.92
C ASN A 83 13.49 32.98 -2.27
N TYR A 84 12.83 32.08 -2.94
CA TYR A 84 11.73 31.40 -2.34
C TYR A 84 12.27 30.56 -1.18
N VAL A 85 11.36 30.04 -0.37
CA VAL A 85 11.71 29.07 0.63
C VAL A 85 11.86 27.68 -0.04
N SER A 86 11.24 27.50 -1.20
CA SER A 86 11.44 26.29 -2.01
C SER A 86 12.79 26.24 -2.72
N GLY A 87 13.53 27.35 -2.78
CA GLY A 87 14.77 27.41 -3.54
C GLY A 87 15.11 28.77 -4.08
N THR A 88 16.17 28.84 -4.90
CA THR A 88 16.67 30.09 -5.43
C THR A 88 16.72 30.08 -6.96
N VAL A 89 16.19 31.13 -7.58
CA VAL A 89 16.62 31.41 -8.95
C VAL A 89 17.43 32.72 -9.12
N SER A 90 18.16 32.79 -10.23
CA SER A 90 19.09 33.83 -10.50
C SER A 90 19.11 34.18 -11.97
N GLY A 91 19.21 35.48 -12.24
CA GLY A 91 19.34 35.96 -13.61
C GLY A 91 19.40 37.46 -13.56
N PHE A 92 18.97 38.11 -14.62
CA PHE A 92 18.91 39.57 -14.68
C PHE A 92 17.55 40.06 -15.16
N PHE A 93 17.24 41.31 -14.86
CA PHE A 93 16.00 41.89 -15.28
C PHE A 93 15.96 42.26 -16.79
N SER A 94 14.88 41.89 -17.47
CA SER A 94 14.56 42.52 -18.78
C SER A 94 13.18 43.12 -18.81
N LYS A 95 12.98 44.07 -19.71
CA LYS A 95 11.67 44.62 -20.05
C LYS A 95 11.13 44.11 -21.39
N ASP A 96 9.90 43.62 -21.39
CA ASP A 96 9.29 43.23 -22.64
C ASP A 96 7.80 43.28 -22.47
N ILE A 97 7.02 42.95 -23.48
CA ILE A 97 5.57 43.05 -23.34
C ILE A 97 4.98 41.66 -23.21
N VAL A 98 4.46 41.41 -22.02
CA VAL A 98 3.97 40.13 -21.61
C VAL A 98 2.50 40.16 -21.91
N THR A 99 1.97 39.10 -22.50
CA THR A 99 0.51 38.89 -22.68
C THR A 99 0.02 37.72 -21.79
N ILE A 100 -0.92 37.97 -20.91
CA ILE A 100 -1.61 36.92 -20.11
C ILE A 100 -3.06 37.01 -20.47
N ALA A 101 -3.78 35.87 -20.46
CA ALA A 101 -5.12 35.78 -21.10
C ALA A 101 -4.76 36.12 -22.55
N ASN A 102 -5.44 37.09 -23.13
CA ASN A 102 -4.84 37.62 -24.28
C ASN A 102 -4.84 39.10 -24.01
N LEU A 103 -4.63 39.48 -22.76
CA LEU A 103 -4.36 40.88 -22.42
C LEU A 103 -2.88 41.24 -22.56
N SER A 104 -2.54 42.32 -23.27
CA SER A 104 -1.12 42.69 -23.58
C SER A 104 -0.69 43.89 -22.87
N PHE A 105 0.52 43.84 -22.31
CA PHE A 105 1.04 44.90 -21.40
C PHE A 105 2.55 44.83 -21.17
N PRO A 106 3.21 46.00 -21.04
CA PRO A 106 4.66 46.00 -20.82
C PRO A 106 5.03 45.55 -19.42
N TYR A 107 6.20 44.91 -19.26
CA TYR A 107 6.61 44.46 -17.95
C TYR A 107 8.15 44.40 -17.77
N LYS A 108 8.54 44.50 -16.50
CA LYS A 108 9.86 44.11 -16.02
C LYS A 108 9.79 42.70 -15.48
N PHE A 109 10.56 41.78 -16.05
CA PHE A 109 10.67 40.36 -15.56
C PHE A 109 12.10 39.85 -15.37
N ILE A 110 12.26 38.58 -15.04
CA ILE A 110 13.58 38.03 -14.85
C ILE A 110 13.93 36.99 -15.91
N GLU A 111 15.02 37.20 -16.61
CA GLU A 111 15.59 36.20 -17.48
C GLU A 111 16.41 35.35 -16.54
N VAL A 112 16.00 34.11 -16.33
CA VAL A 112 16.67 33.34 -15.32
C VAL A 112 17.75 32.62 -16.04
N THR A 113 18.98 32.68 -15.50
CA THR A 113 20.14 31.99 -16.10
C THR A 113 20.76 30.94 -15.21
N ASP A 114 20.57 31.05 -13.91
CA ASP A 114 21.03 30.01 -13.01
C ASP A 114 19.84 29.43 -12.29
N THR A 115 19.65 28.11 -12.39
CA THR A 115 18.56 27.42 -11.69
C THR A 115 19.03 26.30 -10.74
N ASN A 116 20.30 26.00 -10.71
CA ASN A 116 20.72 24.86 -9.95
C ASN A 116 20.26 25.02 -8.51
N GLY A 117 19.93 26.25 -8.14
CA GLY A 117 19.42 26.49 -6.78
C GLY A 117 17.96 26.13 -6.49
N PHE A 118 17.25 25.53 -7.45
CA PHE A 118 15.75 25.37 -7.45
C PHE A 118 15.33 23.98 -7.96
N GLU A 119 16.31 23.32 -8.56
CA GLU A 119 16.20 21.92 -9.04
C GLU A 119 16.44 20.97 -7.83
N PRO A 120 16.01 19.66 -7.90
CA PRO A 120 14.99 19.08 -8.84
C PRO A 120 13.54 19.70 -8.86
N ALA A 121 13.22 20.67 -7.97
CA ALA A 121 11.87 21.27 -7.96
C ALA A 121 11.58 21.83 -9.35
N TYR A 122 12.66 22.07 -10.04
CA TYR A 122 12.56 22.60 -11.37
C TYR A 122 12.91 21.60 -12.50
N THR A 123 13.90 20.73 -12.28
CA THR A 123 14.19 19.61 -13.18
C THR A 123 12.97 18.68 -13.35
N LEU A 124 12.22 18.46 -12.24
CA LEU A 124 10.95 17.71 -12.25
C LEU A 124 9.71 18.62 -12.04
N GLY A 125 9.38 19.39 -13.07
CA GLY A 125 8.18 20.20 -13.17
C GLY A 125 7.89 20.28 -14.67
N GLN A 126 6.73 20.83 -15.00
CA GLN A 126 6.37 21.00 -16.41
C GLN A 126 5.76 22.39 -16.59
N PHE A 127 6.63 23.35 -16.33
CA PHE A 127 6.33 24.74 -16.25
C PHE A 127 7.67 25.39 -16.51
N ASP A 128 7.63 26.49 -17.20
CA ASP A 128 8.84 27.15 -17.54
C ASP A 128 9.22 28.15 -16.46
N GLY A 129 8.31 29.08 -16.17
CA GLY A 129 8.51 30.03 -15.08
C GLY A 129 7.35 30.22 -14.11
N ILE A 130 7.41 31.33 -13.38
CA ILE A 130 6.41 31.65 -12.40
C ILE A 130 5.85 33.00 -12.71
N VAL A 131 4.60 33.21 -12.35
CA VAL A 131 4.01 34.52 -12.43
C VAL A 131 3.63 34.99 -10.99
N GLY A 132 4.23 36.07 -10.51
CA GLY A 132 3.94 36.48 -9.15
C GLY A 132 2.61 37.19 -9.19
N LEU A 133 1.69 36.84 -8.27
CA LEU A 133 0.39 37.51 -8.19
C LEU A 133 0.05 38.17 -6.86
N GLY A 134 1.09 38.57 -6.13
CA GLY A 134 0.91 39.24 -4.88
C GLY A 134 1.02 40.73 -5.06
N TRP A 135 1.46 41.38 -3.99
CA TRP A 135 1.36 42.82 -3.85
C TRP A 135 2.70 43.36 -4.04
N LYS A 136 2.72 44.63 -4.42
CA LYS A 136 3.92 45.35 -4.83
C LYS A 136 5.14 45.12 -3.94
N ASP A 137 4.92 45.03 -2.66
CA ASP A 137 6.01 45.15 -1.71
C ASP A 137 6.56 43.83 -1.34
N LEU A 138 6.12 42.84 -2.09
CA LEU A 138 6.62 41.52 -1.89
C LEU A 138 7.53 41.32 -3.10
N SER A 139 7.59 42.33 -3.96
CA SER A 139 8.33 42.20 -5.23
C SER A 139 9.77 42.61 -5.05
N ILE A 140 10.65 41.90 -5.73
CA ILE A 140 12.05 42.25 -5.76
C ILE A 140 12.14 43.28 -6.87
N GLY A 141 12.32 44.55 -6.52
CA GLY A 141 12.38 45.63 -7.51
C GLY A 141 11.16 46.51 -7.55
N SER A 142 10.40 46.55 -6.46
CA SER A 142 9.18 47.38 -6.39
C SER A 142 8.36 47.46 -7.73
N VAL A 143 8.09 46.30 -8.33
CA VAL A 143 7.41 46.18 -9.64
C VAL A 143 5.96 46.06 -9.39
N ASP A 144 5.14 46.86 -10.05
CA ASP A 144 3.69 46.76 -9.92
C ASP A 144 3.17 45.38 -10.24
N PRO A 145 2.19 44.90 -9.47
CA PRO A 145 1.56 43.62 -9.80
C PRO A 145 0.95 43.56 -11.22
N VAL A 146 1.18 42.47 -11.95
CA VAL A 146 0.62 42.43 -13.33
C VAL A 146 -0.83 42.96 -13.48
N VAL A 147 -1.73 42.55 -12.58
CA VAL A 147 -3.18 42.86 -12.70
C VAL A 147 -3.45 44.34 -12.51
N VAL A 148 -2.72 44.91 -11.54
CA VAL A 148 -2.58 46.36 -11.36
C VAL A 148 -2.07 47.07 -12.61
N GLU A 149 -1.03 46.50 -13.26
CA GLU A 149 -0.41 47.10 -14.44
C GLU A 149 -1.45 47.23 -15.51
N LEU A 150 -2.15 46.11 -15.72
CA LEU A 150 -3.26 46.02 -16.66
C LEU A 150 -4.38 47.00 -16.47
N LYS A 151 -4.77 47.26 -15.23
CA LYS A 151 -5.68 48.37 -14.99
C LYS A 151 -5.06 49.69 -15.41
N ASN A 152 -3.82 49.94 -15.00
CA ASN A 152 -3.14 51.20 -15.29
C ASN A 152 -3.04 51.57 -16.72
N GLN A 153 -3.53 50.72 -17.57
CA GLN A 153 -3.63 51.10 -18.92
C GLN A 153 -4.85 50.50 -19.56
N ASN A 154 -6.00 50.80 -18.99
CA ASN A 154 -7.28 50.56 -19.65
C ASN A 154 -7.39 49.22 -20.35
N LYS A 155 -6.84 48.18 -19.78
CA LYS A 155 -6.97 46.91 -20.43
C LYS A 155 -8.07 46.21 -19.67
N ILE A 156 -8.26 46.61 -18.42
CA ILE A 156 -9.27 45.99 -17.58
C ILE A 156 -10.13 46.96 -16.81
N GLU A 157 -11.39 46.51 -16.71
CA GLU A 157 -12.51 47.12 -16.01
C GLU A 157 -12.03 47.48 -14.61
N GLN A 158 -11.66 46.48 -13.81
CA GLN A 158 -11.36 46.63 -12.39
C GLN A 158 -10.18 45.74 -12.13
N ALA A 159 -9.26 46.21 -11.28
CA ALA A 159 -8.02 45.49 -10.96
C ALA A 159 -8.27 44.36 -9.98
N VAL A 160 -9.02 43.37 -10.42
CA VAL A 160 -9.31 42.20 -9.60
C VAL A 160 -9.08 40.87 -10.38
N PHE A 161 -8.69 39.82 -9.66
CA PHE A 161 -8.52 38.51 -10.24
C PHE A 161 -9.09 37.38 -9.41
N THR A 162 -9.31 36.23 -10.04
CA THR A 162 -9.93 35.12 -9.39
C THR A 162 -9.25 33.80 -9.66
N PHE A 163 -9.30 32.93 -8.66
CA PHE A 163 -8.81 31.58 -8.80
C PHE A 163 -9.89 30.60 -8.59
N TYR A 164 -10.20 29.87 -9.67
CA TYR A 164 -11.01 28.70 -9.61
C TYR A 164 -10.14 27.46 -9.81
N LEU A 165 -9.95 26.67 -8.75
CA LEU A 165 -9.27 25.40 -8.82
C LEU A 165 -10.31 24.27 -8.79
N PRO A 166 -10.09 23.27 -9.66
CA PRO A 166 -11.02 22.17 -9.85
C PRO A 166 -10.85 21.12 -8.73
N PHE A 167 -11.94 20.38 -8.42
CA PHE A 167 -11.83 19.07 -7.75
C PHE A 167 -11.38 17.86 -8.63
N ASP A 168 -10.71 16.95 -7.94
CA ASP A 168 -9.71 15.99 -8.48
C ASP A 168 -8.75 16.53 -9.57
N ASP A 169 -8.11 15.66 -10.33
CA ASP A 169 -7.11 16.23 -11.17
C ASP A 169 -7.68 16.74 -12.50
N LYS A 170 -8.53 15.96 -13.18
CA LYS A 170 -9.04 16.39 -14.48
C LYS A 170 -10.49 16.79 -14.43
N HIS A 171 -10.81 17.70 -15.35
CA HIS A 171 -11.49 18.98 -15.06
C HIS A 171 -10.41 20.02 -14.77
N LYS A 172 -10.65 21.23 -15.26
CA LYS A 172 -9.59 22.20 -15.55
C LYS A 172 -9.70 23.41 -14.65
N GLY A 173 -8.59 23.97 -14.20
CA GLY A 173 -8.70 25.15 -13.30
C GLY A 173 -8.69 26.40 -14.14
N TYR A 174 -9.08 27.57 -13.58
CA TYR A 174 -8.87 28.89 -14.25
C TYR A 174 -8.49 30.12 -13.36
N LEU A 175 -7.52 30.90 -13.84
CA LEU A 175 -7.34 32.21 -13.32
C LEU A 175 -8.13 33.14 -14.21
N THR A 176 -8.88 34.05 -13.61
CA THR A 176 -9.65 35.05 -14.36
C THR A 176 -9.24 36.45 -13.94
N ILE A 177 -8.81 37.26 -14.90
CA ILE A 177 -8.39 38.63 -14.63
C ILE A 177 -9.49 39.66 -14.86
N GLY A 178 -9.56 40.67 -13.98
CA GLY A 178 -10.38 41.89 -14.16
C GLY A 178 -11.87 41.74 -14.34
N GLY A 179 -12.44 40.66 -13.79
CA GLY A 179 -13.87 40.37 -13.77
C GLY A 179 -14.28 39.19 -12.87
N ILE A 180 -15.38 39.34 -12.14
CA ILE A 180 -15.82 38.28 -11.23
C ILE A 180 -16.93 37.43 -11.89
N GLU A 181 -16.55 36.29 -12.45
CA GLU A 181 -17.52 35.55 -13.26
C GLU A 181 -18.42 34.58 -12.47
N ASP A 182 -19.73 34.72 -12.63
CA ASP A 182 -20.67 33.88 -11.89
C ASP A 182 -20.63 32.41 -12.22
N ARG A 183 -20.13 32.05 -13.40
CA ARG A 183 -19.96 30.63 -13.72
C ARG A 183 -19.22 29.83 -12.61
N PHE A 184 -18.26 30.45 -11.87
CA PHE A 184 -17.38 29.73 -10.91
C PHE A 184 -17.91 29.41 -9.50
N TYR A 185 -18.86 30.16 -8.98
CA TYR A 185 -19.20 29.97 -7.59
C TYR A 185 -20.68 29.85 -7.39
N GLU A 186 -21.11 29.60 -6.15
CA GLU A 186 -22.51 29.71 -5.72
C GLU A 186 -22.60 30.31 -4.34
N GLY A 187 -23.78 30.77 -4.00
CA GLY A 187 -23.90 31.63 -2.84
C GLY A 187 -23.37 33.00 -3.19
N GLN A 188 -23.05 33.75 -2.15
CA GLN A 188 -22.54 35.10 -2.29
C GLN A 188 -21.11 35.16 -1.77
N LEU A 189 -20.43 36.26 -2.06
CA LEU A 189 -19.06 36.46 -1.62
C LEU A 189 -19.07 36.96 -0.22
N THR A 190 -18.12 36.48 0.56
CA THR A 190 -17.86 37.13 1.80
C THR A 190 -16.44 37.57 1.78
N TYR A 191 -16.20 38.84 2.08
CA TYR A 191 -14.90 39.50 1.91
C TYR A 191 -14.15 39.70 3.21
N GLU A 192 -12.84 39.78 3.10
CA GLU A 192 -12.01 40.06 4.25
C GLU A 192 -10.94 41.10 3.86
N LYS A 193 -10.88 42.21 4.59
CA LYS A 193 -9.88 43.24 4.42
C LYS A 193 -8.51 42.71 4.82
N LEU A 194 -7.47 43.01 4.02
CA LEU A 194 -6.09 42.56 4.30
C LEU A 194 -5.41 43.24 5.47
N ASN A 195 -4.50 42.56 6.13
CA ASN A 195 -3.82 43.22 7.18
C ASN A 195 -2.46 43.86 6.95
N HIS A 196 -1.88 43.64 5.77
CA HIS A 196 -0.78 44.43 5.18
C HIS A 196 -1.05 44.13 3.69
N ASP A 197 -0.71 45.00 2.76
CA ASP A 197 -0.75 44.62 1.39
C ASP A 197 0.63 44.08 1.07
N LEU A 198 0.83 42.81 1.40
CA LEU A 198 2.09 42.16 1.13
C LEU A 198 1.83 40.87 0.40
N TYR A 199 1.35 39.89 1.17
CA TYR A 199 0.70 38.69 0.69
C TYR A 199 -0.79 39.01 0.66
N TRP A 200 -1.61 38.08 0.20
CA TRP A 200 -3.03 38.22 0.40
C TRP A 200 -3.24 37.60 1.78
N GLN A 201 -2.81 38.38 2.75
CA GLN A 201 -2.96 38.06 4.16
C GLN A 201 -4.20 38.76 4.74
N VAL A 202 -5.10 37.94 5.25
CA VAL A 202 -6.22 38.45 5.94
C VAL A 202 -6.06 38.02 7.42
N ASP A 203 -7.11 38.14 8.21
CA ASP A 203 -6.94 38.18 9.62
C ASP A 203 -8.01 37.34 10.28
N LEU A 204 -7.59 36.28 10.97
CA LEU A 204 -8.49 35.18 11.36
C LEU A 204 -8.26 34.49 12.69
N ASP A 205 -9.33 34.26 13.45
CA ASP A 205 -9.30 33.40 14.61
C ASP A 205 -9.59 32.02 14.06
N LEU A 206 -8.58 31.16 14.05
CA LEU A 206 -8.71 29.80 13.49
C LEU A 206 -9.12 28.82 14.55
N HIS A 207 -9.92 27.83 14.16
CA HIS A 207 -10.37 26.85 15.11
C HIS A 207 -10.25 25.47 14.47
N PHE A 208 -9.31 24.68 14.94
CA PHE A 208 -9.12 23.31 14.47
C PHE A 208 -9.50 22.36 15.60
N GLY A 209 -10.68 21.76 15.45
CA GLY A 209 -11.25 20.85 16.43
C GLY A 209 -11.10 21.29 17.86
N ASN A 210 -9.92 21.00 18.42
CA ASN A 210 -9.60 21.19 19.85
C ASN A 210 -8.77 22.44 20.23
N LEU A 211 -7.82 22.83 19.37
CA LEU A 211 -6.98 24.02 19.58
C LEU A 211 -7.43 25.19 18.77
N THR A 212 -7.50 26.37 19.37
CA THR A 212 -7.71 27.58 18.61
C THR A 212 -6.53 28.51 18.81
N VAL A 213 -6.38 29.50 17.92
CA VAL A 213 -5.33 30.51 17.98
C VAL A 213 -5.94 31.89 17.72
N GLU A 214 -5.69 32.85 18.61
CA GLU A 214 -6.41 34.08 18.48
C GLU A 214 -5.82 34.96 17.42
N LYS A 215 -6.70 35.52 16.59
CA LYS A 215 -6.36 36.44 15.49
C LYS A 215 -5.02 36.06 14.81
N ALA A 216 -5.09 35.04 13.96
CA ALA A 216 -3.98 34.66 13.11
C ALA A 216 -4.07 35.39 11.78
N THR A 217 -2.91 35.62 11.19
CA THR A 217 -2.90 36.05 9.81
C THR A 217 -2.93 34.75 9.00
N ALA A 218 -3.84 34.71 8.05
CA ALA A 218 -3.90 33.64 7.08
C ALA A 218 -3.44 34.13 5.66
N ILE A 219 -2.54 33.39 5.01
CA ILE A 219 -2.07 33.78 3.66
C ILE A 219 -2.80 32.97 2.64
N VAL A 220 -3.46 33.62 1.72
CA VAL A 220 -4.12 32.90 0.64
C VAL A 220 -3.16 32.72 -0.52
N ASP A 221 -2.74 31.48 -0.74
CA ASP A 221 -1.62 31.23 -1.60
C ASP A 221 -1.78 30.15 -2.67
N SER A 222 -2.16 30.56 -3.88
CA SER A 222 -2.34 29.66 -5.00
C SER A 222 -1.15 28.79 -5.27
N GLY A 223 0.02 29.21 -4.85
CA GLY A 223 1.21 28.50 -5.23
C GLY A 223 1.49 27.26 -4.44
N THR A 224 0.98 27.18 -3.21
CA THR A 224 1.33 26.13 -2.23
C THR A 224 0.40 25.00 -2.39
N SER A 225 0.91 23.77 -2.35
CA SER A 225 0.05 22.61 -2.59
C SER A 225 -0.81 22.23 -1.41
N SER A 226 -0.50 22.79 -0.23
CA SER A 226 -0.90 22.24 1.03
C SER A 226 -1.47 23.30 1.97
N ILE A 227 -1.89 22.96 3.18
CA ILE A 227 -2.22 23.95 4.21
C ILE A 227 -1.01 23.92 5.10
N THR A 228 -0.58 25.07 5.60
CA THR A 228 0.53 25.10 6.56
C THR A 228 0.15 25.75 7.88
N ALA A 229 0.85 25.35 8.96
CA ALA A 229 0.61 25.84 10.35
C ALA A 229 1.95 25.95 11.08
N PRO A 230 2.05 26.82 12.11
CA PRO A 230 3.35 26.92 12.77
C PRO A 230 3.63 25.62 13.48
N THR A 231 4.90 25.28 13.67
CA THR A 231 5.17 23.92 14.07
C THR A 231 4.65 23.53 15.43
N GLU A 232 4.75 24.44 16.43
CA GLU A 232 4.19 24.10 17.76
C GLU A 232 2.71 23.72 17.60
N PHE A 233 2.01 24.56 16.84
CA PHE A 233 0.57 24.39 16.67
C PHE A 233 0.18 23.01 16.09
N LEU A 234 1.07 22.46 15.27
CA LEU A 234 0.75 21.22 14.60
C LEU A 234 0.98 20.04 15.54
N ASN A 235 2.18 19.94 16.08
CA ASN A 235 2.40 18.90 17.03
C ASN A 235 1.25 18.88 18.03
N LYS A 236 0.94 20.03 18.61
CA LYS A 236 -0.22 20.19 19.47
C LYS A 236 -1.49 19.65 18.81
N PHE A 237 -1.62 19.78 17.50
CA PHE A 237 -2.82 19.31 16.79
C PHE A 237 -2.92 17.81 16.70
N PHE A 238 -2.03 17.20 15.92
CA PHE A 238 -2.15 15.80 15.49
C PHE A 238 -2.21 14.74 16.61
N GLU A 239 -1.87 15.15 17.84
CA GLU A 239 -1.77 14.21 18.95
C GLU A 239 -3.12 13.64 19.27
N GLY A 240 -3.15 12.32 19.40
CA GLY A 240 -4.37 11.62 19.79
C GLY A 240 -5.34 11.33 18.67
N LEU A 241 -5.17 11.96 17.52
CA LEU A 241 -5.92 11.56 16.33
C LEU A 241 -5.24 10.55 15.38
N ASP A 242 -4.50 9.60 15.97
CA ASP A 242 -3.88 8.50 15.20
C ASP A 242 -3.47 8.87 13.76
N VAL A 243 -2.62 9.88 13.71
CA VAL A 243 -2.04 10.31 12.48
C VAL A 243 -0.57 10.01 12.67
N VAL A 244 -0.02 9.15 11.80
CA VAL A 244 1.39 8.80 11.91
C VAL A 244 2.17 9.66 10.97
N LYS A 245 3.31 10.16 11.44
CA LYS A 245 4.17 11.02 10.65
C LYS A 245 5.32 10.22 10.12
N ILE A 246 5.44 10.08 8.81
CA ILE A 246 6.57 9.34 8.26
C ILE A 246 7.93 9.99 8.70
N PRO A 247 8.89 9.16 9.23
CA PRO A 247 10.04 9.75 9.94
C PRO A 247 10.96 10.53 9.06
N PHE A 248 11.30 11.72 9.54
CA PHE A 248 12.26 12.57 8.88
C PHE A 248 11.69 13.26 7.66
N LEU A 249 10.36 13.35 7.55
CA LEU A 249 9.77 14.10 6.43
C LEU A 249 8.45 14.75 6.84
N PRO A 250 8.12 15.91 6.24
CA PRO A 250 6.84 16.64 6.38
C PRO A 250 5.66 15.85 5.78
N LEU A 251 5.42 14.65 6.32
CA LEU A 251 4.50 13.71 5.74
C LEU A 251 3.65 12.97 6.73
N TYR A 252 2.36 13.17 6.61
CA TYR A 252 1.38 12.71 7.59
C TYR A 252 0.28 11.80 7.03
N ILE A 253 0.24 10.59 7.57
CA ILE A 253 -0.56 9.57 6.98
C ILE A 253 -1.64 9.20 7.97
N THR A 254 -2.82 8.83 7.46
CA THR A 254 -3.94 8.43 8.32
C THR A 254 -4.99 7.59 7.56
N THR A 255 -5.99 7.09 8.25
CA THR A 255 -6.97 6.26 7.56
C THR A 255 -8.00 7.25 7.06
N CYS A 256 -8.50 7.08 5.85
CA CYS A 256 -9.31 8.11 5.24
C CYS A 256 -10.55 8.52 6.02
N ASN A 257 -11.16 7.56 6.67
CA ASN A 257 -12.32 7.85 7.43
C ASN A 257 -11.99 7.92 8.93
N ASN A 258 -10.75 8.24 9.28
CA ASN A 258 -10.35 8.41 10.66
C ASN A 258 -11.34 9.40 11.23
N PRO A 259 -12.27 8.91 12.08
CA PRO A 259 -13.42 9.69 12.32
C PRO A 259 -13.11 10.62 13.44
N LYS A 260 -11.86 10.62 13.87
CA LYS A 260 -11.40 11.66 14.77
C LYS A 260 -11.03 12.92 14.03
N LEU A 261 -11.11 12.97 12.70
CA LEU A 261 -10.65 14.15 11.96
C LEU A 261 -11.55 15.40 12.04
N PRO A 262 -11.08 16.45 12.72
CA PRO A 262 -11.96 17.62 12.88
C PRO A 262 -12.20 18.38 11.58
N THR A 263 -13.42 18.86 11.35
CA THR A 263 -13.62 20.01 10.40
C THR A 263 -12.83 21.31 10.78
N LEU A 264 -11.98 21.82 9.91
CA LEU A 264 -11.24 23.05 10.22
C LEU A 264 -12.19 24.24 10.10
N GLU A 265 -12.01 25.24 10.98
CA GLU A 265 -12.92 26.37 11.10
C GLU A 265 -12.13 27.65 11.13
N PHE A 266 -12.36 28.47 10.13
CA PHE A 266 -11.72 29.74 10.03
C PHE A 266 -12.80 30.75 10.26
N ARG A 267 -12.63 31.59 11.27
CA ARG A 267 -13.72 32.45 11.76
C ARG A 267 -13.27 33.88 11.95
N SER A 268 -14.08 34.80 11.38
CA SER A 268 -13.80 36.24 11.38
C SER A 268 -15.04 36.98 11.88
N ALA A 269 -14.95 38.33 11.90
CA ALA A 269 -16.07 39.22 12.28
C ALA A 269 -17.32 39.01 11.40
N THR A 270 -17.23 39.32 10.11
CA THR A 270 -18.27 38.92 9.15
C THR A 270 -18.60 37.39 9.27
N ASN A 271 -17.58 36.53 9.16
CA ASN A 271 -17.83 35.19 8.65
C ASN A 271 -17.12 33.97 9.22
N VAL A 272 -17.61 32.82 8.76
CA VAL A 272 -17.13 31.53 9.19
C VAL A 272 -16.72 30.82 7.91
N TYR A 273 -15.56 30.19 7.97
CA TYR A 273 -15.07 29.46 6.82
C TYR A 273 -14.65 28.10 7.26
N THR A 274 -15.01 27.06 6.52
CA THR A 274 -14.77 25.70 7.00
C THR A 274 -14.10 24.73 6.02
N LEU A 275 -13.37 23.75 6.56
CA LEU A 275 -12.75 22.74 5.74
C LEU A 275 -12.90 21.37 6.31
N GLU A 276 -13.86 20.63 5.77
CA GLU A 276 -14.07 19.23 6.07
C GLU A 276 -12.85 18.42 5.68
N PRO A 277 -12.65 17.25 6.28
CA PRO A 277 -11.40 16.62 5.98
C PRO A 277 -11.41 16.03 4.58
N GLU A 278 -12.56 15.84 3.99
CA GLU A 278 -12.55 15.34 2.64
C GLU A 278 -11.78 16.29 1.73
N TYR A 279 -11.45 17.48 2.24
CA TYR A 279 -10.69 18.44 1.43
C TYR A 279 -9.20 18.48 1.67
N TYR A 280 -8.75 18.15 2.89
CA TYR A 280 -7.33 18.18 3.22
C TYR A 280 -6.72 16.77 3.29
N LEU A 281 -7.28 15.85 2.51
CA LEU A 281 -6.77 14.47 2.43
C LEU A 281 -6.48 14.01 0.98
N GLN A 282 -5.43 13.21 0.78
CA GLN A 282 -5.08 12.65 -0.49
C GLN A 282 -5.09 11.16 -0.21
N GLN A 283 -5.77 10.36 -1.02
CA GLN A 283 -5.66 8.89 -0.91
C GLN A 283 -4.22 8.41 -1.15
N ILE A 284 -3.97 7.10 -1.08
CA ILE A 284 -2.64 6.53 -1.22
C ILE A 284 -2.79 5.01 -1.29
N PHE A 285 -3.79 4.48 -0.58
CA PHE A 285 -4.02 3.06 -0.54
C PHE A 285 -5.50 2.83 -0.36
N ASP A 286 -6.10 2.10 -1.28
CA ASP A 286 -7.49 1.73 -1.17
C ASP A 286 -7.49 0.22 -1.41
N PHE A 287 -7.25 -0.50 -0.32
CA PHE A 287 -7.62 -1.89 -0.25
C PHE A 287 -8.31 -2.26 1.04
N GLY A 288 -9.60 -1.96 1.17
CA GLY A 288 -10.40 -2.42 2.31
C GLY A 288 -10.23 -1.45 3.44
N ILE A 289 -9.12 -1.57 4.17
CA ILE A 289 -8.60 -0.43 4.90
C ILE A 289 -8.16 0.56 3.83
N SER A 290 -8.14 1.84 4.19
CA SER A 290 -7.96 2.92 3.24
C SER A 290 -7.16 4.12 3.75
N LEU A 291 -6.07 4.40 3.06
CA LEU A 291 -5.07 5.33 3.56
C LEU A 291 -4.98 6.64 2.85
N CYS A 292 -4.65 7.64 3.63
CA CYS A 292 -4.83 9.02 3.29
C CYS A 292 -3.65 9.84 3.78
N MET A 293 -3.41 10.93 3.07
CA MET A 293 -2.30 11.77 3.38
C MET A 293 -2.93 13.00 3.92
N VAL A 294 -2.40 13.51 5.01
CA VAL A 294 -2.98 14.73 5.48
C VAL A 294 -2.13 15.92 5.04
N SER A 295 -2.83 16.81 4.35
CA SER A 295 -2.29 17.89 3.57
C SER A 295 -2.20 19.06 4.42
N ILE A 296 -1.49 18.92 5.53
CA ILE A 296 -1.18 20.04 6.44
C ILE A 296 0.20 19.75 6.90
N ILE A 297 1.06 20.77 6.91
CA ILE A 297 2.48 20.58 7.26
C ILE A 297 3.02 21.74 8.07
N PRO A 298 3.90 21.45 9.04
CA PRO A 298 4.52 22.44 9.90
C PRO A 298 5.34 23.48 9.12
N VAL A 299 5.08 24.76 9.33
CA VAL A 299 5.86 25.81 8.64
C VAL A 299 5.90 27.07 9.50
N ASP A 300 7.09 27.53 9.92
CA ASP A 300 7.17 28.69 10.83
C ASP A 300 7.44 30.03 10.17
N LEU A 301 6.54 30.96 10.43
CA LEU A 301 6.56 32.24 9.71
C LEU A 301 6.11 33.39 10.68
N ASN A 302 6.19 34.64 10.25
CA ASN A 302 6.31 35.71 11.27
C ASN A 302 5.42 35.66 12.54
N LYS A 303 4.12 35.93 12.36
CA LYS A 303 3.12 35.96 13.45
C LYS A 303 2.76 34.48 13.70
N ASN A 304 1.61 34.23 14.34
CA ASN A 304 0.90 32.98 14.10
C ASN A 304 0.50 33.14 12.68
N THR A 305 1.19 32.42 11.80
CA THR A 305 0.92 32.52 10.37
C THR A 305 0.74 31.17 9.70
N PHE A 306 -0.46 31.08 9.13
CA PHE A 306 -0.92 29.94 8.38
C PHE A 306 -1.10 30.32 6.92
N ILE A 307 -0.64 29.45 6.03
CA ILE A 307 -0.93 29.54 4.61
C ILE A 307 -2.04 28.59 4.31
N LEU A 308 -3.19 29.14 3.91
CA LEU A 308 -4.27 28.37 3.32
C LEU A 308 -3.85 28.24 1.90
N GLY A 309 -3.45 27.05 1.47
CA GLY A 309 -2.89 26.86 0.16
C GLY A 309 -3.91 26.15 -0.66
N ASP A 310 -3.49 25.17 -1.47
CA ASP A 310 -4.35 24.49 -2.49
C ASP A 310 -5.59 23.73 -2.01
N PRO A 311 -5.54 23.15 -0.80
CA PRO A 311 -6.71 22.43 -0.25
C PRO A 311 -7.91 23.30 -0.02
N PHE A 312 -7.73 24.35 0.76
CA PHE A 312 -8.71 25.43 0.92
C PHE A 312 -9.24 25.95 -0.41
N MET A 313 -8.35 26.30 -1.30
CA MET A 313 -8.78 26.92 -2.53
C MET A 313 -9.59 26.01 -3.40
N ARG A 314 -9.57 24.70 -3.13
CA ARG A 314 -10.47 23.76 -3.80
C ARG A 314 -11.91 23.88 -3.26
N LYS A 315 -12.11 24.04 -1.98
CA LYS A 315 -13.47 24.26 -1.55
C LYS A 315 -13.95 25.63 -1.96
N TYR A 316 -13.06 26.60 -1.87
CA TYR A 316 -13.45 27.99 -1.99
C TYR A 316 -12.95 28.74 -3.20
N PHE A 317 -13.86 29.19 -4.07
CA PHE A 317 -13.55 30.23 -5.07
C PHE A 317 -12.99 31.43 -4.35
N THR A 318 -12.07 32.14 -4.99
CA THR A 318 -11.38 33.26 -4.34
C THR A 318 -11.19 34.45 -5.24
N VAL A 319 -11.54 35.59 -4.70
CA VAL A 319 -11.45 36.85 -5.41
C VAL A 319 -10.42 37.71 -4.70
N PHE A 320 -9.41 38.14 -5.48
CA PHE A 320 -8.33 38.94 -5.00
C PHE A 320 -8.58 40.33 -5.52
N ASP A 321 -8.77 41.29 -4.60
CA ASP A 321 -9.16 42.64 -5.01
C ASP A 321 -8.23 43.75 -4.59
N TYR A 322 -7.37 44.16 -5.54
CA TYR A 322 -6.37 45.22 -5.32
C TYR A 322 -7.04 46.51 -4.97
N ASP A 323 -8.16 46.77 -5.65
CA ASP A 323 -8.89 48.00 -5.52
C ASP A 323 -9.42 48.14 -4.12
N ASN A 324 -9.64 47.04 -3.41
CA ASN A 324 -10.27 47.15 -2.09
C ASN A 324 -9.45 46.69 -0.93
N HIS A 325 -8.40 45.94 -1.28
CA HIS A 325 -7.52 45.35 -0.29
C HIS A 325 -8.17 44.15 0.38
N THR A 326 -8.92 43.41 -0.43
CA THR A 326 -9.75 42.35 0.07
C THR A 326 -9.56 41.03 -0.68
N VAL A 327 -9.85 39.92 0.04
CA VAL A 327 -10.03 38.62 -0.59
C VAL A 327 -11.44 38.16 -0.32
N GLY A 328 -12.17 37.78 -1.37
CA GLY A 328 -13.56 37.33 -1.17
C GLY A 328 -13.62 35.83 -1.37
N PHE A 329 -14.62 35.21 -0.75
CA PHE A 329 -14.78 33.77 -0.82
C PHE A 329 -16.22 33.40 -1.02
N ALA A 330 -16.40 32.42 -1.88
CA ALA A 330 -17.67 31.79 -2.14
C ALA A 330 -17.35 30.35 -2.36
N LEU A 331 -18.38 29.50 -2.28
CA LEU A 331 -18.23 28.06 -2.54
C LEU A 331 -17.96 27.87 -4.01
N ALA A 332 -16.91 27.13 -4.34
CA ALA A 332 -16.67 26.89 -5.75
C ALA A 332 -17.78 25.92 -6.20
N LYS A 333 -18.31 26.08 -7.43
CA LYS A 333 -19.21 25.05 -7.96
C LYS A 333 -18.44 23.76 -8.17
N LYS A 334 -19.11 22.63 -8.02
CA LYS A 334 -18.51 21.34 -8.41
C LYS A 334 -18.58 21.13 -9.93
N LYS A 335 -19.43 21.92 -10.60
CA LYS A 335 -19.56 21.83 -12.06
C LYS A 335 -19.90 23.09 -12.89
N ALA B 9 37.62 -9.53 23.28
CA ALA B 9 37.05 -9.21 24.64
C ALA B 9 35.67 -8.57 24.53
N GLY B 10 35.61 -7.22 24.51
CA GLY B 10 34.40 -6.45 24.19
C GLY B 10 33.32 -6.28 25.25
N ASP B 11 32.71 -5.07 25.31
CA ASP B 11 31.49 -4.71 26.13
C ASP B 11 30.36 -4.02 25.37
N SER B 12 29.14 -4.50 25.53
CA SER B 12 28.14 -4.31 24.46
C SER B 12 26.80 -3.72 24.83
N VAL B 13 26.53 -2.45 24.43
CA VAL B 13 25.17 -1.91 24.55
C VAL B 13 24.30 -2.46 23.44
N THR B 14 23.22 -3.13 23.77
CA THR B 14 22.38 -3.62 22.68
C THR B 14 21.44 -2.50 22.20
N LEU B 15 21.28 -2.39 20.89
CA LEU B 15 20.64 -1.27 20.25
C LEU B 15 19.32 -1.69 19.57
N ASN B 16 18.26 -1.00 19.92
CA ASN B 16 16.98 -1.28 19.39
C ASN B 16 16.75 -0.44 18.18
N ASP B 17 16.02 -1.00 17.22
CA ASP B 17 15.93 -0.41 15.89
C ASP B 17 14.51 -0.07 15.57
N VAL B 18 14.28 1.16 15.12
CA VAL B 18 12.96 1.60 14.82
C VAL B 18 12.80 1.88 13.32
N ALA B 19 12.00 1.05 12.64
CA ALA B 19 11.68 1.20 11.24
C ALA B 19 12.93 1.34 10.44
N ASN B 20 13.93 0.55 10.81
CA ASN B 20 15.26 0.56 10.16
C ASN B 20 15.90 1.93 10.02
N VAL B 21 15.27 2.93 10.61
CA VAL B 21 15.61 4.32 10.34
C VAL B 21 16.32 5.10 11.49
N MET B 22 16.34 4.52 12.71
CA MET B 22 17.28 4.94 13.72
C MET B 22 17.53 3.87 14.79
N TYR B 23 18.62 4.00 15.53
CA TYR B 23 18.94 3.00 16.50
C TYR B 23 19.19 3.63 17.83
N TYR B 24 18.71 3.01 18.91
CA TYR B 24 18.97 3.54 20.23
C TYR B 24 19.24 2.48 21.26
N GLY B 25 20.06 2.83 22.25
CA GLY B 25 20.32 1.96 23.39
C GLY B 25 20.54 2.72 24.65
N GLU B 26 20.43 2.02 25.76
CA GLU B 26 20.52 2.63 27.06
C GLU B 26 21.92 3.06 27.43
N ALA B 27 22.04 4.05 28.30
CA ALA B 27 23.27 4.31 29.04
C ALA B 27 22.92 5.06 30.35
N GLN B 28 23.82 5.11 31.30
CA GLN B 28 23.48 5.73 32.54
C GLN B 28 24.34 6.98 32.77
N ILE B 29 23.88 7.82 33.69
CA ILE B 29 24.53 9.08 33.98
C ILE B 29 24.42 9.37 35.47
N GLY B 30 25.50 9.86 36.09
CA GLY B 30 25.46 10.11 37.52
C GLY B 30 25.73 8.86 38.35
N ASP B 31 26.03 9.05 39.64
CA ASP B 31 26.38 7.92 40.49
C ASP B 31 25.15 7.27 41.10
N ASN B 32 23.98 7.86 40.86
CA ASN B 32 22.69 7.25 41.20
C ASN B 32 22.11 6.56 39.98
N LYS B 33 22.92 6.48 38.95
CA LYS B 33 22.63 5.73 37.70
C LYS B 33 21.24 5.96 37.13
N GLN B 34 21.03 7.21 36.75
CA GLN B 34 19.83 7.61 36.03
C GLN B 34 19.89 7.11 34.58
N LYS B 35 18.79 6.50 34.13
CA LYS B 35 18.72 5.85 32.82
C LYS B 35 18.30 6.72 31.65
N PHE B 36 18.82 6.41 30.46
CA PHE B 36 18.61 7.22 29.24
C PHE B 36 18.74 6.36 27.98
N ALA B 37 18.03 6.74 26.93
CA ALA B 37 18.23 6.14 25.64
C ALA B 37 18.94 7.13 24.78
N PHE B 38 19.87 6.67 23.94
CA PHE B 38 20.74 7.53 23.15
C PHE B 38 20.89 7.01 21.75
N ILE B 39 21.02 7.92 20.78
CA ILE B 39 21.57 7.60 19.44
C ILE B 39 23.12 7.67 19.51
N PHE B 40 23.76 6.59 19.07
CA PHE B 40 25.19 6.55 19.05
C PHE B 40 25.64 6.88 17.66
N ASP B 41 26.23 8.04 17.57
CA ASP B 41 26.46 8.68 16.32
C ASP B 41 27.94 8.75 16.02
N THR B 42 28.41 7.96 15.06
CA THR B 42 29.81 8.10 14.68
C THR B 42 30.09 9.33 13.77
N GLY B 43 29.12 10.23 13.70
CA GLY B 43 29.28 11.39 12.89
C GLY B 43 28.94 12.61 13.68
N SER B 44 29.16 12.54 14.98
CA SER B 44 29.17 13.73 15.81
C SER B 44 30.01 13.45 17.06
N ALA B 45 30.47 14.48 17.78
CA ALA B 45 31.33 14.18 18.90
C ALA B 45 31.03 14.88 20.27
N ASN B 46 29.76 14.93 20.64
CA ASN B 46 29.39 15.32 22.00
C ASN B 46 28.28 14.45 22.49
N LEU B 47 28.18 14.36 23.80
CA LEU B 47 27.13 13.65 24.47
C LEU B 47 26.17 14.73 25.01
N TRP B 48 24.87 14.42 25.04
CA TRP B 48 23.87 15.21 25.78
C TRP B 48 22.62 14.45 26.25
N VAL B 49 21.95 15.02 27.24
CA VAL B 49 20.70 14.54 27.76
C VAL B 49 19.77 15.73 28.03
N PRO B 50 18.44 15.49 28.04
CA PRO B 50 17.52 16.44 28.61
C PRO B 50 17.95 16.75 30.04
N SER B 51 17.74 18.02 30.42
CA SER B 51 18.05 18.52 31.73
C SER B 51 16.78 18.50 32.47
N ALA B 52 16.82 18.05 33.72
CA ALA B 52 15.77 18.35 34.68
C ALA B 52 15.33 19.79 34.52
N GLN B 53 16.22 20.56 33.91
CA GLN B 53 16.15 21.99 33.80
C GLN B 53 15.30 22.44 32.63
N CYS B 54 15.19 21.58 31.63
CA CYS B 54 14.52 21.92 30.40
C CYS B 54 12.99 22.05 30.49
N ASN B 55 12.47 23.14 29.93
CA ASN B 55 11.00 23.30 29.94
C ASN B 55 10.26 23.39 28.58
N THR B 56 10.99 23.16 27.48
CA THR B 56 10.42 23.03 26.15
C THR B 56 9.49 21.77 26.00
N ILE B 57 8.51 21.89 25.10
CA ILE B 57 7.53 20.83 24.76
C ILE B 57 8.18 19.46 24.57
N GLY B 58 9.25 19.40 23.78
CA GLY B 58 9.91 18.14 23.45
C GLY B 58 10.47 17.37 24.63
N CYS B 59 10.94 18.09 25.64
CA CYS B 59 11.56 17.52 26.85
C CYS B 59 10.64 16.79 27.72
N LYS B 60 9.44 17.27 27.71
CA LYS B 60 8.44 16.79 28.59
C LYS B 60 8.12 15.30 28.50
N THR B 61 8.48 14.62 27.40
CA THR B 61 8.27 13.18 27.37
C THR B 61 9.54 12.40 27.66
N LYS B 62 10.63 13.11 27.82
CA LYS B 62 11.86 12.43 28.00
C LYS B 62 12.29 12.25 29.44
N ASN B 63 13.27 11.40 29.62
CA ASN B 63 13.93 11.20 30.89
C ASN B 63 14.87 12.31 31.21
N LEU B 64 14.61 13.01 32.30
CA LEU B 64 15.38 14.21 32.52
C LEU B 64 16.46 14.06 33.56
N TYR B 65 17.69 14.35 33.18
CA TYR B 65 18.82 14.25 34.08
C TYR B 65 18.70 15.24 35.23
N ASP B 66 18.83 14.76 36.46
CA ASP B 66 18.81 15.64 37.64
C ASP B 66 20.20 15.79 38.28
N SER B 67 20.89 16.88 37.94
CA SER B 67 22.29 17.13 38.38
C SER B 67 22.37 17.09 39.91
N ASN B 68 21.18 17.15 40.49
CA ASN B 68 21.03 17.24 41.88
C ASN B 68 21.21 15.91 42.57
N LYS B 69 20.36 14.92 42.29
CA LYS B 69 20.46 13.63 43.00
C LYS B 69 21.60 12.71 42.58
N SER B 70 22.52 13.21 41.75
CA SER B 70 23.82 12.59 41.57
C SER B 70 24.79 13.31 42.46
N LYS B 71 25.48 12.50 43.25
CA LYS B 71 26.41 12.98 44.26
C LYS B 71 27.76 13.27 43.64
N THR B 72 28.01 12.79 42.44
CA THR B 72 29.31 12.96 41.78
C THR B 72 29.29 14.00 40.68
N TYR B 73 28.17 14.71 40.54
CA TYR B 73 28.05 15.77 39.54
C TYR B 73 28.92 16.92 39.95
N GLU B 74 29.64 17.53 39.00
CA GLU B 74 30.36 18.78 39.25
C GLU B 74 29.93 19.85 38.29
N LYS B 75 29.87 21.08 38.76
CA LYS B 75 29.31 22.15 37.95
C LYS B 75 30.29 22.72 36.89
N ASP B 76 29.77 23.22 35.76
CA ASP B 76 30.56 23.91 34.73
C ASP B 76 29.72 25.12 34.26
N GLY B 77 28.64 24.88 33.54
CA GLY B 77 27.66 25.91 33.30
C GLY B 77 27.85 26.74 32.05
N THR B 78 28.93 26.48 31.31
CA THR B 78 29.14 27.18 30.04
C THR B 78 28.14 26.75 28.99
N LYS B 79 27.50 27.72 28.38
CA LYS B 79 26.33 27.48 27.58
C LYS B 79 26.75 27.04 26.19
N VAL B 80 25.93 26.24 25.49
CA VAL B 80 26.26 25.75 24.13
C VAL B 80 25.09 25.47 23.18
N GLU B 81 25.14 26.02 21.96
CA GLU B 81 24.35 25.52 20.84
C GLU B 81 25.12 24.30 20.45
N MET B 82 24.42 23.40 19.76
CA MET B 82 24.97 22.20 19.19
C MET B 82 24.29 22.12 17.86
N ASN B 83 24.94 22.46 16.76
CA ASN B 83 24.17 22.56 15.51
C ASN B 83 24.35 21.45 14.44
N TYR B 84 23.68 20.33 14.64
CA TYR B 84 23.59 19.33 13.62
C TYR B 84 22.86 19.93 12.46
N VAL B 85 22.93 19.25 11.34
CA VAL B 85 22.19 19.67 10.16
C VAL B 85 20.70 19.29 10.34
N SER B 86 20.45 18.28 11.16
CA SER B 86 19.09 17.90 11.53
C SER B 86 18.34 18.90 12.42
N GLY B 87 19.06 19.81 13.07
CA GLY B 87 18.49 20.87 13.92
C GLY B 87 19.42 21.31 15.01
N THR B 88 18.90 21.98 16.02
CA THR B 88 19.74 22.59 17.06
C THR B 88 19.30 22.21 18.45
N VAL B 89 20.26 21.82 19.27
CA VAL B 89 20.04 21.87 20.71
C VAL B 89 21.01 22.76 21.47
N SER B 90 20.66 23.04 22.71
CA SER B 90 21.19 24.15 23.46
C SER B 90 21.05 23.79 24.90
N GLY B 91 22.15 23.96 25.60
CA GLY B 91 22.13 23.86 27.02
C GLY B 91 23.42 24.44 27.54
N PHE B 92 23.91 23.82 28.60
CA PHE B 92 25.20 24.18 29.23
C PHE B 92 25.96 22.89 29.58
N PHE B 93 27.27 23.04 29.80
CA PHE B 93 28.08 21.86 30.13
C PHE B 93 27.98 21.46 31.59
N SER B 94 27.85 20.17 31.83
CA SER B 94 28.12 19.65 33.16
C SER B 94 29.16 18.53 33.12
N LYS B 95 29.61 18.12 34.30
CA LYS B 95 30.55 17.01 34.44
C LYS B 95 29.92 15.98 35.34
N ASP B 96 29.98 14.73 34.92
CA ASP B 96 29.53 13.69 35.78
C ASP B 96 30.09 12.38 35.30
N ILE B 97 29.67 11.32 35.96
CA ILE B 97 30.15 10.00 35.62
C ILE B 97 29.11 9.23 34.84
N VAL B 98 29.45 9.05 33.57
CA VAL B 98 28.63 8.41 32.57
C VAL B 98 28.98 6.92 32.55
N THR B 99 27.96 6.07 32.56
CA THR B 99 28.22 4.66 32.38
C THR B 99 27.61 4.18 31.09
N ILE B 100 28.44 3.65 30.18
CA ILE B 100 28.04 2.98 28.93
C ILE B 100 28.48 1.54 28.97
N ALA B 101 27.66 0.62 28.47
CA ALA B 101 27.85 -0.80 28.79
C ALA B 101 27.63 -0.92 30.31
N ASN B 102 28.60 -1.44 31.03
CA ASN B 102 28.61 -1.10 32.43
C ASN B 102 30.01 -0.62 32.80
N LEU B 103 30.72 -0.10 31.80
CA LEU B 103 31.95 0.61 31.99
C LEU B 103 31.64 2.03 32.54
N SER B 104 32.31 2.44 33.62
CA SER B 104 32.07 3.76 34.24
C SER B 104 33.22 4.74 34.13
N PHE B 105 32.91 6.02 33.96
CA PHE B 105 33.93 7.01 33.63
C PHE B 105 33.38 8.43 33.76
N PRO B 106 34.15 9.35 34.34
CA PRO B 106 33.73 10.76 34.34
C PRO B 106 33.69 11.39 32.94
N TYR B 107 32.74 12.27 32.70
CA TYR B 107 32.66 12.95 31.40
C TYR B 107 32.16 14.38 31.44
N LYS B 108 32.49 15.13 30.40
CA LYS B 108 31.85 16.43 30.16
C LYS B 108 30.71 16.16 29.20
N PHE B 109 29.48 16.60 29.55
CA PHE B 109 28.27 16.53 28.64
C PHE B 109 27.35 17.77 28.68
N ILE B 110 26.30 17.76 27.86
CA ILE B 110 25.39 18.92 27.84
C ILE B 110 24.09 18.67 28.55
N GLU B 111 23.80 19.45 29.58
CA GLU B 111 22.42 19.45 30.02
C GLU B 111 21.70 20.33 29.01
N VAL B 112 20.83 19.73 28.20
CA VAL B 112 20.13 20.48 27.17
C VAL B 112 18.97 21.15 27.87
N THR B 113 18.73 22.42 27.56
CA THR B 113 17.60 23.11 28.12
C THR B 113 16.71 23.65 27.05
N ASP B 114 17.24 23.91 25.87
CA ASP B 114 16.33 24.27 24.79
C ASP B 114 16.34 23.23 23.67
N THR B 115 15.16 22.72 23.33
CA THR B 115 15.08 21.75 22.25
C THR B 115 14.19 22.15 21.09
N ASN B 116 13.52 23.29 21.19
CA ASN B 116 12.52 23.63 20.15
C ASN B 116 13.17 23.75 18.81
N GLY B 117 14.51 23.82 18.83
CA GLY B 117 15.30 23.89 17.63
C GLY B 117 15.50 22.57 16.92
N PHE B 118 14.90 21.48 17.43
CA PHE B 118 15.23 20.06 17.07
C PHE B 118 14.00 19.21 16.96
N GLU B 119 12.87 19.75 17.41
CA GLU B 119 11.58 19.07 17.29
C GLU B 119 11.01 19.38 15.88
N PRO B 120 9.98 18.62 15.43
CA PRO B 120 9.46 17.31 15.94
C PRO B 120 10.42 16.10 15.82
N ALA B 121 11.57 16.28 15.16
CA ALA B 121 12.51 15.17 15.07
C ALA B 121 12.73 14.56 16.48
N TYR B 122 12.46 15.37 17.52
CA TYR B 122 12.74 15.01 18.89
C TYR B 122 11.47 14.68 19.70
N THR B 123 10.46 15.51 19.56
CA THR B 123 9.12 15.22 20.11
C THR B 123 8.55 13.87 19.66
N LEU B 124 8.91 13.43 18.44
CA LEU B 124 8.60 12.08 17.91
C LEU B 124 9.89 11.22 17.77
N GLY B 125 10.61 11.03 18.84
CA GLY B 125 11.75 10.15 18.81
C GLY B 125 11.63 9.36 20.07
N GLN B 126 12.38 8.31 20.20
CA GLN B 126 12.23 7.54 21.40
C GLN B 126 13.56 7.26 21.92
N PHE B 127 14.21 8.38 22.14
CA PHE B 127 15.57 8.45 22.58
C PHE B 127 15.65 9.78 23.33
N ASP B 128 16.42 9.82 24.43
CA ASP B 128 16.51 11.02 25.26
C ASP B 128 17.58 11.94 24.77
N GLY B 129 18.70 11.38 24.33
CA GLY B 129 19.82 12.20 23.88
C GLY B 129 20.74 11.48 22.93
N ILE B 130 21.90 12.07 22.71
CA ILE B 130 22.81 11.53 21.71
C ILE B 130 24.15 11.27 22.34
N VAL B 131 24.87 10.31 21.82
CA VAL B 131 26.19 10.02 22.30
C VAL B 131 27.12 10.19 21.11
N GLY B 132 28.01 11.17 21.16
CA GLY B 132 28.93 11.37 20.03
C GLY B 132 29.98 10.26 19.99
N LEU B 133 30.24 9.74 18.79
CA LEU B 133 31.25 8.70 18.67
C LEU B 133 32.27 8.97 17.60
N GLY B 134 32.46 10.21 17.21
CA GLY B 134 33.51 10.51 16.30
C GLY B 134 34.76 10.87 17.08
N TRP B 135 35.55 11.73 16.44
CA TRP B 135 36.87 12.18 16.86
C TRP B 135 36.80 13.50 17.58
N LYS B 136 37.90 13.77 18.30
CA LYS B 136 38.00 14.86 19.23
C LYS B 136 37.72 16.23 18.63
N ASP B 137 38.10 16.45 17.38
CA ASP B 137 38.01 17.77 16.78
C ASP B 137 36.71 18.03 16.08
N LEU B 138 35.75 17.15 16.29
CA LEU B 138 34.44 17.34 15.74
C LEU B 138 33.61 17.74 16.94
N SER B 139 34.25 17.68 18.10
CA SER B 139 33.61 17.99 19.37
C SER B 139 33.47 19.49 19.57
N ILE B 140 32.35 19.91 20.16
CA ILE B 140 32.21 21.26 20.70
C ILE B 140 32.73 21.26 22.15
N GLY B 141 33.92 21.82 22.31
CA GLY B 141 34.58 21.92 23.62
C GLY B 141 35.82 21.04 23.72
N SER B 142 36.45 20.78 22.58
CA SER B 142 37.58 19.85 22.50
C SER B 142 37.53 18.65 23.52
N VAL B 143 36.39 17.96 23.61
CA VAL B 143 36.23 16.91 24.57
C VAL B 143 36.75 15.64 23.93
N ASP B 144 37.56 14.86 24.64
CA ASP B 144 37.98 13.51 24.17
C ASP B 144 36.78 12.59 23.91
N PRO B 145 36.87 11.78 22.83
CA PRO B 145 35.86 10.76 22.53
C PRO B 145 35.69 9.73 23.69
N VAL B 146 34.44 9.31 23.99
CA VAL B 146 34.23 8.45 25.20
C VAL B 146 35.02 7.14 25.20
N VAL B 147 35.17 6.52 24.03
CA VAL B 147 36.00 5.31 23.92
C VAL B 147 37.48 5.60 24.29
N VAL B 148 37.92 6.81 23.92
CA VAL B 148 39.27 7.27 24.17
C VAL B 148 39.49 7.54 25.68
N GLU B 149 38.49 8.15 26.30
CA GLU B 149 38.55 8.47 27.72
C GLU B 149 38.70 7.15 28.48
N LEU B 150 37.88 6.15 28.09
CA LEU B 150 37.87 4.80 28.69
C LEU B 150 39.20 4.11 28.59
N LYS B 151 39.81 4.16 27.42
CA LYS B 151 41.15 3.66 27.35
C LYS B 151 42.01 4.38 28.37
N ASN B 152 42.02 5.72 28.31
CA ASN B 152 42.92 6.53 29.12
C ASN B 152 42.82 6.28 30.60
N GLN B 153 41.82 5.52 31.03
CA GLN B 153 41.81 5.03 32.40
C GLN B 153 41.54 3.53 32.52
N ASN B 154 42.37 2.72 31.83
CA ASN B 154 42.45 1.27 32.02
C ASN B 154 41.12 0.65 32.25
N LYS B 155 40.14 1.06 31.47
CA LYS B 155 38.83 0.48 31.62
C LYS B 155 38.74 -0.51 30.47
N ILE B 156 39.53 -0.28 29.42
CA ILE B 156 39.46 -1.08 28.21
C ILE B 156 40.81 -1.46 27.69
N GLU B 157 40.81 -2.63 27.05
CA GLU B 157 41.96 -3.26 26.41
C GLU B 157 42.54 -2.30 25.40
N GLN B 158 41.73 -2.04 24.37
CA GLN B 158 42.08 -1.20 23.23
C GLN B 158 40.96 -0.21 23.05
N ALA B 159 41.32 1.01 22.64
CA ALA B 159 40.34 2.04 22.36
C ALA B 159 39.80 1.85 20.95
N VAL B 160 39.06 0.74 20.81
CA VAL B 160 38.34 0.45 19.58
C VAL B 160 36.88 0.10 19.88
N PHE B 161 35.97 0.46 18.95
CA PHE B 161 34.54 0.11 19.06
C PHE B 161 33.93 -0.45 17.77
N THR B 162 32.84 -1.19 17.89
CA THR B 162 32.21 -1.75 16.72
C THR B 162 30.70 -1.57 16.66
N PHE B 163 30.21 -1.49 15.44
CA PHE B 163 28.81 -1.47 15.20
C PHE B 163 28.34 -2.70 14.51
N TYR B 164 27.38 -3.36 15.11
CA TYR B 164 26.60 -4.36 14.38
C TYR B 164 25.12 -4.03 14.32
N LEU B 165 24.60 -3.79 13.12
CA LEU B 165 23.22 -3.42 12.96
C LEU B 165 22.42 -4.48 12.21
N PRO B 166 21.12 -4.68 12.58
CA PRO B 166 20.21 -5.70 12.03
C PRO B 166 18.97 -5.16 11.30
N PHE B 167 18.01 -6.05 11.04
CA PHE B 167 16.95 -5.85 10.03
C PHE B 167 15.46 -5.84 10.51
N ASP B 168 15.26 -5.54 11.78
CA ASP B 168 14.13 -4.73 12.24
C ASP B 168 13.68 -5.18 13.59
N ASP B 169 12.65 -4.49 14.06
CA ASP B 169 12.52 -4.06 15.41
C ASP B 169 12.91 -5.03 16.51
N LYS B 170 12.32 -6.23 16.58
CA LYS B 170 12.84 -7.23 17.55
C LYS B 170 13.81 -8.21 16.82
N HIS B 171 14.66 -7.62 15.99
CA HIS B 171 16.03 -8.09 15.79
C HIS B 171 16.97 -7.10 16.49
N LYS B 172 17.92 -7.62 17.27
CA LYS B 172 18.72 -6.78 18.17
C LYS B 172 20.06 -6.39 17.55
N GLY B 173 20.48 -5.15 17.76
CA GLY B 173 21.79 -4.65 17.25
C GLY B 173 22.80 -4.37 18.37
N TYR B 174 24.06 -4.16 18.04
CA TYR B 174 25.07 -4.21 19.09
C TYR B 174 26.21 -3.31 18.85
N LEU B 175 26.36 -2.31 19.71
CA LEU B 175 27.60 -1.51 19.85
C LEU B 175 28.54 -2.17 20.88
N THR B 176 29.74 -2.53 20.46
CA THR B 176 30.69 -3.17 21.36
C THR B 176 31.90 -2.26 21.57
N ILE B 177 32.24 -2.06 22.82
CA ILE B 177 33.39 -1.26 23.24
C ILE B 177 34.62 -2.08 23.66
N GLY B 178 35.78 -1.69 23.14
CA GLY B 178 37.10 -2.13 23.60
C GLY B 178 37.46 -3.56 23.29
N GLY B 179 36.81 -4.14 22.27
CA GLY B 179 37.06 -5.53 21.81
C GLY B 179 36.41 -5.90 20.45
N ILE B 180 37.10 -6.68 19.62
CA ILE B 180 36.55 -6.99 18.31
C ILE B 180 35.99 -8.38 18.31
N GLU B 181 34.69 -8.50 18.58
CA GLU B 181 34.05 -9.82 18.77
C GLU B 181 33.72 -10.59 17.50
N ASP B 182 34.19 -11.84 17.43
CA ASP B 182 33.99 -12.66 16.25
C ASP B 182 32.53 -12.96 16.01
N ARG B 183 31.73 -13.01 17.07
CA ARG B 183 30.31 -13.34 16.94
C ARG B 183 29.61 -12.55 15.84
N PHE B 184 30.08 -11.33 15.57
CA PHE B 184 29.39 -10.43 14.61
C PHE B 184 29.64 -10.63 13.10
N TYR B 185 30.82 -11.09 12.72
CA TYR B 185 31.18 -10.98 11.33
C TYR B 185 31.59 -12.30 10.71
N GLU B 186 31.85 -12.31 9.40
CA GLU B 186 32.52 -13.43 8.68
C GLU B 186 33.52 -12.96 7.60
N GLY B 187 34.41 -13.88 7.20
CA GLY B 187 35.61 -13.54 6.43
C GLY B 187 36.61 -12.88 7.36
N GLN B 188 37.50 -12.08 6.76
CA GLN B 188 38.44 -11.23 7.53
C GLN B 188 38.12 -9.71 7.40
N LEU B 189 38.75 -8.90 8.25
CA LEU B 189 38.52 -7.47 8.20
C LEU B 189 39.31 -6.90 7.06
N THR B 190 38.82 -5.82 6.48
CA THR B 190 39.66 -5.03 5.62
C THR B 190 39.57 -3.62 6.11
N TYR B 191 40.74 -3.02 6.28
CA TYR B 191 40.84 -1.70 6.85
C TYR B 191 41.15 -0.60 5.84
N GLU B 192 40.77 0.61 6.21
CA GLU B 192 41.09 1.79 5.47
C GLU B 192 41.51 2.81 6.48
N LYS B 193 42.67 3.42 6.28
CA LYS B 193 43.17 4.50 7.12
C LYS B 193 42.40 5.79 6.81
N LEU B 194 42.11 6.59 7.84
CA LEU B 194 41.35 7.82 7.64
C LEU B 194 42.11 8.96 6.94
N ASN B 195 41.40 9.87 6.30
CA ASN B 195 42.07 11.05 5.77
C ASN B 195 42.01 12.40 6.56
N HIS B 196 41.33 12.43 7.71
CA HIS B 196 41.46 13.47 8.74
C HIS B 196 40.91 12.67 9.91
N ASP B 197 41.30 12.99 11.13
CA ASP B 197 40.60 12.39 12.27
C ASP B 197 39.50 13.36 12.73
N LEU B 198 38.38 13.31 11.99
CA LEU B 198 37.30 14.27 12.14
C LEU B 198 36.03 13.47 12.21
N TYR B 199 35.55 13.07 11.03
CA TYR B 199 34.58 12.03 10.94
C TYR B 199 35.39 10.78 10.76
N TRP B 200 34.73 9.65 10.76
CA TRP B 200 35.39 8.44 10.42
C TRP B 200 35.30 8.48 8.90
N GLN B 201 35.95 9.50 8.32
CA GLN B 201 36.14 9.62 6.86
C GLN B 201 37.31 8.84 6.34
N VAL B 202 37.06 7.97 5.41
CA VAL B 202 38.10 7.28 4.78
C VAL B 202 38.00 7.80 3.36
N ASP B 203 38.61 7.07 2.43
CA ASP B 203 39.08 7.64 1.18
C ASP B 203 38.84 6.64 0.05
N LEU B 204 37.99 7.01 -0.92
CA LEU B 204 37.37 6.02 -1.86
C LEU B 204 37.04 6.50 -3.28
N ASP B 205 37.40 5.68 -4.27
CA ASP B 205 36.98 5.93 -5.64
C ASP B 205 35.68 5.18 -5.75
N LEU B 206 34.57 5.91 -5.82
CA LEU B 206 33.26 5.28 -5.80
C LEU B 206 32.83 4.97 -7.19
N HIS B 207 32.10 3.89 -7.36
CA HIS B 207 31.59 3.54 -8.68
C HIS B 207 30.13 3.11 -8.55
N PHE B 208 29.25 3.98 -9.03
CA PHE B 208 27.83 3.70 -9.05
C PHE B 208 27.45 3.36 -10.46
N GLY B 209 27.45 2.05 -10.74
CA GLY B 209 27.06 1.53 -12.04
C GLY B 209 27.67 2.29 -13.19
N ASN B 210 27.02 3.41 -13.58
CA ASN B 210 27.44 4.20 -14.75
C ASN B 210 28.44 5.32 -14.47
N LEU B 211 28.25 6.15 -13.42
CA LEU B 211 29.33 7.11 -13.03
C LEU B 211 30.04 6.85 -11.76
N THR B 212 31.31 7.19 -11.84
CA THR B 212 32.23 7.05 -10.78
C THR B 212 32.70 8.44 -10.47
N VAL B 213 33.36 8.56 -9.33
CA VAL B 213 33.99 9.81 -8.88
C VAL B 213 35.32 9.43 -8.25
N GLU B 214 36.36 10.18 -8.59
CA GLU B 214 37.72 9.80 -8.23
C GLU B 214 38.11 10.27 -6.84
N LYS B 215 38.66 9.34 -6.08
CA LYS B 215 38.97 9.54 -4.66
C LYS B 215 38.00 10.46 -3.88
N ALA B 216 36.87 9.89 -3.44
CA ALA B 216 35.93 10.62 -2.60
C ALA B 216 36.20 10.28 -1.15
N THR B 217 35.87 11.21 -0.28
CA THR B 217 35.94 10.93 1.13
C THR B 217 34.55 10.38 1.45
N ALA B 218 34.54 9.23 2.09
CA ALA B 218 33.31 8.58 2.54
C ALA B 218 33.14 8.68 4.07
N ILE B 219 32.07 9.28 4.58
CA ILE B 219 31.87 9.25 6.02
C ILE B 219 31.10 7.99 6.46
N VAL B 220 31.64 7.26 7.42
CA VAL B 220 30.91 6.14 7.99
C VAL B 220 30.16 6.63 9.19
N ASP B 221 28.84 6.65 9.08
CA ASP B 221 28.00 7.35 10.04
C ASP B 221 26.80 6.56 10.58
N SER B 222 26.97 5.92 11.72
CA SER B 222 25.90 5.23 12.38
C SER B 222 24.62 6.07 12.52
N GLY B 223 24.74 7.39 12.52
CA GLY B 223 23.66 8.29 12.88
C GLY B 223 22.63 8.52 11.79
N THR B 224 23.07 8.40 10.55
CA THR B 224 22.26 8.66 9.38
C THR B 224 21.51 7.43 8.96
N SER B 225 20.22 7.58 8.67
CA SER B 225 19.43 6.44 8.27
C SER B 225 19.72 6.00 6.85
N SER B 226 20.48 6.79 6.12
CA SER B 226 20.43 6.72 4.70
C SER B 226 21.84 6.72 4.05
N ILE B 227 21.98 6.52 2.74
CA ILE B 227 23.26 6.75 2.09
C ILE B 227 23.08 8.14 1.51
N THR B 228 24.14 8.95 1.46
CA THR B 228 24.03 10.27 0.84
C THR B 228 25.12 10.50 -0.20
N ALA B 229 24.82 11.34 -1.19
CA ALA B 229 25.74 11.68 -2.24
C ALA B 229 25.50 13.13 -2.51
N PRO B 230 26.50 13.88 -3.00
CA PRO B 230 26.23 15.27 -3.35
C PRO B 230 25.16 15.35 -4.43
N THR B 231 24.44 16.46 -4.49
CA THR B 231 23.28 16.50 -5.35
C THR B 231 23.55 16.47 -6.88
N GLU B 232 24.60 17.13 -7.39
CA GLU B 232 24.94 16.96 -8.81
C GLU B 232 25.02 15.48 -9.13
N PHE B 233 25.78 14.75 -8.31
CA PHE B 233 26.05 13.34 -8.59
C PHE B 233 24.79 12.48 -8.65
N LEU B 234 23.76 12.88 -7.90
CA LEU B 234 22.60 12.04 -7.77
C LEU B 234 21.66 12.20 -8.94
N ASN B 235 21.33 13.44 -9.28
CA ASN B 235 20.52 13.66 -10.46
C ASN B 235 21.18 12.98 -11.64
N LYS B 236 22.50 13.15 -11.76
CA LYS B 236 23.28 12.45 -12.75
C LYS B 236 23.03 10.94 -12.63
N PHE B 237 22.85 10.44 -11.41
CA PHE B 237 22.61 9.01 -11.18
C PHE B 237 21.22 8.52 -11.61
N PHE B 238 20.17 9.01 -10.95
CA PHE B 238 18.83 8.45 -11.10
C PHE B 238 18.20 8.49 -12.49
N GLU B 239 18.76 9.31 -13.38
CA GLU B 239 18.17 9.48 -14.69
C GLU B 239 18.21 8.18 -15.46
N GLY B 240 17.06 7.83 -16.01
CA GLY B 240 16.95 6.67 -16.87
C GLY B 240 16.72 5.34 -16.18
N LEU B 241 16.81 5.34 -14.87
CA LEU B 241 16.50 4.12 -14.12
C LEU B 241 15.10 4.10 -13.50
N ASP B 242 14.13 4.68 -14.20
CA ASP B 242 12.75 4.71 -13.77
C ASP B 242 12.64 4.75 -12.23
N VAL B 243 13.14 5.79 -11.64
CA VAL B 243 12.87 6.02 -10.25
C VAL B 243 12.12 7.35 -10.23
N VAL B 244 10.95 7.36 -9.63
CA VAL B 244 10.16 8.60 -9.57
C VAL B 244 10.37 9.33 -8.25
N LYS B 245 10.64 10.65 -8.33
CA LYS B 245 10.98 11.40 -7.10
C LYS B 245 9.70 12.06 -6.70
N ILE B 246 9.18 11.73 -5.51
CA ILE B 246 7.97 12.40 -5.04
C ILE B 246 8.32 13.92 -4.94
N PRO B 247 7.40 14.82 -5.35
CA PRO B 247 7.83 16.18 -5.56
C PRO B 247 7.97 16.96 -4.28
N PHE B 248 9.03 17.78 -4.26
CA PHE B 248 9.33 18.67 -3.18
C PHE B 248 9.89 17.91 -1.98
N LEU B 249 10.31 16.67 -2.16
CA LEU B 249 10.79 15.90 -1.03
C LEU B 249 11.96 14.98 -1.36
N PRO B 250 12.90 14.80 -0.41
CA PRO B 250 14.06 13.91 -0.61
C PRO B 250 13.64 12.44 -0.69
N LEU B 251 12.72 12.12 -1.61
CA LEU B 251 12.02 10.83 -1.55
C LEU B 251 11.83 10.14 -2.87
N TYR B 252 12.49 9.01 -2.96
CA TYR B 252 12.66 8.34 -4.21
C TYR B 252 12.04 6.97 -4.15
N ILE B 253 11.23 6.66 -5.16
CA ILE B 253 10.37 5.46 -5.22
C ILE B 253 10.67 4.70 -6.50
N THR B 254 10.64 3.37 -6.41
CA THR B 254 10.88 2.53 -7.56
C THR B 254 10.36 1.17 -7.28
N THR B 255 10.32 0.34 -8.30
CA THR B 255 9.71 -0.98 -8.18
C THR B 255 10.85 -1.76 -7.61
N CYS B 256 10.58 -2.71 -6.71
CA CYS B 256 11.66 -3.32 -5.94
C CYS B 256 12.62 -4.10 -6.78
N ASN B 257 12.14 -4.71 -7.86
CA ASN B 257 13.03 -5.47 -8.71
C ASN B 257 13.42 -4.76 -9.98
N ASN B 258 13.27 -3.43 -10.01
CA ASN B 258 13.66 -2.56 -11.12
C ASN B 258 15.02 -3.04 -11.43
N PRO B 259 15.20 -3.73 -12.56
CA PRO B 259 16.39 -4.49 -12.82
C PRO B 259 17.45 -3.61 -13.46
N LYS B 260 17.14 -2.32 -13.57
CA LYS B 260 18.13 -1.33 -13.89
C LYS B 260 18.89 -0.83 -12.67
N LEU B 261 18.75 -1.44 -11.48
CA LEU B 261 19.41 -0.91 -10.29
C LEU B 261 20.82 -1.47 -10.10
N PRO B 262 21.83 -0.60 -10.19
CA PRO B 262 23.18 -1.08 -10.16
C PRO B 262 23.56 -1.44 -8.75
N THR B 263 24.35 -2.50 -8.58
CA THR B 263 25.15 -2.70 -7.36
C THR B 263 26.11 -1.53 -7.20
N LEU B 264 26.14 -0.91 -6.04
CA LEU B 264 27.10 0.15 -5.81
C LEU B 264 28.45 -0.48 -5.49
N GLU B 265 29.52 0.19 -5.91
CA GLU B 265 30.90 -0.29 -5.76
C GLU B 265 31.83 0.72 -5.12
N PHE B 266 32.29 0.44 -3.90
CA PHE B 266 33.25 1.29 -3.23
C PHE B 266 34.62 0.60 -3.37
N ARG B 267 35.58 1.30 -3.97
CA ARG B 267 36.86 0.71 -4.32
C ARG B 267 38.02 1.60 -3.87
N SER B 268 39.02 0.92 -3.26
CA SER B 268 40.22 1.47 -2.62
C SER B 268 41.41 0.60 -3.03
N ALA B 269 42.59 1.03 -2.57
CA ALA B 269 43.87 0.36 -2.77
C ALA B 269 43.85 -1.11 -2.39
N THR B 270 43.86 -1.40 -1.08
CA THR B 270 43.51 -2.74 -0.55
C THR B 270 42.30 -3.37 -1.29
N ASN B 271 41.13 -2.71 -1.24
CA ASN B 271 39.88 -3.45 -1.36
C ASN B 271 38.66 -2.94 -2.16
N VAL B 272 37.71 -3.84 -2.35
CA VAL B 272 36.51 -3.55 -3.04
C VAL B 272 35.34 -3.70 -2.02
N TYR B 273 34.36 -2.78 -2.08
CA TYR B 273 33.18 -2.81 -1.22
C TYR B 273 31.95 -2.63 -2.08
N THR B 274 30.92 -3.44 -1.84
CA THR B 274 29.73 -3.42 -2.68
C THR B 274 28.41 -3.42 -1.92
N LEU B 275 27.41 -2.83 -2.55
CA LEU B 275 26.08 -2.76 -2.01
C LEU B 275 25.07 -3.09 -3.09
N GLU B 276 24.56 -4.31 -3.03
CA GLU B 276 23.42 -4.70 -3.85
C GLU B 276 22.16 -3.87 -3.50
N PRO B 277 21.22 -3.81 -4.44
CA PRO B 277 20.17 -2.90 -4.19
C PRO B 277 19.28 -3.45 -3.13
N GLU B 278 19.33 -4.76 -2.91
CA GLU B 278 18.50 -5.29 -1.82
C GLU B 278 18.88 -4.56 -0.54
N TYR B 279 20.03 -3.88 -0.52
CA TYR B 279 20.48 -3.17 0.68
C TYR B 279 20.06 -1.73 0.81
N TYR B 280 20.04 -1.00 -0.29
CA TYR B 280 19.61 0.37 -0.23
C TYR B 280 18.14 0.61 -0.58
N LEU B 281 17.30 -0.39 -0.38
CA LEU B 281 15.87 -0.24 -0.68
C LEU B 281 14.98 -0.53 0.51
N GLN B 282 13.85 0.14 0.61
CA GLN B 282 12.89 -0.10 1.67
C GLN B 282 11.66 -0.68 1.03
N GLN B 283 11.12 -1.77 1.53
CA GLN B 283 9.81 -2.18 0.98
C GLN B 283 8.65 -1.30 1.44
N ILE B 284 7.80 -0.91 0.54
CA ILE B 284 6.83 0.01 1.01
C ILE B 284 5.46 -0.59 0.76
N PHE B 285 5.36 -1.49 -0.22
CA PHE B 285 4.13 -2.10 -0.70
C PHE B 285 4.61 -3.39 -1.28
N ASP B 286 3.81 -4.44 -1.12
CA ASP B 286 4.22 -5.79 -1.43
C ASP B 286 2.94 -6.59 -1.56
N PHE B 287 2.39 -6.55 -2.76
CA PHE B 287 1.14 -7.22 -3.00
C PHE B 287 1.16 -7.60 -4.48
N GLY B 288 1.86 -8.69 -4.75
CA GLY B 288 2.02 -9.17 -6.11
C GLY B 288 3.16 -8.41 -6.80
N ILE B 289 3.01 -7.11 -6.88
CA ILE B 289 4.11 -6.26 -7.26
C ILE B 289 4.57 -5.67 -5.98
N SER B 290 5.88 -5.56 -5.78
CA SER B 290 6.41 -4.87 -4.60
C SER B 290 7.09 -3.51 -4.92
N LEU B 291 6.64 -2.42 -4.26
CA LEU B 291 7.19 -1.06 -4.39
C LEU B 291 8.23 -0.75 -3.29
N CYS B 292 9.18 0.11 -3.61
CA CYS B 292 10.31 0.33 -2.76
C CYS B 292 10.74 1.78 -2.68
N MET B 293 11.32 2.16 -1.56
CA MET B 293 11.97 3.43 -1.44
C MET B 293 13.45 3.30 -1.61
N VAL B 294 14.04 4.17 -2.41
CA VAL B 294 15.50 4.09 -2.58
C VAL B 294 16.23 4.99 -1.57
N SER B 295 17.12 4.33 -0.83
CA SER B 295 17.63 4.80 0.38
C SER B 295 18.90 5.55 0.10
N ILE B 296 18.83 6.54 -0.78
CA ILE B 296 19.97 7.37 -1.15
C ILE B 296 19.41 8.74 -1.36
N ILE B 297 19.96 9.77 -0.72
CA ILE B 297 19.38 11.12 -0.84
C ILE B 297 20.41 12.23 -1.02
N PRO B 298 20.05 13.31 -1.72
CA PRO B 298 21.01 14.40 -1.98
C PRO B 298 21.57 15.07 -0.71
N VAL B 299 22.87 15.29 -0.67
CA VAL B 299 23.42 16.08 0.41
C VAL B 299 24.76 16.65 -0.04
N ASP B 300 24.86 17.97 0.00
CA ASP B 300 26.10 18.63 -0.33
C ASP B 300 27.05 18.88 0.85
N LEU B 301 28.21 18.26 0.79
CA LEU B 301 29.21 18.46 1.81
C LEU B 301 30.65 18.79 1.25
N ASN B 302 31.61 19.11 2.10
CA ASN B 302 32.87 19.70 1.59
C ASN B 302 33.44 19.16 0.24
N LYS B 303 34.11 18.01 0.28
CA LYS B 303 34.76 17.43 -0.90
C LYS B 303 33.65 16.89 -1.80
N ASN B 304 34.00 15.99 -2.70
CA ASN B 304 33.05 14.97 -3.07
C ASN B 304 32.94 14.18 -1.81
N THR B 305 31.79 14.30 -1.16
CA THR B 305 31.58 13.69 0.15
C THR B 305 30.23 13.00 0.23
N PHE B 306 30.36 11.71 0.48
CA PHE B 306 29.24 10.79 0.56
C PHE B 306 29.25 10.28 1.98
N ILE B 307 28.05 10.15 2.57
CA ILE B 307 27.88 9.43 3.84
C ILE B 307 27.39 8.01 3.54
N LEU B 308 28.17 6.98 3.86
CA LEU B 308 27.61 5.65 3.92
C LEU B 308 27.04 5.63 5.31
N GLY B 309 25.72 5.52 5.42
CA GLY B 309 25.00 5.57 6.68
C GLY B 309 24.51 4.18 6.98
N ASP B 310 23.25 4.08 7.41
CA ASP B 310 22.69 2.83 7.92
C ASP B 310 22.54 1.69 6.92
N PRO B 311 22.26 1.99 5.65
CA PRO B 311 22.09 0.91 4.70
C PRO B 311 23.37 0.16 4.47
N PHE B 312 24.48 0.91 4.40
CA PHE B 312 25.81 0.33 4.23
C PHE B 312 26.20 -0.47 5.46
N MET B 313 25.95 0.11 6.64
CA MET B 313 26.31 -0.56 7.88
C MET B 313 25.53 -1.84 8.17
N ARG B 314 24.36 -1.94 7.57
CA ARG B 314 23.64 -3.18 7.58
C ARG B 314 24.36 -4.34 6.87
N LYS B 315 25.01 -4.08 5.73
CA LYS B 315 25.73 -5.13 5.06
C LYS B 315 27.03 -5.38 5.76
N TYR B 316 27.64 -4.30 6.28
CA TYR B 316 29.04 -4.36 6.76
C TYR B 316 29.26 -4.10 8.22
N PHE B 317 29.72 -5.12 8.93
CA PHE B 317 30.17 -4.91 10.31
C PHE B 317 31.30 -3.89 10.29
N THR B 318 31.40 -3.07 11.32
CA THR B 318 32.33 -1.97 11.24
C THR B 318 33.06 -1.78 12.52
N VAL B 319 34.37 -1.61 12.35
CA VAL B 319 35.28 -1.50 13.45
C VAL B 319 35.87 -0.13 13.31
N PHE B 320 35.77 0.64 14.37
CA PHE B 320 36.31 1.97 14.41
C PHE B 320 37.48 1.95 15.38
N ASP B 321 38.65 2.33 14.88
CA ASP B 321 39.89 2.11 15.62
C ASP B 321 40.68 3.40 15.85
N TYR B 322 40.57 3.93 17.06
CA TYR B 322 41.19 5.19 17.45
C TYR B 322 42.71 5.06 17.48
N ASP B 323 43.14 3.87 17.90
CA ASP B 323 44.54 3.52 17.99
C ASP B 323 45.25 3.59 16.63
N ASN B 324 44.56 3.31 15.53
CA ASN B 324 45.25 3.20 14.24
C ASN B 324 44.77 4.15 13.20
N HIS B 325 43.68 4.81 13.51
CA HIS B 325 43.12 5.78 12.58
C HIS B 325 42.42 5.07 11.39
N THR B 326 41.86 3.90 11.70
CA THR B 326 41.27 3.06 10.69
C THR B 326 39.81 2.69 11.01
N VAL B 327 39.04 2.43 9.95
CA VAL B 327 37.78 1.71 10.03
C VAL B 327 37.86 0.37 9.30
N GLY B 328 37.56 -0.72 10.01
CA GLY B 328 37.57 -2.04 9.37
C GLY B 328 36.21 -2.50 8.89
N PHE B 329 36.20 -3.32 7.83
CA PHE B 329 34.95 -3.87 7.30
C PHE B 329 35.01 -5.35 7.07
N ALA B 330 33.97 -6.02 7.54
CA ALA B 330 33.70 -7.39 7.20
C ALA B 330 32.22 -7.52 6.93
N LEU B 331 31.86 -8.63 6.30
CA LEU B 331 30.47 -9.01 6.18
C LEU B 331 29.87 -9.25 7.54
N ALA B 332 28.71 -8.64 7.76
CA ALA B 332 28.01 -8.86 9.00
C ALA B 332 27.37 -10.25 8.89
N LYS B 333 27.46 -11.10 9.92
CA LYS B 333 26.67 -12.34 9.96
C LYS B 333 25.20 -12.03 9.86
N LYS B 334 24.45 -12.81 9.10
CA LYS B 334 22.99 -12.66 9.09
C LYS B 334 22.42 -13.26 10.38
N LYS B 335 23.16 -14.20 10.97
CA LYS B 335 22.72 -14.73 12.26
C LYS B 335 23.80 -14.85 13.32
N GLY C 10 -40.63 6.63 -16.91
CA GLY C 10 -40.25 5.26 -16.41
C GLY C 10 -40.59 4.98 -14.94
N ASP C 11 -39.58 5.05 -14.08
CA ASP C 11 -39.64 4.68 -12.65
C ASP C 11 -38.26 4.01 -12.32
N SER C 12 -37.45 4.63 -11.45
CA SER C 12 -36.18 4.00 -11.08
C SER C 12 -36.07 3.63 -9.60
N VAL C 13 -35.35 2.54 -9.28
CA VAL C 13 -34.89 2.34 -7.87
C VAL C 13 -33.49 2.92 -7.68
N THR C 14 -33.28 3.69 -6.62
CA THR C 14 -32.01 4.40 -6.47
C THR C 14 -31.02 3.36 -6.00
N LEU C 15 -29.95 3.18 -6.77
CA LEU C 15 -28.95 2.19 -6.43
C LEU C 15 -27.86 2.81 -5.58
N ASN C 16 -27.35 1.98 -4.68
CA ASN C 16 -26.34 2.34 -3.73
C ASN C 16 -25.00 1.71 -4.10
N ASP C 17 -23.93 2.45 -3.97
CA ASP C 17 -22.68 1.86 -4.36
C ASP C 17 -21.88 1.43 -3.16
N VAL C 18 -21.09 0.37 -3.35
CA VAL C 18 -20.26 -0.15 -2.31
C VAL C 18 -19.03 -0.66 -3.02
N ALA C 19 -17.94 0.07 -2.78
CA ALA C 19 -16.60 -0.20 -3.25
C ALA C 19 -16.52 -0.49 -4.74
N ASN C 20 -17.53 -0.05 -5.50
CA ASN C 20 -17.73 -0.44 -6.92
C ASN C 20 -17.69 -1.95 -7.18
N VAL C 21 -17.88 -2.69 -6.09
CA VAL C 21 -17.76 -4.13 -6.10
C VAL C 21 -19.16 -4.79 -6.08
N MET C 22 -20.15 -4.10 -5.51
CA MET C 22 -21.57 -4.48 -5.63
C MET C 22 -22.47 -3.31 -5.27
N TYR C 23 -23.59 -3.19 -5.96
CA TYR C 23 -24.57 -2.13 -5.82
C TYR C 23 -25.79 -2.71 -5.10
N TYR C 24 -26.50 -1.89 -4.34
CA TYR C 24 -27.79 -2.33 -3.84
C TYR C 24 -28.86 -1.27 -3.81
N GLY C 25 -30.11 -1.74 -3.75
CA GLY C 25 -31.29 -0.89 -3.75
C GLY C 25 -32.25 -1.46 -2.73
N GLU C 26 -33.20 -0.63 -2.32
CA GLU C 26 -34.26 -1.07 -1.43
C GLU C 26 -35.56 -1.22 -2.25
N ALA C 27 -36.35 -2.19 -1.86
CA ALA C 27 -37.65 -2.35 -2.42
C ALA C 27 -38.48 -3.05 -1.34
N GLN C 28 -39.79 -2.84 -1.37
CA GLN C 28 -40.64 -3.25 -0.27
C GLN C 28 -41.33 -4.53 -0.62
N ILE C 29 -41.49 -5.41 0.36
CA ILE C 29 -42.42 -6.53 0.20
C ILE C 29 -43.43 -6.46 1.35
N GLY C 30 -44.72 -6.70 1.06
CA GLY C 30 -45.77 -6.77 2.08
C GLY C 30 -46.71 -5.59 1.98
N ASP C 31 -47.93 -5.74 2.52
CA ASP C 31 -48.95 -4.68 2.53
C ASP C 31 -48.57 -3.72 3.63
N ASN C 32 -48.04 -4.32 4.70
CA ASN C 32 -47.40 -3.58 5.77
C ASN C 32 -46.06 -2.93 5.35
N LYS C 33 -45.58 -3.31 4.17
CA LYS C 33 -44.47 -2.61 3.47
C LYS C 33 -43.10 -2.66 4.14
N GLN C 34 -42.67 -3.88 4.51
CA GLN C 34 -41.33 -4.10 5.06
C GLN C 34 -40.36 -3.77 3.91
N LYS C 35 -39.51 -2.72 4.08
CA LYS C 35 -38.50 -2.31 3.10
C LYS C 35 -37.26 -3.19 3.28
N PHE C 36 -36.50 -3.45 2.20
CA PHE C 36 -35.31 -4.35 2.25
C PHE C 36 -34.11 -3.88 1.41
N ALA C 37 -32.91 -4.40 1.68
CA ALA C 37 -31.74 -4.11 0.85
C ALA C 37 -31.58 -5.25 -0.11
N PHE C 38 -31.45 -4.90 -1.39
CA PHE C 38 -31.47 -5.83 -2.54
C PHE C 38 -30.35 -5.60 -3.54
N ILE C 39 -29.88 -6.71 -4.12
CA ILE C 39 -28.95 -6.76 -5.25
C ILE C 39 -29.78 -7.17 -6.44
N PHE C 40 -29.69 -6.40 -7.50
CA PHE C 40 -30.48 -6.62 -8.66
C PHE C 40 -29.63 -7.28 -9.75
N ASP C 41 -29.91 -8.56 -9.97
CA ASP C 41 -28.98 -9.45 -10.60
C ASP C 41 -29.60 -9.95 -11.85
N THR C 42 -29.19 -9.36 -12.96
CA THR C 42 -29.64 -9.77 -14.28
C THR C 42 -28.96 -11.05 -14.72
N GLY C 43 -28.41 -11.72 -13.73
CA GLY C 43 -27.78 -12.96 -13.89
C GLY C 43 -28.50 -14.09 -13.23
N SER C 44 -29.58 -13.82 -12.48
CA SER C 44 -30.46 -14.86 -11.93
C SER C 44 -31.90 -14.40 -12.01
N ALA C 45 -32.86 -15.31 -11.85
CA ALA C 45 -34.25 -14.93 -11.97
C ALA C 45 -35.17 -15.42 -10.81
N ASN C 46 -34.62 -15.40 -9.61
CA ASN C 46 -35.45 -15.60 -8.48
C ASN C 46 -35.33 -14.44 -7.50
N LEU C 47 -36.44 -14.06 -6.91
CA LEU C 47 -36.43 -13.14 -5.84
C LEU C 47 -36.44 -13.86 -4.45
N TRP C 48 -35.66 -13.35 -3.49
CA TRP C 48 -35.69 -13.86 -2.11
C TRP C 48 -35.33 -12.92 -0.95
N VAL C 49 -35.77 -13.32 0.24
CA VAL C 49 -35.53 -12.60 1.49
C VAL C 49 -35.31 -13.56 2.65
N PRO C 50 -34.57 -13.10 3.64
CA PRO C 50 -34.45 -13.86 4.86
C PRO C 50 -35.79 -13.85 5.59
N SER C 51 -36.49 -14.96 5.50
CA SER C 51 -37.67 -15.17 6.35
C SER C 51 -37.36 -14.81 7.80
N ALA C 52 -38.34 -14.25 8.48
CA ALA C 52 -38.34 -14.23 9.95
C ALA C 52 -38.10 -15.60 10.61
N GLN C 53 -38.24 -16.68 9.87
CA GLN C 53 -37.97 -18.05 10.38
C GLN C 53 -36.57 -18.59 10.01
N CYS C 54 -35.84 -17.82 9.20
CA CYS C 54 -34.42 -18.08 8.96
C CYS C 54 -33.66 -18.11 10.27
N ASN C 55 -33.17 -19.30 10.66
CA ASN C 55 -32.56 -19.44 11.98
C ASN C 55 -31.05 -19.32 12.07
N THR C 56 -30.42 -18.94 10.97
CA THR C 56 -28.97 -19.02 10.83
C THR C 56 -28.34 -17.67 11.18
N ILE C 57 -27.16 -17.67 11.83
CA ILE C 57 -26.65 -16.47 12.55
C ILE C 57 -26.18 -15.36 11.61
N GLY C 58 -25.90 -15.74 10.38
CA GLY C 58 -25.76 -14.81 9.26
C GLY C 58 -27.00 -13.96 8.97
N CYS C 59 -28.16 -14.44 9.41
CA CYS C 59 -29.40 -13.71 9.29
C CYS C 59 -29.61 -12.55 10.27
N LYS C 60 -28.86 -12.56 11.38
CA LYS C 60 -29.16 -11.72 12.56
C LYS C 60 -29.04 -10.18 12.46
N THR C 61 -28.09 -9.67 11.66
CA THR C 61 -28.10 -8.25 11.38
C THR C 61 -29.09 -7.89 10.23
N LYS C 62 -29.65 -8.91 9.55
CA LYS C 62 -30.44 -8.68 8.32
C LYS C 62 -31.86 -8.19 8.53
N ASN C 63 -32.48 -7.65 7.48
CA ASN C 63 -33.89 -7.24 7.49
C ASN C 63 -34.78 -8.46 7.26
N LEU C 64 -35.58 -8.88 8.24
CA LEU C 64 -36.46 -10.04 7.96
C LEU C 64 -37.87 -9.69 7.44
N TYR C 65 -38.47 -10.64 6.70
CA TYR C 65 -39.88 -10.57 6.29
C TYR C 65 -40.67 -11.45 7.22
N ASP C 66 -41.62 -10.84 7.97
CA ASP C 66 -42.56 -11.57 8.87
C ASP C 66 -43.96 -11.75 8.29
N SER C 67 -44.27 -13.00 7.89
CA SER C 67 -45.47 -13.29 7.09
C SER C 67 -46.75 -13.07 7.90
N ASN C 68 -46.55 -12.82 9.20
CA ASN C 68 -47.57 -12.26 10.06
C ASN C 68 -47.97 -10.81 9.64
N LYS C 69 -47.08 -9.81 9.75
CA LYS C 69 -47.42 -8.37 9.52
C LYS C 69 -48.22 -7.95 8.26
N SER C 70 -47.94 -8.53 7.09
CA SER C 70 -48.72 -8.17 5.88
C SER C 70 -49.98 -9.00 5.74
N LYS C 71 -51.12 -8.32 5.56
CA LYS C 71 -52.41 -9.02 5.36
C LYS C 71 -52.28 -9.93 4.14
N THR C 72 -51.67 -9.33 3.12
CA THR C 72 -51.69 -9.82 1.75
C THR C 72 -50.93 -11.13 1.63
N TYR C 73 -50.17 -11.46 2.68
CA TYR C 73 -49.44 -12.74 2.71
C TYR C 73 -50.34 -13.89 2.33
N GLU C 74 -49.97 -14.51 1.22
CA GLU C 74 -50.71 -15.64 0.68
C GLU C 74 -49.81 -16.84 0.84
N LYS C 75 -50.18 -17.77 1.73
CA LYS C 75 -49.35 -18.94 2.02
C LYS C 75 -49.05 -19.82 0.81
N ASP C 76 -47.84 -20.39 0.73
CA ASP C 76 -47.54 -21.45 -0.28
C ASP C 76 -46.88 -22.69 0.36
N GLY C 77 -45.59 -22.52 0.73
CA GLY C 77 -44.80 -23.49 1.48
C GLY C 77 -43.88 -24.52 0.81
N THR C 78 -44.03 -24.81 -0.49
CA THR C 78 -43.09 -25.75 -1.19
C THR C 78 -41.67 -25.45 -0.82
N LYS C 79 -40.83 -26.45 -0.56
CA LYS C 79 -39.40 -26.20 -0.22
C LYS C 79 -38.53 -26.10 -1.45
N VAL C 80 -37.37 -25.43 -1.33
CA VAL C 80 -36.62 -24.97 -2.50
C VAL C 80 -35.13 -24.66 -2.33
N GLU C 81 -34.30 -25.08 -3.29
CA GLU C 81 -32.81 -24.84 -3.24
C GLU C 81 -32.37 -23.84 -4.32
N MET C 82 -31.77 -22.73 -3.90
CA MET C 82 -31.17 -21.76 -4.84
C MET C 82 -29.69 -21.97 -5.01
N ASN C 83 -29.23 -22.46 -6.15
CA ASN C 83 -27.82 -22.84 -6.17
C ASN C 83 -26.91 -21.95 -6.97
N TYR C 84 -26.77 -20.71 -6.56
CA TYR C 84 -25.89 -19.85 -7.29
C TYR C 84 -24.52 -20.48 -7.28
N VAL C 85 -23.69 -20.16 -8.27
CA VAL C 85 -22.35 -20.68 -8.36
C VAL C 85 -21.47 -20.08 -7.28
N SER C 86 -21.94 -18.99 -6.68
CA SER C 86 -21.22 -18.31 -5.61
C SER C 86 -21.82 -18.71 -4.27
N GLY C 87 -22.54 -19.86 -4.25
CA GLY C 87 -23.18 -20.44 -3.05
C GLY C 87 -24.63 -20.84 -3.20
N THR C 88 -25.22 -21.38 -2.14
CA THR C 88 -26.62 -21.87 -2.13
C THR C 88 -27.45 -21.39 -0.93
N VAL C 89 -28.74 -21.16 -1.17
CA VAL C 89 -29.63 -20.77 -0.11
C VAL C 89 -30.78 -21.75 0.03
N SER C 90 -31.51 -21.69 1.14
CA SER C 90 -32.55 -22.65 1.41
C SER C 90 -33.76 -21.98 1.98
N GLY C 91 -34.90 -22.46 1.52
CA GLY C 91 -36.18 -21.98 2.02
C GLY C 91 -37.37 -22.77 1.55
N PHE C 92 -38.46 -22.03 1.44
CA PHE C 92 -39.74 -22.48 0.99
C PHE C 92 -40.35 -21.24 0.30
N PHE C 93 -41.33 -21.47 -0.56
CA PHE C 93 -41.85 -20.41 -1.42
C PHE C 93 -42.96 -19.72 -0.67
N SER C 94 -43.30 -18.53 -1.11
CA SER C 94 -44.40 -17.78 -0.53
C SER C 94 -44.92 -16.83 -1.55
N LYS C 95 -45.93 -16.04 -1.17
CA LYS C 95 -46.50 -15.03 -2.06
C LYS C 95 -46.99 -13.79 -1.33
N ASP C 96 -46.91 -12.63 -1.95
CA ASP C 96 -47.34 -11.39 -1.31
C ASP C 96 -47.24 -10.19 -2.27
N ILE C 97 -47.50 -9.00 -1.80
CA ILE C 97 -47.40 -7.89 -2.71
C ILE C 97 -45.98 -7.26 -2.59
N VAL C 98 -45.21 -7.47 -3.65
CA VAL C 98 -43.89 -6.84 -3.80
C VAL C 98 -44.09 -5.42 -4.39
N THR C 99 -43.34 -4.45 -3.87
CA THR C 99 -43.26 -3.11 -4.48
C THR C 99 -41.81 -2.75 -4.94
N ILE C 100 -41.65 -2.29 -6.17
CA ILE C 100 -40.36 -1.87 -6.70
C ILE C 100 -40.33 -0.39 -7.19
N ALA C 101 -39.72 0.47 -6.37
CA ALA C 101 -40.07 1.91 -6.32
C ALA C 101 -41.56 2.09 -5.91
N ASN C 102 -42.40 2.62 -6.80
CA ASN C 102 -43.79 2.74 -6.38
C ASN C 102 -44.62 1.79 -7.19
N LEU C 103 -44.00 0.65 -7.53
CA LEU C 103 -44.68 -0.41 -8.30
C LEU C 103 -45.05 -1.67 -7.50
N SER C 104 -46.34 -1.82 -7.25
CA SER C 104 -46.85 -2.92 -6.43
C SER C 104 -47.53 -4.04 -7.25
N PHE C 105 -47.34 -5.28 -6.80
CA PHE C 105 -47.73 -6.44 -7.60
C PHE C 105 -47.60 -7.76 -6.85
N PRO C 106 -48.52 -8.69 -7.15
CA PRO C 106 -48.43 -9.99 -6.52
C PRO C 106 -47.23 -10.74 -7.13
N TYR C 107 -46.38 -11.30 -6.27
CA TYR C 107 -45.22 -12.03 -6.76
C TYR C 107 -44.90 -13.12 -5.80
N LYS C 108 -44.34 -14.20 -6.33
CA LYS C 108 -44.05 -15.39 -5.55
C LYS C 108 -42.58 -15.44 -5.43
N PHE C 109 -42.11 -15.80 -4.25
CA PHE C 109 -40.69 -15.68 -3.96
C PHE C 109 -40.28 -16.70 -2.95
N ILE C 110 -38.97 -16.69 -2.66
CA ILE C 110 -38.39 -17.65 -1.71
C ILE C 110 -38.18 -17.02 -0.32
N GLU C 111 -38.79 -17.63 0.70
CA GLU C 111 -38.46 -17.26 2.07
C GLU C 111 -37.21 -17.99 2.48
N VAL C 112 -36.16 -17.24 2.81
CA VAL C 112 -34.88 -17.88 2.96
C VAL C 112 -34.70 -18.13 4.41
N THR C 113 -34.41 -19.39 4.73
CA THR C 113 -34.28 -19.88 6.10
C THR C 113 -32.89 -20.41 6.42
N ASP C 114 -32.22 -20.95 5.41
CA ASP C 114 -30.86 -21.43 5.63
C ASP C 114 -29.85 -20.75 4.73
N THR C 115 -29.19 -19.71 5.27
CA THR C 115 -28.16 -18.93 4.57
C THR C 115 -26.75 -19.47 4.75
N ASN C 116 -26.58 -20.65 5.33
CA ASN C 116 -25.22 -21.13 5.72
C ASN C 116 -24.34 -21.49 4.52
N GLY C 117 -24.93 -22.05 3.47
CA GLY C 117 -24.15 -22.39 2.29
C GLY C 117 -23.77 -21.20 1.42
N PHE C 118 -23.89 -20.00 1.97
CA PHE C 118 -23.77 -18.75 1.21
C PHE C 118 -23.07 -17.62 2.03
N GLU C 119 -22.37 -18.03 3.07
CA GLU C 119 -21.51 -17.11 3.82
C GLU C 119 -20.10 -17.57 3.53
N PRO C 120 -19.08 -16.84 4.01
CA PRO C 120 -19.03 -15.48 4.56
C PRO C 120 -19.72 -14.42 3.68
N ALA C 121 -19.77 -14.70 2.36
CA ALA C 121 -20.49 -13.89 1.34
C ALA C 121 -21.69 -13.08 1.86
N TYR C 122 -22.62 -13.78 2.51
CA TYR C 122 -23.85 -13.16 2.96
C TYR C 122 -23.71 -12.31 4.23
N THR C 123 -23.01 -12.86 5.23
CA THR C 123 -22.96 -12.21 6.53
C THR C 123 -22.21 -10.89 6.48
N LEU C 124 -21.19 -10.73 5.60
CA LEU C 124 -20.60 -9.36 5.38
C LEU C 124 -21.52 -8.45 4.56
N GLY C 125 -22.07 -8.98 3.48
CA GLY C 125 -22.73 -8.17 2.49
C GLY C 125 -23.75 -7.30 3.16
N GLN C 126 -23.87 -6.06 2.69
CA GLN C 126 -24.92 -5.20 3.19
C GLN C 126 -26.15 -5.15 2.27
N PHE C 127 -26.77 -6.33 2.16
CA PHE C 127 -27.91 -6.59 1.32
C PHE C 127 -28.68 -7.76 1.96
N ASP C 128 -30.01 -7.74 1.85
CA ASP C 128 -30.82 -8.78 2.51
C ASP C 128 -31.23 -9.94 1.62
N GLY C 129 -31.50 -9.61 0.35
CA GLY C 129 -31.90 -10.57 -0.67
C GLY C 129 -31.41 -10.09 -2.03
N ILE C 130 -31.63 -10.92 -3.04
CA ILE C 130 -31.37 -10.53 -4.43
C ILE C 130 -32.73 -10.47 -5.11
N VAL C 131 -32.83 -9.68 -6.18
CA VAL C 131 -33.89 -9.88 -7.13
C VAL C 131 -33.33 -10.32 -8.50
N GLY C 132 -33.93 -11.36 -9.05
CA GLY C 132 -33.59 -11.76 -10.37
C GLY C 132 -34.15 -10.82 -11.42
N LEU C 133 -33.31 -10.52 -12.40
CA LEU C 133 -33.76 -9.72 -13.52
C LEU C 133 -33.44 -10.46 -14.77
N GLY C 134 -33.21 -11.75 -14.60
CA GLY C 134 -33.13 -12.63 -15.74
C GLY C 134 -34.50 -13.17 -16.14
N TRP C 135 -34.44 -14.03 -17.14
CA TRP C 135 -35.57 -14.75 -17.72
C TRP C 135 -36.30 -15.90 -16.98
N LYS C 136 -37.53 -16.15 -17.43
CA LYS C 136 -38.35 -17.22 -16.93
C LYS C 136 -37.57 -18.53 -17.03
N ASP C 137 -36.89 -18.78 -18.14
CA ASP C 137 -36.15 -20.04 -18.26
C ASP C 137 -35.05 -20.23 -17.22
N LEU C 138 -34.77 -19.20 -16.46
CA LEU C 138 -33.61 -19.19 -15.57
C LEU C 138 -34.08 -19.33 -14.17
N SER C 139 -35.41 -19.25 -14.04
CA SER C 139 -36.04 -19.14 -12.77
C SER C 139 -36.12 -20.52 -12.22
N ILE C 140 -35.82 -20.65 -10.95
CA ILE C 140 -36.10 -21.86 -10.24
C ILE C 140 -37.52 -21.84 -9.71
N GLY C 141 -38.42 -22.46 -10.48
CA GLY C 141 -39.84 -22.57 -10.15
C GLY C 141 -40.66 -21.95 -11.26
N SER C 142 -39.97 -21.47 -12.28
CA SER C 142 -40.54 -20.72 -13.41
C SER C 142 -41.36 -19.47 -13.10
N VAL C 143 -41.02 -18.75 -12.04
CA VAL C 143 -41.72 -17.52 -11.71
C VAL C 143 -41.40 -16.55 -12.83
N ASP C 144 -42.42 -15.96 -13.42
CA ASP C 144 -42.25 -15.03 -14.51
C ASP C 144 -41.43 -13.83 -14.09
N PRO C 145 -40.51 -13.36 -14.96
CA PRO C 145 -39.70 -12.25 -14.45
C PRO C 145 -40.60 -11.09 -13.95
N VAL C 146 -40.20 -10.44 -12.85
CA VAL C 146 -40.94 -9.28 -12.25
C VAL C 146 -41.35 -8.21 -13.25
N VAL C 147 -40.46 -7.82 -14.16
CA VAL C 147 -40.88 -6.91 -15.25
C VAL C 147 -42.05 -7.42 -16.17
N VAL C 148 -42.04 -8.72 -16.52
CA VAL C 148 -43.04 -9.32 -17.41
C VAL C 148 -44.35 -9.50 -16.68
N GLU C 149 -44.27 -9.57 -15.38
CA GLU C 149 -45.43 -9.49 -14.59
C GLU C 149 -46.01 -8.08 -14.65
N LEU C 150 -45.21 -7.11 -14.22
CA LEU C 150 -45.70 -5.72 -14.19
C LEU C 150 -46.45 -5.41 -15.48
N LYS C 151 -45.82 -5.81 -16.59
CA LYS C 151 -46.35 -5.69 -17.91
C LYS C 151 -47.74 -6.22 -17.95
N ASN C 152 -47.85 -7.51 -17.70
CA ASN C 152 -49.07 -8.24 -17.96
C ASN C 152 -50.06 -8.01 -16.84
N GLN C 153 -49.80 -6.98 -16.05
CA GLN C 153 -50.85 -6.38 -15.21
C GLN C 153 -51.21 -4.92 -15.63
N ASN C 154 -51.16 -4.63 -16.93
CA ASN C 154 -51.20 -3.28 -17.44
C ASN C 154 -50.70 -2.19 -16.51
N LYS C 155 -49.51 -2.45 -15.94
CA LYS C 155 -48.87 -1.59 -14.94
C LYS C 155 -47.69 -0.77 -15.42
N ILE C 156 -47.04 -1.17 -16.52
CA ILE C 156 -46.12 -0.31 -17.24
C ILE C 156 -46.18 -0.53 -18.74
N GLU C 157 -45.78 0.51 -19.48
CA GLU C 157 -45.77 0.57 -20.96
C GLU C 157 -44.99 -0.63 -21.59
N GLN C 158 -43.80 -0.93 -21.05
CA GLN C 158 -42.84 -1.86 -21.66
C GLN C 158 -42.23 -2.87 -20.67
N ALA C 159 -42.24 -4.16 -21.04
CA ALA C 159 -41.46 -5.17 -20.35
C ALA C 159 -40.04 -4.86 -20.74
N VAL C 160 -39.50 -3.80 -20.14
CA VAL C 160 -38.15 -3.34 -20.40
C VAL C 160 -37.55 -2.83 -19.09
N PHE C 161 -36.22 -2.87 -18.95
CA PHE C 161 -35.56 -2.05 -17.90
C PHE C 161 -34.15 -1.55 -18.20
N THR C 162 -33.74 -0.53 -17.47
CA THR C 162 -32.48 0.07 -17.76
C THR C 162 -31.58 -0.14 -16.59
N PHE C 163 -30.32 -0.41 -16.90
CA PHE C 163 -29.30 -0.30 -15.90
C PHE C 163 -28.29 0.83 -16.06
N TYR C 164 -28.51 1.92 -15.29
CA TYR C 164 -27.51 3.00 -15.12
C TYR C 164 -26.60 2.95 -13.85
N LEU C 165 -25.29 2.81 -14.10
CA LEU C 165 -24.29 2.50 -13.05
C LEU C 165 -23.21 3.60 -12.73
N PRO C 166 -23.16 4.11 -11.46
CA PRO C 166 -22.25 5.24 -11.15
C PRO C 166 -20.79 4.79 -11.00
N PHE C 167 -19.89 5.78 -11.09
CA PHE C 167 -18.47 5.51 -11.01
C PHE C 167 -17.89 5.56 -9.60
N ASP C 168 -18.25 6.60 -8.85
CA ASP C 168 -17.68 6.83 -7.52
C ASP C 168 -18.60 6.29 -6.42
N ASP C 169 -18.11 6.44 -5.19
CA ASP C 169 -18.72 5.81 -4.02
C ASP C 169 -20.05 6.46 -3.64
N LYS C 170 -20.09 7.79 -3.54
CA LYS C 170 -21.37 8.49 -3.65
C LYS C 170 -21.50 9.30 -4.95
N HIS C 171 -22.73 9.23 -5.49
CA HIS C 171 -23.10 9.02 -6.91
C HIS C 171 -23.91 7.74 -6.81
N LYS C 172 -25.11 7.76 -7.32
CA LYS C 172 -25.98 6.65 -7.05
C LYS C 172 -26.54 6.08 -8.35
N GLY C 173 -26.97 4.82 -8.30
CA GLY C 173 -27.30 4.06 -9.51
C GLY C 173 -28.79 3.82 -9.70
N TYR C 174 -29.16 3.31 -10.88
CA TYR C 174 -30.53 3.33 -11.32
C TYR C 174 -30.94 2.20 -12.18
N LEU C 175 -31.86 1.46 -11.57
CA LEU C 175 -32.66 0.46 -12.20
C LEU C 175 -33.92 1.19 -12.46
N THR C 176 -34.12 1.47 -13.74
CA THR C 176 -35.31 2.10 -14.25
C THR C 176 -36.10 0.95 -14.78
N ILE C 177 -37.43 1.02 -14.61
CA ILE C 177 -38.42 0.10 -15.21
C ILE C 177 -39.51 0.77 -16.06
N GLY C 178 -39.77 0.18 -17.23
CA GLY C 178 -40.98 0.54 -18.02
C GLY C 178 -40.74 1.32 -19.31
N GLY C 179 -39.58 1.97 -19.37
CA GLY C 179 -39.15 2.74 -20.54
C GLY C 179 -37.80 3.40 -20.35
N ILE C 180 -36.98 3.34 -21.42
CA ILE C 180 -35.68 4.05 -21.58
C ILE C 180 -35.77 5.57 -21.30
N GLU C 181 -34.80 6.11 -20.56
CA GLU C 181 -34.79 7.54 -20.21
C GLU C 181 -33.63 8.35 -20.84
N ASP C 182 -33.88 9.62 -21.16
CA ASP C 182 -32.93 10.46 -21.92
C ASP C 182 -31.72 10.88 -21.13
N ARG C 183 -32.02 11.41 -19.94
CA ARG C 183 -31.04 11.71 -18.91
C ARG C 183 -29.91 10.68 -18.78
N PHE C 184 -30.26 9.41 -18.59
CA PHE C 184 -29.25 8.36 -18.37
C PHE C 184 -28.15 8.18 -19.44
N TYR C 185 -28.42 8.44 -20.72
CA TYR C 185 -27.44 8.13 -21.75
C TYR C 185 -27.26 9.24 -22.75
N GLU C 186 -26.32 9.01 -23.67
CA GLU C 186 -26.10 9.91 -24.80
C GLU C 186 -25.68 9.17 -26.07
N GLY C 187 -25.82 9.89 -27.18
CA GLY C 187 -25.62 9.32 -28.51
C GLY C 187 -26.76 8.35 -28.75
N GLN C 188 -26.53 7.46 -29.72
CA GLN C 188 -27.49 6.44 -30.16
C GLN C 188 -27.58 5.29 -29.18
N LEU C 189 -27.97 4.13 -29.70
CA LEU C 189 -28.25 2.99 -28.88
C LEU C 189 -28.34 1.78 -29.79
N THR C 190 -27.20 1.16 -30.08
CA THR C 190 -27.18 -0.15 -30.74
C THR C 190 -27.94 -1.21 -29.92
N TYR C 191 -28.58 -2.16 -30.61
CA TYR C 191 -29.17 -3.36 -29.98
C TYR C 191 -28.49 -4.62 -30.52
N GLU C 192 -28.50 -5.67 -29.72
CA GLU C 192 -28.19 -7.04 -30.18
C GLU C 192 -29.25 -8.05 -29.60
N LYS C 193 -29.36 -9.24 -30.19
CA LYS C 193 -30.46 -10.13 -29.82
C LYS C 193 -29.94 -11.39 -29.13
N LEU C 194 -30.70 -11.91 -28.17
CA LEU C 194 -30.24 -12.93 -27.28
C LEU C 194 -30.07 -14.21 -28.00
N ASN C 195 -29.00 -14.94 -27.75
CA ASN C 195 -28.90 -16.24 -28.40
C ASN C 195 -29.52 -17.37 -27.58
N HIS C 196 -30.26 -16.98 -26.53
CA HIS C 196 -31.12 -17.85 -25.74
C HIS C 196 -31.88 -16.92 -24.85
N ASP C 197 -33.11 -17.30 -24.55
CA ASP C 197 -33.86 -16.49 -23.61
C ASP C 197 -33.61 -16.98 -22.19
N LEU C 198 -32.31 -17.01 -21.81
CA LEU C 198 -31.86 -17.65 -20.57
C LEU C 198 -31.28 -16.60 -19.67
N TYR C 199 -29.95 -16.39 -19.78
CA TYR C 199 -29.26 -15.18 -19.33
C TYR C 199 -29.50 -14.16 -20.41
N TRP C 200 -29.34 -12.89 -20.10
CA TRP C 200 -29.30 -11.88 -21.15
C TRP C 200 -27.97 -12.05 -21.89
N GLN C 201 -27.84 -13.16 -22.57
CA GLN C 201 -26.63 -13.52 -23.27
C GLN C 201 -26.77 -13.18 -24.75
N VAL C 202 -25.67 -12.72 -25.31
CA VAL C 202 -25.64 -12.24 -26.67
C VAL C 202 -24.43 -12.85 -27.34
N ASP C 203 -24.54 -12.99 -28.65
CA ASP C 203 -23.45 -13.49 -29.49
C ASP C 203 -22.53 -12.35 -29.91
N LEU C 204 -21.21 -12.56 -29.71
CA LEU C 204 -20.21 -11.48 -29.87
C LEU C 204 -18.85 -11.86 -30.43
N ASP C 205 -18.38 -11.12 -31.42
CA ASP C 205 -17.01 -11.28 -31.88
C ASP C 205 -16.13 -10.52 -30.94
N LEU C 206 -15.31 -11.27 -30.24
CA LEU C 206 -14.66 -10.79 -29.06
C LEU C 206 -13.21 -10.59 -29.34
N HIS C 207 -12.80 -9.32 -29.34
CA HIS C 207 -11.41 -8.94 -29.68
C HIS C 207 -10.74 -8.14 -28.57
N PHE C 208 -9.47 -8.40 -28.38
CA PHE C 208 -8.82 -8.16 -27.12
C PHE C 208 -7.32 -8.30 -27.40
N GLY C 209 -6.59 -7.18 -27.50
CA GLY C 209 -5.23 -7.25 -28.04
C GLY C 209 -5.24 -8.01 -29.36
N ASN C 210 -4.49 -9.11 -29.44
CA ASN C 210 -4.55 -10.02 -30.60
C ASN C 210 -5.69 -10.97 -30.46
N LEU C 211 -5.66 -11.73 -29.37
CA LEU C 211 -6.62 -12.80 -29.17
C LEU C 211 -8.06 -12.39 -29.47
N THR C 212 -8.58 -12.89 -30.59
CA THR C 212 -10.02 -12.91 -30.74
C THR C 212 -10.44 -14.24 -30.13
N VAL C 213 -11.74 -14.37 -29.98
CA VAL C 213 -12.38 -15.66 -29.99
C VAL C 213 -13.79 -15.42 -30.62
N GLU C 214 -13.81 -15.57 -31.95
CA GLU C 214 -14.99 -15.33 -32.75
C GLU C 214 -16.28 -15.88 -32.14
N LYS C 215 -17.38 -15.14 -32.35
CA LYS C 215 -18.77 -15.60 -32.10
C LYS C 215 -18.94 -16.20 -30.68
N ALA C 216 -18.46 -15.48 -29.66
CA ALA C 216 -18.55 -15.94 -28.28
C ALA C 216 -19.94 -15.61 -27.74
N THR C 217 -20.34 -16.25 -26.66
CA THR C 217 -21.50 -15.75 -25.95
C THR C 217 -21.06 -14.91 -24.73
N ALA C 218 -21.70 -13.76 -24.58
CA ALA C 218 -21.32 -12.77 -23.64
C ALA C 218 -22.53 -12.40 -22.82
N ILE C 219 -22.48 -12.69 -21.51
CA ILE C 219 -23.60 -12.46 -20.59
C ILE C 219 -23.52 -11.03 -20.01
N VAL C 220 -24.60 -10.25 -20.08
CA VAL C 220 -24.63 -8.99 -19.37
C VAL C 220 -25.25 -9.40 -18.06
N ASP C 221 -24.74 -8.83 -16.98
CA ASP C 221 -24.99 -9.29 -15.61
C ASP C 221 -24.56 -8.23 -14.62
N SER C 222 -25.53 -7.64 -13.94
CA SER C 222 -25.28 -6.61 -12.97
C SER C 222 -24.83 -7.13 -11.65
N GLY C 223 -24.88 -8.44 -11.49
CA GLY C 223 -24.64 -9.08 -10.20
C GLY C 223 -23.18 -9.22 -9.95
N THR C 224 -22.47 -9.47 -11.03
CA THR C 224 -21.04 -9.65 -11.09
C THR C 224 -20.30 -8.34 -10.96
N SER C 225 -19.24 -8.32 -10.18
CA SER C 225 -18.58 -7.07 -9.92
C SER C 225 -17.49 -6.70 -10.91
N SER C 226 -17.29 -7.58 -11.86
CA SER C 226 -16.05 -7.71 -12.57
C SER C 226 -16.32 -8.22 -13.99
N ILE C 227 -15.30 -8.47 -14.77
CA ILE C 227 -15.51 -9.02 -16.08
C ILE C 227 -14.81 -10.34 -16.07
N THR C 228 -15.35 -11.34 -16.73
CA THR C 228 -14.74 -12.65 -16.64
C THR C 228 -14.49 -13.18 -18.02
N ALA C 229 -13.59 -14.15 -18.09
CA ALA C 229 -13.31 -14.79 -19.34
C ALA C 229 -12.86 -16.17 -18.95
N PRO C 230 -12.91 -17.11 -19.92
CA PRO C 230 -12.23 -18.41 -19.90
C PRO C 230 -10.85 -18.37 -19.20
N THR C 231 -10.49 -19.38 -18.41
CA THR C 231 -9.24 -19.31 -17.60
C THR C 231 -8.01 -19.44 -18.48
N GLU C 232 -8.19 -20.12 -19.60
CA GLU C 232 -7.12 -20.40 -20.54
C GLU C 232 -6.81 -19.24 -21.49
N PHE C 233 -7.83 -18.72 -22.18
CA PHE C 233 -7.74 -17.49 -22.99
C PHE C 233 -7.17 -16.27 -22.20
N LEU C 234 -7.55 -16.14 -20.94
CA LEU C 234 -7.09 -15.04 -20.12
C LEU C 234 -5.61 -15.16 -19.74
N ASN C 235 -5.30 -16.21 -18.99
CA ASN C 235 -3.94 -16.56 -18.62
C ASN C 235 -2.97 -16.29 -19.79
N LYS C 236 -3.33 -16.78 -20.97
CA LYS C 236 -2.62 -16.50 -22.21
C LYS C 236 -2.69 -15.02 -22.53
N PHE C 237 -3.74 -14.34 -22.12
CA PHE C 237 -3.79 -12.95 -22.44
C PHE C 237 -2.76 -12.14 -21.72
N PHE C 238 -2.71 -12.28 -20.41
CA PHE C 238 -1.96 -11.34 -19.60
C PHE C 238 -0.48 -11.51 -19.78
N GLU C 239 -0.11 -12.72 -20.23
CA GLU C 239 1.29 -13.10 -20.47
C GLU C 239 2.04 -12.03 -21.30
N GLY C 240 3.10 -11.45 -20.73
CA GLY C 240 3.93 -10.49 -21.46
C GLY C 240 3.40 -9.07 -21.40
N LEU C 241 2.17 -8.93 -20.85
CA LEU C 241 1.66 -7.64 -20.30
C LEU C 241 2.47 -7.34 -19.04
N ASP C 242 2.16 -6.29 -18.31
CA ASP C 242 2.86 -6.28 -17.06
C ASP C 242 1.93 -6.41 -15.91
N VAL C 243 1.24 -7.55 -15.95
CA VAL C 243 0.15 -7.83 -15.07
C VAL C 243 0.46 -9.03 -14.20
N VAL C 244 0.97 -8.73 -13.00
CA VAL C 244 1.24 -9.75 -11.98
C VAL C 244 0.00 -10.21 -11.19
N LYS C 245 0.01 -11.49 -10.88
CA LYS C 245 -1.12 -12.15 -10.35
C LYS C 245 -0.75 -12.46 -8.94
N ILE C 246 -1.66 -12.18 -7.99
CA ILE C 246 -1.25 -12.31 -6.58
C ILE C 246 -1.69 -13.70 -6.08
N PRO C 247 -0.74 -14.49 -5.53
CA PRO C 247 -0.73 -15.99 -5.51
C PRO C 247 -1.93 -16.72 -4.88
N PHE C 248 -2.49 -17.69 -5.63
CA PHE C 248 -3.87 -18.25 -5.43
C PHE C 248 -5.00 -17.33 -4.88
N LEU C 249 -5.01 -16.06 -5.29
CA LEU C 249 -6.24 -15.24 -5.25
C LEU C 249 -6.58 -14.76 -6.66
N PRO C 250 -7.87 -14.85 -7.08
CA PRO C 250 -8.19 -14.49 -8.47
C PRO C 250 -8.03 -12.98 -8.65
N LEU C 251 -6.78 -12.52 -8.53
CA LEU C 251 -6.44 -11.10 -8.40
C LEU C 251 -5.13 -10.71 -9.06
N TYR C 252 -5.19 -9.59 -9.77
CA TYR C 252 -4.10 -9.14 -10.61
C TYR C 252 -3.86 -7.68 -10.45
N ILE C 253 -2.57 -7.31 -10.22
CA ILE C 253 -2.09 -5.91 -10.10
C ILE C 253 -1.22 -5.52 -11.30
N THR C 254 -1.33 -4.26 -11.67
CA THR C 254 -0.55 -3.68 -12.73
C THR C 254 -0.37 -2.20 -12.38
N THR C 255 0.55 -1.50 -13.00
CA THR C 255 0.62 -0.08 -12.78
C THR C 255 -0.39 0.60 -13.68
N CYS C 256 -1.03 1.69 -13.25
CA CYS C 256 -2.22 2.17 -14.00
C CYS C 256 -1.91 2.79 -15.32
N ASN C 257 -0.66 3.19 -15.48
CA ASN C 257 -0.19 3.84 -16.68
C ASN C 257 0.29 2.77 -17.64
N ASN C 258 0.36 1.51 -17.19
CA ASN C 258 0.88 0.40 -18.01
C ASN C 258 0.43 0.53 -19.45
N PRO C 259 1.38 0.81 -20.36
CA PRO C 259 1.00 1.09 -21.72
C PRO C 259 0.83 -0.19 -22.52
N LYS C 260 1.31 -1.34 -22.01
CA LYS C 260 1.05 -2.59 -22.74
C LYS C 260 -0.45 -2.96 -22.66
N LEU C 261 -1.25 -2.21 -21.92
CA LEU C 261 -2.66 -2.61 -21.73
C LEU C 261 -3.54 -2.10 -22.83
N PRO C 262 -4.19 -3.01 -23.56
CA PRO C 262 -5.03 -2.65 -24.70
C PRO C 262 -6.42 -2.20 -24.30
N THR C 263 -7.12 -1.57 -25.24
CA THR C 263 -8.59 -1.49 -25.21
C THR C 263 -9.25 -2.76 -25.74
N LEU C 264 -10.38 -3.08 -25.13
CA LEU C 264 -11.06 -4.30 -25.42
C LEU C 264 -12.06 -4.06 -26.53
N GLU C 265 -12.19 -5.02 -27.43
CA GLU C 265 -13.22 -4.94 -28.44
C GLU C 265 -14.36 -5.93 -28.38
N PHE C 266 -15.54 -5.36 -28.61
CA PHE C 266 -16.77 -6.11 -28.68
C PHE C 266 -17.59 -5.67 -29.89
N ARG C 267 -17.36 -6.35 -31.01
CA ARG C 267 -18.07 -6.05 -32.23
C ARG C 267 -19.10 -7.16 -32.50
N SER C 268 -20.20 -6.76 -33.15
CA SER C 268 -21.19 -7.67 -33.69
C SER C 268 -21.36 -7.38 -35.20
N ALA C 269 -22.52 -7.75 -35.77
CA ALA C 269 -22.90 -7.43 -37.15
C ALA C 269 -23.25 -5.95 -37.37
N THR C 270 -24.06 -5.36 -36.46
CA THR C 270 -24.33 -3.90 -36.43
C THR C 270 -23.12 -3.10 -35.95
N ASN C 271 -22.58 -3.45 -34.79
CA ASN C 271 -21.70 -2.54 -34.13
C ASN C 271 -20.63 -3.11 -33.24
N VAL C 272 -19.74 -2.21 -32.82
CA VAL C 272 -18.57 -2.48 -32.04
C VAL C 272 -18.61 -1.64 -30.73
N TYR C 273 -18.22 -2.29 -29.61
CA TYR C 273 -18.15 -1.72 -28.27
C TYR C 273 -16.77 -2.03 -27.78
N THR C 274 -16.26 -1.25 -26.81
CA THR C 274 -14.86 -1.34 -26.43
C THR C 274 -14.53 -0.90 -25.01
N LEU C 275 -13.71 -1.69 -24.34
CA LEU C 275 -13.42 -1.37 -22.96
C LEU C 275 -11.99 -0.82 -22.78
N GLU C 276 -11.94 0.50 -22.59
CA GLU C 276 -10.72 1.20 -22.23
C GLU C 276 -10.17 0.63 -20.92
N PRO C 277 -8.84 0.50 -20.83
CA PRO C 277 -8.26 0.20 -19.52
C PRO C 277 -8.78 1.14 -18.38
N GLU C 278 -9.12 2.37 -18.70
CA GLU C 278 -9.60 3.28 -17.68
C GLU C 278 -10.90 2.79 -17.07
N TYR C 279 -11.49 1.75 -17.67
CA TYR C 279 -12.75 1.22 -17.17
C TYR C 279 -12.64 -0.04 -16.40
N TYR C 280 -11.66 -0.88 -16.75
CA TYR C 280 -11.41 -2.12 -16.00
C TYR C 280 -10.23 -2.06 -15.00
N LEU C 281 -9.82 -0.86 -14.56
CA LEU C 281 -8.81 -0.81 -13.49
C LEU C 281 -9.43 -0.24 -12.25
N GLN C 282 -8.88 -0.59 -11.08
CA GLN C 282 -9.24 0.06 -9.80
C GLN C 282 -7.96 0.35 -9.01
N GLN C 283 -7.71 1.62 -8.70
CA GLN C 283 -6.59 2.05 -7.87
C GLN C 283 -6.43 1.26 -6.56
N ILE C 284 -5.24 0.80 -6.28
CA ILE C 284 -5.00 0.10 -5.09
C ILE C 284 -4.10 1.05 -4.36
N PHE C 285 -3.21 1.68 -5.11
CA PHE C 285 -2.13 2.39 -4.48
C PHE C 285 -1.65 3.48 -5.38
N ASP C 286 -1.58 4.69 -4.86
CA ASP C 286 -1.07 5.74 -5.69
C ASP C 286 -0.21 6.67 -4.89
N PHE C 287 1.09 6.59 -5.15
CA PHE C 287 2.00 7.50 -4.48
C PHE C 287 3.33 7.45 -5.17
N GLY C 288 3.58 8.34 -6.12
CA GLY C 288 4.84 8.30 -6.77
C GLY C 288 4.64 7.34 -7.89
N ILE C 289 4.37 6.09 -7.58
CA ILE C 289 3.83 5.12 -8.55
C ILE C 289 2.37 4.86 -8.20
N SER C 290 1.59 4.57 -9.23
CA SER C 290 0.19 4.34 -9.06
C SER C 290 -0.05 2.92 -9.49
N LEU C 291 -0.53 2.04 -8.60
CA LEU C 291 -0.96 0.67 -9.02
C LEU C 291 -2.45 0.42 -8.93
N CYS C 292 -2.91 -0.45 -9.79
CA CYS C 292 -4.29 -0.61 -10.02
C CYS C 292 -4.52 -2.05 -10.12
N MET C 293 -5.63 -2.47 -9.57
CA MET C 293 -5.93 -3.84 -9.63
C MET C 293 -6.86 -4.06 -10.75
N VAL C 294 -6.69 -5.17 -11.44
CA VAL C 294 -7.46 -5.26 -12.69
C VAL C 294 -8.68 -6.18 -12.63
N SER C 295 -9.75 -5.69 -13.21
CA SER C 295 -11.06 -6.20 -12.94
C SER C 295 -11.47 -7.27 -13.95
N ILE C 296 -10.59 -8.16 -14.29
CA ILE C 296 -10.89 -9.19 -15.25
C ILE C 296 -10.44 -10.48 -14.67
N ILE C 297 -11.31 -11.48 -14.67
CA ILE C 297 -11.05 -12.67 -13.89
C ILE C 297 -11.42 -13.95 -14.59
N PRO C 298 -10.57 -14.96 -14.43
CA PRO C 298 -10.68 -16.24 -15.05
C PRO C 298 -11.83 -17.07 -14.47
N VAL C 299 -12.86 -17.34 -15.27
CA VAL C 299 -13.92 -18.29 -14.88
C VAL C 299 -14.56 -18.96 -16.11
N ASP C 300 -14.62 -20.29 -16.08
CA ASP C 300 -14.92 -21.08 -17.25
C ASP C 300 -16.37 -21.53 -17.29
N LEU C 301 -17.02 -21.37 -18.44
CA LEU C 301 -18.32 -22.03 -18.76
C LEU C 301 -18.48 -22.63 -20.20
N ASN C 302 -19.73 -22.64 -20.65
CA ASN C 302 -20.14 -23.52 -21.75
C ASN C 302 -19.40 -23.29 -23.07
N LYS C 303 -19.64 -22.12 -23.65
CA LYS C 303 -19.02 -21.76 -24.89
C LYS C 303 -17.77 -21.07 -24.36
N ASN C 304 -17.04 -20.42 -25.24
CA ASN C 304 -16.42 -19.16 -24.93
C ASN C 304 -17.59 -18.35 -24.37
N THR C 305 -17.70 -18.29 -23.05
CA THR C 305 -18.79 -17.53 -22.46
C THR C 305 -18.16 -16.51 -21.52
N PHE C 306 -18.55 -15.26 -21.72
CA PHE C 306 -17.90 -14.12 -21.09
C PHE C 306 -18.94 -13.41 -20.28
N ILE C 307 -18.60 -13.00 -19.06
CA ILE C 307 -19.52 -12.22 -18.28
C ILE C 307 -19.16 -10.78 -18.25
N LEU C 308 -19.88 -9.97 -19.02
CA LEU C 308 -19.77 -8.56 -18.93
C LEU C 308 -20.51 -8.16 -17.68
N GLY C 309 -19.80 -7.72 -16.66
CA GLY C 309 -20.38 -7.35 -15.38
C GLY C 309 -20.31 -5.86 -15.18
N ASP C 310 -19.98 -5.41 -13.96
CA ASP C 310 -20.01 -3.97 -13.55
C ASP C 310 -19.04 -2.98 -14.25
N PRO C 311 -17.75 -3.36 -14.41
CA PRO C 311 -16.84 -2.56 -15.23
C PRO C 311 -17.37 -2.26 -16.64
N PHE C 312 -18.06 -3.18 -17.26
CA PHE C 312 -18.59 -2.89 -18.58
C PHE C 312 -19.82 -1.99 -18.46
N MET C 313 -20.68 -2.25 -17.49
CA MET C 313 -21.92 -1.47 -17.38
C MET C 313 -21.70 -0.03 -16.86
N ARG C 314 -20.53 0.20 -16.27
CA ARG C 314 -20.21 1.56 -15.87
C ARG C 314 -20.01 2.50 -17.10
N LYS C 315 -19.31 1.98 -18.12
CA LYS C 315 -19.13 2.68 -19.39
C LYS C 315 -20.43 2.83 -20.15
N TYR C 316 -21.10 1.69 -20.40
CA TYR C 316 -22.33 1.63 -21.18
C TYR C 316 -23.60 1.53 -20.33
N PHE C 317 -24.47 2.50 -20.48
CA PHE C 317 -25.86 2.36 -20.06
C PHE C 317 -26.42 1.13 -20.73
N THR C 318 -27.33 0.45 -20.05
CA THR C 318 -27.87 -0.82 -20.53
C THR C 318 -29.38 -0.84 -20.56
N VAL C 319 -29.93 -1.31 -21.67
CA VAL C 319 -31.37 -1.46 -21.78
C VAL C 319 -31.72 -2.91 -22.02
N PHE C 320 -32.58 -3.41 -21.12
CA PHE C 320 -33.04 -4.82 -21.06
C PHE C 320 -34.47 -5.03 -21.51
N ASP C 321 -34.61 -5.66 -22.69
CA ASP C 321 -35.84 -5.69 -23.52
C ASP C 321 -36.45 -7.11 -23.67
N TYR C 322 -37.41 -7.43 -22.81
CA TYR C 322 -38.09 -8.70 -22.88
C TYR C 322 -38.90 -8.79 -24.17
N ASP C 323 -39.49 -7.66 -24.52
CA ASP C 323 -40.32 -7.54 -25.71
C ASP C 323 -39.56 -7.79 -26.97
N ASN C 324 -38.54 -7.00 -27.21
CA ASN C 324 -37.95 -7.18 -28.48
C ASN C 324 -36.79 -8.16 -28.47
N HIS C 325 -36.74 -8.97 -27.39
CA HIS C 325 -35.73 -10.01 -27.13
C HIS C 325 -34.27 -9.60 -27.14
N THR C 326 -34.07 -8.31 -26.91
CA THR C 326 -32.82 -7.61 -27.21
C THR C 326 -32.22 -7.08 -25.93
N VAL C 327 -30.91 -6.85 -26.01
CA VAL C 327 -30.19 -6.05 -25.05
C VAL C 327 -29.59 -4.89 -25.83
N GLY C 328 -29.74 -3.68 -25.30
CA GLY C 328 -29.14 -2.52 -25.94
C GLY C 328 -28.36 -1.57 -25.07
N PHE C 329 -27.31 -0.99 -25.66
CA PHE C 329 -26.30 -0.12 -24.99
C PHE C 329 -26.09 1.27 -25.60
N ALA C 330 -25.74 2.24 -24.73
CA ALA C 330 -25.16 3.58 -25.07
C ALA C 330 -24.02 3.95 -24.13
N LEU C 331 -23.31 5.02 -24.47
CA LEU C 331 -22.40 5.65 -23.49
C LEU C 331 -23.27 6.11 -22.29
N ALA C 332 -22.92 5.60 -21.11
CA ALA C 332 -23.51 6.10 -19.89
C ALA C 332 -23.22 7.61 -19.79
N LYS C 333 -24.28 8.43 -19.69
CA LYS C 333 -24.06 9.85 -19.45
C LYS C 333 -23.03 9.93 -18.31
N LYS C 334 -21.83 10.41 -18.66
CA LYS C 334 -20.64 10.43 -17.76
C LYS C 334 -20.89 11.24 -16.47
N LYS C 335 -22.05 11.93 -16.43
CA LYS C 335 -22.63 12.51 -15.22
C LYS C 335 -23.72 13.56 -15.55
N GLY D 10 18.87 -38.07 10.14
CA GLY D 10 17.60 -38.09 9.34
C GLY D 10 17.84 -38.15 7.83
N ASP D 11 17.67 -36.99 7.18
CA ASP D 11 17.68 -36.79 5.71
C ASP D 11 16.50 -35.83 5.39
N SER D 12 16.82 -34.66 4.82
CA SER D 12 15.81 -33.63 4.53
C SER D 12 15.73 -33.24 3.03
N VAL D 13 14.54 -32.83 2.60
CA VAL D 13 14.41 -32.24 1.29
C VAL D 13 14.35 -30.76 1.55
N THR D 14 15.18 -30.03 0.78
CA THR D 14 15.37 -28.57 0.94
C THR D 14 14.13 -27.86 0.42
N LEU D 15 13.36 -27.24 1.32
CA LEU D 15 12.12 -26.61 0.91
C LEU D 15 12.31 -25.19 0.38
N ASN D 16 11.54 -24.93 -0.68
CA ASN D 16 11.55 -23.66 -1.38
C ASN D 16 10.35 -22.82 -1.01
N ASP D 17 10.59 -21.58 -0.58
CA ASP D 17 9.48 -20.73 -0.22
C ASP D 17 8.95 -19.94 -1.41
N VAL D 18 7.66 -19.70 -1.38
CA VAL D 18 7.02 -18.88 -2.38
C VAL D 18 5.94 -18.03 -1.68
N ALA D 19 6.25 -16.73 -1.58
CA ALA D 19 5.38 -15.76 -0.94
C ALA D 19 4.85 -16.18 0.43
N ASN D 20 5.57 -17.07 1.10
CA ASN D 20 5.08 -17.77 2.31
C ASN D 20 3.68 -18.37 2.18
N VAL D 21 3.25 -18.58 0.93
CA VAL D 21 1.87 -18.94 0.63
C VAL D 21 1.80 -20.41 0.21
N MET D 22 2.92 -20.88 -0.35
CA MET D 22 3.17 -22.31 -0.57
C MET D 22 4.67 -22.60 -0.72
N TYR D 23 5.09 -23.73 -0.17
CA TYR D 23 6.47 -24.16 -0.25
C TYR D 23 6.55 -25.29 -1.25
N TYR D 24 7.70 -25.42 -1.91
CA TYR D 24 7.96 -26.66 -2.67
C TYR D 24 9.39 -27.28 -2.51
N GLY D 25 9.50 -28.54 -2.91
CA GLY D 25 10.79 -29.24 -2.87
C GLY D 25 10.87 -30.08 -4.13
N GLU D 26 12.10 -30.40 -4.54
CA GLU D 26 12.29 -31.32 -5.66
C GLU D 26 12.53 -32.74 -5.16
N ALA D 27 11.94 -33.69 -5.87
CA ALA D 27 12.18 -35.08 -5.60
C ALA D 27 12.16 -35.83 -6.97
N GLN D 28 13.00 -36.88 -7.10
CA GLN D 28 13.17 -37.64 -8.35
C GLN D 28 12.22 -38.83 -8.41
N ILE D 29 11.60 -39.01 -9.58
CA ILE D 29 10.98 -40.28 -9.98
C ILE D 29 11.68 -40.91 -11.24
N GLY D 30 11.90 -42.23 -11.22
CA GLY D 30 12.49 -42.93 -12.35
C GLY D 30 13.92 -43.35 -12.09
N ASP D 31 14.33 -44.43 -12.75
CA ASP D 31 15.71 -44.89 -12.70
C ASP D 31 16.56 -43.89 -13.47
N ASN D 32 15.96 -43.34 -14.52
CA ASN D 32 16.58 -42.27 -15.30
C ASN D 32 16.56 -40.94 -14.52
N LYS D 33 15.83 -40.95 -13.40
CA LYS D 33 15.87 -39.91 -12.40
C LYS D 33 15.47 -38.52 -12.88
N GLN D 34 14.32 -38.44 -13.55
CA GLN D 34 13.66 -37.16 -13.85
C GLN D 34 13.35 -36.44 -12.51
N LYS D 35 13.93 -35.24 -12.31
CA LYS D 35 13.68 -34.38 -11.12
C LYS D 35 12.39 -33.51 -11.27
N PHE D 36 11.67 -33.29 -10.16
CA PHE D 36 10.34 -32.60 -10.17
C PHE D 36 10.16 -31.57 -9.06
N ALA D 37 9.22 -30.64 -9.25
CA ALA D 37 8.78 -29.67 -8.18
C ALA D 37 7.49 -30.17 -7.50
N PHE D 38 7.55 -30.25 -6.17
CA PHE D 38 6.55 -30.94 -5.37
C PHE D 38 6.09 -30.12 -4.17
N ILE D 39 4.80 -30.23 -3.87
CA ILE D 39 4.23 -29.68 -2.65
C ILE D 39 4.07 -30.85 -1.69
N PHE D 40 4.56 -30.72 -0.46
CA PHE D 40 4.49 -31.85 0.46
C PHE D 40 3.41 -31.72 1.51
N ASP D 41 2.37 -32.52 1.33
CA ASP D 41 1.08 -32.13 1.80
C ASP D 41 0.59 -33.11 2.77
N THR D 42 0.76 -32.79 4.04
CA THR D 42 0.36 -33.66 5.12
C THR D 42 -1.15 -33.65 5.26
N GLY D 43 -1.80 -33.23 4.19
CA GLY D 43 -3.25 -33.12 4.17
C GLY D 43 -3.87 -34.09 3.18
N SER D 44 -3.00 -34.66 2.34
CA SER D 44 -3.41 -35.72 1.42
C SER D 44 -2.37 -36.85 1.44
N ALA D 45 -2.76 -38.03 0.94
CA ALA D 45 -1.92 -39.26 0.99
C ALA D 45 -1.80 -39.98 -0.37
N ASN D 46 -1.74 -39.19 -1.44
CA ASN D 46 -1.40 -39.69 -2.75
C ASN D 46 -0.23 -38.99 -3.43
N LEU D 47 0.55 -39.75 -4.17
CA LEU D 47 1.60 -39.10 -4.92
C LEU D 47 1.14 -38.90 -6.38
N TRP D 48 1.56 -37.80 -7.01
CA TRP D 48 1.33 -37.62 -8.47
C TRP D 48 2.30 -36.71 -9.28
N VAL D 49 2.25 -36.92 -10.61
CA VAL D 49 2.99 -36.12 -11.61
C VAL D 49 2.26 -35.98 -12.94
N PRO D 50 2.56 -34.88 -13.65
CA PRO D 50 2.03 -34.70 -14.97
C PRO D 50 2.69 -35.75 -15.89
N SER D 51 1.93 -36.79 -16.19
CA SER D 51 2.28 -37.68 -17.27
C SER D 51 2.76 -36.89 -18.50
N ALA D 52 3.73 -37.45 -19.22
CA ALA D 52 4.08 -37.04 -20.58
C ALA D 52 2.88 -37.10 -21.54
N GLN D 53 1.85 -37.86 -21.14
CA GLN D 53 0.59 -38.01 -21.92
C GLN D 53 -0.57 -37.09 -21.41
N CYS D 54 -0.33 -36.38 -20.29
CA CYS D 54 -1.14 -35.19 -19.91
C CYS D 54 -1.27 -34.20 -21.09
N ASN D 55 -2.48 -34.08 -21.66
CA ASN D 55 -2.67 -33.26 -22.88
C ASN D 55 -3.24 -31.86 -22.69
N THR D 56 -3.34 -31.45 -21.44
CA THR D 56 -3.95 -30.17 -21.08
C THR D 56 -2.89 -29.06 -21.04
N ILE D 57 -3.23 -27.90 -21.61
CA ILE D 57 -2.27 -26.79 -21.83
C ILE D 57 -1.61 -26.25 -20.53
N GLY D 58 -2.33 -26.35 -19.42
CA GLY D 58 -1.78 -26.12 -18.07
C GLY D 58 -0.48 -26.88 -17.83
N CYS D 59 -0.37 -28.02 -18.51
CA CYS D 59 0.76 -28.95 -18.40
C CYS D 59 2.04 -28.46 -19.06
N LYS D 60 1.87 -27.48 -19.95
CA LYS D 60 2.91 -27.14 -20.93
C LYS D 60 4.25 -26.55 -20.45
N THR D 61 4.23 -25.74 -19.39
CA THR D 61 5.48 -25.30 -18.74
C THR D 61 6.05 -26.38 -17.77
N LYS D 62 5.21 -27.39 -17.46
CA LYS D 62 5.50 -28.36 -16.37
C LYS D 62 6.65 -29.36 -16.65
N ASN D 63 7.11 -30.05 -15.60
CA ASN D 63 8.08 -31.15 -15.70
C ASN D 63 7.28 -32.44 -15.92
N LEU D 64 7.46 -33.10 -17.07
CA LEU D 64 6.72 -34.37 -17.32
C LEU D 64 7.52 -35.64 -16.95
N TYR D 65 6.77 -36.69 -16.55
CA TYR D 65 7.36 -38.02 -16.38
C TYR D 65 7.08 -38.85 -17.62
N ASP D 66 8.15 -39.22 -18.33
CA ASP D 66 8.04 -40.11 -19.51
C ASP D 66 8.31 -41.60 -19.17
N SER D 67 7.25 -42.43 -19.12
CA SER D 67 7.32 -43.87 -18.73
C SER D 67 8.25 -44.75 -19.61
N ASN D 68 8.63 -44.19 -20.78
CA ASN D 68 9.76 -44.65 -21.59
C ASN D 68 11.15 -44.58 -20.87
N LYS D 69 11.75 -43.39 -20.69
CA LYS D 69 13.14 -43.21 -20.14
C LYS D 69 13.64 -44.06 -18.95
N SER D 70 12.79 -44.32 -17.94
CA SER D 70 13.21 -45.18 -16.82
C SER D 70 12.95 -46.63 -17.12
N LYS D 71 13.98 -47.46 -16.97
CA LYS D 71 13.88 -48.93 -17.13
C LYS D 71 12.81 -49.46 -16.17
N THR D 72 12.91 -48.97 -14.92
CA THR D 72 12.16 -49.47 -13.75
C THR D 72 10.67 -49.29 -13.89
N TYR D 73 10.26 -48.42 -14.83
CA TYR D 73 8.84 -48.17 -15.03
C TYR D 73 8.10 -49.49 -15.08
N GLU D 74 7.26 -49.71 -14.08
CA GLU D 74 6.43 -50.89 -13.99
C GLU D 74 4.97 -50.49 -14.30
N LYS D 75 4.48 -50.91 -15.47
CA LYS D 75 3.10 -50.65 -15.88
C LYS D 75 2.01 -51.01 -14.84
N ASP D 76 1.00 -50.13 -14.73
CA ASP D 76 -0.24 -50.46 -14.04
C ASP D 76 -1.46 -50.17 -14.93
N GLY D 77 -1.85 -48.90 -15.04
CA GLY D 77 -2.97 -48.47 -15.88
C GLY D 77 -4.35 -48.14 -15.31
N THR D 78 -4.74 -48.65 -14.13
CA THR D 78 -6.06 -48.31 -13.52
C THR D 78 -6.31 -46.79 -13.56
N LYS D 79 -7.53 -46.39 -13.93
CA LYS D 79 -7.84 -44.96 -13.96
C LYS D 79 -8.24 -44.50 -12.57
N VAL D 80 -8.12 -43.18 -12.35
CA VAL D 80 -8.28 -42.61 -11.00
C VAL D 80 -8.63 -41.12 -10.88
N GLU D 81 -9.50 -40.81 -9.91
CA GLU D 81 -9.94 -39.43 -9.65
C GLU D 81 -9.38 -38.89 -8.29
N MET D 82 -8.65 -37.78 -8.35
CA MET D 82 -8.13 -37.12 -7.16
C MET D 82 -9.02 -35.91 -6.77
N ASN D 83 -9.88 -36.06 -5.74
CA ASN D 83 -10.84 -34.97 -5.40
C ASN D 83 -10.50 -33.98 -4.27
N TYR D 84 -9.40 -33.24 -4.42
CA TYR D 84 -9.06 -32.22 -3.46
C TYR D 84 -10.20 -31.21 -3.48
N VAL D 85 -10.49 -30.65 -2.30
CA VAL D 85 -11.49 -29.59 -2.16
C VAL D 85 -11.04 -28.33 -2.92
N SER D 86 -9.77 -28.29 -3.28
CA SER D 86 -9.21 -27.17 -4.04
C SER D 86 -9.08 -27.62 -5.51
N GLY D 87 -9.89 -28.61 -5.89
CA GLY D 87 -9.91 -29.06 -7.27
C GLY D 87 -9.67 -30.55 -7.49
N THR D 88 -9.76 -30.98 -8.74
CA THR D 88 -9.66 -32.42 -9.06
C THR D 88 -8.74 -32.71 -10.26
N VAL D 89 -8.01 -33.81 -10.18
CA VAL D 89 -7.14 -34.21 -11.27
C VAL D 89 -7.56 -35.54 -11.90
N SER D 90 -6.96 -35.86 -13.04
CA SER D 90 -7.29 -37.10 -13.74
C SER D 90 -6.11 -37.80 -14.37
N GLY D 91 -6.15 -39.11 -14.27
CA GLY D 91 -5.17 -39.95 -14.91
C GLY D 91 -5.43 -41.43 -14.69
N PHE D 92 -4.33 -42.12 -14.44
CA PHE D 92 -4.29 -43.55 -14.25
C PHE D 92 -3.06 -43.83 -13.34
N PHE D 93 -3.13 -44.94 -12.59
CA PHE D 93 -2.03 -45.37 -11.75
C PHE D 93 -0.78 -45.85 -12.52
N SER D 94 0.37 -45.82 -11.85
CA SER D 94 1.59 -46.38 -12.41
C SER D 94 2.47 -46.86 -11.26
N LYS D 95 3.68 -47.33 -11.58
CA LYS D 95 4.69 -47.68 -10.56
C LYS D 95 6.12 -47.36 -11.05
N ASP D 96 7.01 -47.03 -10.12
CA ASP D 96 8.41 -46.77 -10.48
C ASP D 96 9.24 -46.53 -9.23
N ILE D 97 10.53 -46.25 -9.41
CA ILE D 97 11.41 -45.97 -8.27
C ILE D 97 11.49 -44.46 -7.97
N VAL D 98 10.69 -44.09 -6.98
CA VAL D 98 10.63 -42.74 -6.44
C VAL D 98 11.88 -42.54 -5.56
N THR D 99 12.51 -41.36 -5.63
CA THR D 99 13.59 -41.00 -4.70
C THR D 99 13.24 -39.67 -4.00
N ILE D 100 13.41 -39.61 -2.67
CA ILE D 100 13.21 -38.34 -1.88
C ILE D 100 14.43 -37.93 -1.01
N ALA D 101 15.07 -36.83 -1.45
CA ALA D 101 16.53 -36.58 -1.25
C ALA D 101 17.32 -37.79 -1.81
N ASN D 102 18.01 -38.53 -0.95
CA ASN D 102 18.68 -39.73 -1.46
C ASN D 102 17.96 -41.04 -1.05
N LEU D 103 16.63 -40.99 -1.01
CA LEU D 103 15.88 -42.17 -0.60
C LEU D 103 15.04 -42.76 -1.71
N SER D 104 15.52 -43.88 -2.26
CA SER D 104 14.89 -44.58 -3.42
C SER D 104 14.11 -45.82 -3.01
N PHE D 105 12.97 -46.00 -3.68
CA PHE D 105 11.94 -46.95 -3.25
C PHE D 105 10.77 -47.12 -4.25
N PRO D 106 10.23 -48.35 -4.33
CA PRO D 106 9.19 -48.65 -5.30
C PRO D 106 7.91 -48.07 -4.80
N TYR D 107 7.24 -47.32 -5.63
CA TYR D 107 6.03 -46.74 -5.16
C TYR D 107 5.04 -46.73 -6.30
N LYS D 108 3.77 -46.72 -5.94
CA LYS D 108 2.66 -46.60 -6.88
C LYS D 108 1.98 -45.23 -6.79
N PHE D 109 1.68 -44.63 -7.95
CA PHE D 109 1.30 -43.23 -8.01
C PHE D 109 0.47 -42.95 -9.22
N ILE D 110 0.00 -41.72 -9.30
CA ILE D 110 -0.93 -41.33 -10.35
C ILE D 110 -0.23 -40.51 -11.42
N GLU D 111 -0.36 -41.00 -12.66
CA GLU D 111 0.11 -40.27 -13.84
C GLU D 111 -0.99 -39.33 -14.29
N VAL D 112 -0.71 -38.03 -14.20
CA VAL D 112 -1.73 -36.99 -14.33
C VAL D 112 -1.85 -36.51 -15.75
N THR D 113 -3.02 -36.78 -16.33
CA THR D 113 -3.31 -36.47 -17.73
C THR D 113 -4.35 -35.36 -17.89
N ASP D 114 -5.26 -35.23 -16.92
CA ASP D 114 -6.22 -34.15 -17.01
C ASP D 114 -6.14 -33.20 -15.81
N THR D 115 -5.37 -32.12 -16.04
CA THR D 115 -5.21 -30.95 -15.11
C THR D 115 -6.28 -29.82 -15.24
N ASN D 116 -7.33 -30.02 -16.03
CA ASN D 116 -8.28 -28.92 -16.25
C ASN D 116 -9.18 -28.50 -15.06
N GLY D 117 -9.61 -29.47 -14.25
CA GLY D 117 -10.42 -29.20 -13.04
C GLY D 117 -9.67 -28.68 -11.80
N PHE D 118 -8.43 -28.23 -12.00
CA PHE D 118 -7.47 -27.85 -10.95
C PHE D 118 -6.62 -26.62 -11.29
N GLU D 119 -7.04 -25.89 -12.32
CA GLU D 119 -6.43 -24.61 -12.63
C GLU D 119 -7.50 -23.58 -12.26
N PRO D 120 -7.19 -22.24 -12.39
CA PRO D 120 -5.89 -21.58 -12.62
C PRO D 120 -4.82 -22.01 -11.62
N ALA D 121 -5.31 -22.41 -10.44
CA ALA D 121 -4.50 -22.92 -9.34
C ALA D 121 -3.18 -23.58 -9.84
N TYR D 122 -3.32 -24.55 -10.75
CA TYR D 122 -2.19 -25.33 -11.21
C TYR D 122 -1.31 -24.52 -12.19
N THR D 123 -1.93 -23.91 -13.19
CA THR D 123 -1.17 -23.26 -14.24
C THR D 123 -0.30 -22.11 -13.69
N LEU D 124 -0.73 -21.43 -12.62
CA LEU D 124 0.17 -20.48 -11.98
C LEU D 124 1.25 -21.18 -11.17
N GLY D 125 0.83 -22.12 -10.31
CA GLY D 125 1.74 -22.74 -9.32
C GLY D 125 3.06 -23.21 -9.92
N GLN D 126 4.15 -23.03 -9.18
CA GLN D 126 5.45 -23.48 -9.67
C GLN D 126 5.87 -24.81 -8.99
N PHE D 127 5.03 -25.78 -9.29
CA PHE D 127 5.11 -27.07 -8.72
C PHE D 127 4.45 -27.99 -9.76
N ASP D 128 4.96 -29.21 -9.86
CA ASP D 128 4.49 -30.13 -10.87
C ASP D 128 3.44 -31.08 -10.32
N GLY D 129 3.71 -31.58 -9.11
CA GLY D 129 2.78 -32.48 -8.44
C GLY D 129 2.79 -32.27 -6.94
N ILE D 130 1.98 -33.07 -6.27
CA ILE D 130 1.98 -33.10 -4.82
C ILE D 130 2.47 -34.47 -4.31
N VAL D 131 3.00 -34.50 -3.08
CA VAL D 131 3.15 -35.76 -2.38
C VAL D 131 2.32 -35.74 -1.12
N GLY D 132 1.55 -36.80 -0.95
CA GLY D 132 0.79 -37.00 0.28
C GLY D 132 1.66 -37.48 1.42
N LEU D 133 1.63 -36.75 2.53
CA LEU D 133 2.35 -37.17 3.71
C LEU D 133 1.35 -37.59 4.75
N GLY D 134 0.13 -37.84 4.25
CA GLY D 134 -1.00 -38.25 5.07
C GLY D 134 -1.04 -39.75 5.17
N TRP D 135 -2.13 -40.24 5.79
CA TRP D 135 -2.28 -41.62 6.23
C TRP D 135 -2.80 -42.54 5.14
N LYS D 136 -2.60 -43.85 5.36
CA LYS D 136 -3.10 -44.94 4.51
C LYS D 136 -4.62 -44.83 4.29
N ASP D 137 -5.36 -44.57 5.38
CA ASP D 137 -6.80 -44.28 5.31
C ASP D 137 -7.22 -43.17 4.30
N LEU D 138 -6.30 -42.24 4.03
CA LEU D 138 -6.65 -41.00 3.38
C LEU D 138 -6.33 -41.14 1.92
N SER D 139 -5.65 -42.23 1.62
CA SER D 139 -5.14 -42.49 0.28
C SER D 139 -6.28 -42.89 -0.62
N ILE D 140 -6.29 -42.36 -1.84
CA ILE D 140 -7.14 -42.91 -2.91
C ILE D 140 -6.37 -44.06 -3.66
N GLY D 141 -6.67 -45.29 -3.26
CA GLY D 141 -6.00 -46.50 -3.79
C GLY D 141 -5.23 -47.27 -2.71
N SER D 142 -5.39 -46.83 -1.46
CA SER D 142 -4.73 -47.42 -0.27
C SER D 142 -3.18 -47.52 -0.32
N VAL D 143 -2.57 -46.75 -1.22
CA VAL D 143 -1.12 -46.65 -1.28
C VAL D 143 -0.60 -46.34 0.13
N ASP D 144 0.26 -47.21 0.64
CA ASP D 144 0.88 -46.96 1.96
C ASP D 144 1.65 -45.63 1.96
N PRO D 145 1.49 -44.81 3.01
CA PRO D 145 2.28 -43.55 3.01
C PRO D 145 3.77 -43.80 2.77
N VAL D 146 4.36 -43.00 1.89
CA VAL D 146 5.79 -43.11 1.50
C VAL D 146 6.76 -43.37 2.67
N VAL D 147 6.54 -42.72 3.81
CA VAL D 147 7.40 -42.92 4.99
C VAL D 147 7.29 -44.35 5.53
N VAL D 148 6.05 -44.86 5.60
CA VAL D 148 5.77 -46.23 6.10
C VAL D 148 6.31 -47.35 5.20
N GLU D 149 6.31 -47.10 3.90
CA GLU D 149 7.05 -47.91 2.98
C GLU D 149 8.53 -47.90 3.37
N LEU D 150 9.16 -46.72 3.33
CA LEU D 150 10.59 -46.58 3.51
C LEU D 150 11.04 -47.38 4.70
N LYS D 151 10.25 -47.29 5.76
CA LYS D 151 10.37 -48.08 7.00
C LYS D 151 10.40 -49.58 6.76
N ASN D 152 9.33 -50.10 6.17
CA ASN D 152 9.18 -51.54 6.00
C ASN D 152 9.97 -52.05 4.81
N GLN D 153 10.98 -51.26 4.42
CA GLN D 153 12.04 -51.69 3.51
C GLN D 153 13.38 -51.48 4.18
N ASN D 154 13.40 -51.62 5.52
CA ASN D 154 14.56 -51.28 6.38
C ASN D 154 15.47 -50.20 5.78
N LYS D 155 14.87 -49.04 5.48
CA LYS D 155 15.57 -47.95 4.81
C LYS D 155 15.76 -46.70 5.63
N ILE D 156 14.96 -46.53 6.67
CA ILE D 156 15.25 -45.53 7.72
C ILE D 156 14.73 -45.94 9.09
N GLU D 157 15.45 -45.43 10.11
CA GLU D 157 15.23 -45.73 11.56
C GLU D 157 13.73 -45.70 12.01
N GLN D 158 13.03 -44.64 11.60
CA GLN D 158 11.67 -44.31 12.10
C GLN D 158 10.62 -43.89 11.03
N ALA D 159 9.42 -44.47 11.14
CA ALA D 159 8.27 -44.01 10.37
C ALA D 159 7.83 -42.70 11.01
N VAL D 160 8.70 -41.69 10.80
CA VAL D 160 8.58 -40.36 11.36
C VAL D 160 9.09 -39.36 10.33
N PHE D 161 8.53 -38.14 10.36
CA PHE D 161 9.15 -37.00 9.67
C PHE D 161 9.02 -35.66 10.40
N THR D 162 9.86 -34.70 10.02
CA THR D 162 9.83 -33.36 10.58
C THR D 162 9.48 -32.31 9.51
N PHE D 163 8.58 -31.41 9.90
CA PHE D 163 8.39 -30.20 9.14
C PHE D 163 9.00 -29.03 9.86
N TYR D 164 10.14 -28.61 9.34
CA TYR D 164 10.71 -27.30 9.60
C TYR D 164 10.49 -26.30 8.47
N LEU D 165 9.53 -25.37 8.68
CA LEU D 165 9.21 -24.30 7.74
C LEU D 165 9.91 -22.98 8.18
N PRO D 166 10.47 -22.24 7.19
CA PRO D 166 11.22 -21.05 7.59
C PRO D 166 10.17 -20.00 7.89
N PHE D 167 10.33 -19.31 9.03
CA PHE D 167 9.61 -18.04 9.26
C PHE D 167 10.34 -16.95 8.42
N ASP D 168 9.68 -16.46 7.35
CA ASP D 168 10.28 -15.58 6.29
C ASP D 168 10.39 -16.18 4.85
N ASP D 169 10.40 -15.27 3.84
CA ASP D 169 10.19 -15.64 2.43
C ASP D 169 11.37 -16.25 1.64
N LYS D 170 12.55 -15.63 1.58
CA LYS D 170 13.69 -16.22 0.78
C LYS D 170 14.83 -16.84 1.63
N HIS D 171 14.52 -18.01 2.20
CA HIS D 171 15.28 -18.76 3.19
C HIS D 171 14.84 -20.18 2.92
N LYS D 172 15.55 -21.18 3.44
CA LYS D 172 15.27 -22.58 3.10
C LYS D 172 14.29 -23.21 4.12
N GLY D 173 13.67 -24.33 3.75
CA GLY D 173 12.74 -25.06 4.64
C GLY D 173 12.77 -26.57 4.45
N TYR D 174 12.44 -27.33 5.50
CA TYR D 174 12.83 -28.74 5.54
C TYR D 174 11.79 -29.82 5.88
N LEU D 175 11.83 -30.86 5.04
CA LEU D 175 11.12 -32.07 5.27
C LEU D 175 12.23 -33.01 5.56
N THR D 176 12.39 -33.28 6.84
CA THR D 176 13.31 -34.29 7.31
C THR D 176 12.55 -35.58 7.44
N ILE D 177 13.21 -36.71 7.15
CA ILE D 177 12.62 -38.06 7.28
C ILE D 177 13.49 -39.00 8.13
N GLY D 178 12.86 -39.88 8.89
CA GLY D 178 13.56 -40.99 9.55
C GLY D 178 13.96 -40.79 11.01
N GLY D 179 14.07 -39.51 11.39
CA GLY D 179 14.38 -39.05 12.76
C GLY D 179 14.37 -37.53 12.93
N ILE D 180 13.75 -37.09 14.03
CA ILE D 180 13.87 -35.76 14.62
C ILE D 180 15.32 -35.19 14.69
N GLU D 181 15.54 -33.95 14.28
CA GLU D 181 16.89 -33.36 14.38
C GLU D 181 17.01 -32.22 15.41
N ASP D 182 18.21 -32.04 16.00
CA ASP D 182 18.48 -31.05 17.10
C ASP D 182 18.54 -29.57 16.67
N ARG D 183 19.32 -29.34 15.62
CA ARG D 183 19.35 -28.10 14.84
C ARG D 183 17.94 -27.43 14.65
N PHE D 184 17.05 -28.17 13.99
CA PHE D 184 15.71 -27.69 13.67
C PHE D 184 14.95 -27.00 14.81
N TYR D 185 15.01 -27.54 16.03
CA TYR D 185 14.17 -27.00 17.11
C TYR D 185 14.91 -26.55 18.35
N GLU D 186 14.15 -26.03 19.32
CA GLU D 186 14.64 -25.81 20.68
C GLU D 186 13.56 -26.01 21.75
N GLY D 187 14.00 -26.01 23.01
CA GLY D 187 13.18 -26.46 24.11
C GLY D 187 12.83 -27.94 23.94
N GLN D 188 11.77 -28.31 24.66
CA GLN D 188 11.27 -29.65 24.76
C GLN D 188 10.48 -30.04 23.51
N LEU D 189 9.48 -30.89 23.68
CA LEU D 189 8.74 -31.38 22.54
C LEU D 189 7.52 -32.15 23.00
N THR D 190 6.47 -31.43 23.43
CA THR D 190 5.15 -32.03 23.71
C THR D 190 4.63 -32.89 22.54
N TYR D 191 3.92 -33.97 22.86
CA TYR D 191 3.21 -34.76 21.83
C TYR D 191 1.73 -34.77 22.12
N GLU D 192 0.92 -34.97 21.08
CA GLU D 192 -0.49 -35.29 21.26
C GLU D 192 -0.81 -36.37 20.24
N LYS D 193 -1.98 -37.00 20.38
CA LYS D 193 -2.25 -38.25 19.65
C LYS D 193 -3.45 -38.06 18.74
N LEU D 194 -3.38 -38.69 17.59
CA LEU D 194 -4.40 -38.57 16.59
C LEU D 194 -5.75 -39.09 17.06
N ASN D 195 -6.80 -38.32 16.80
CA ASN D 195 -8.12 -38.83 17.08
C ASN D 195 -8.74 -39.63 15.92
N HIS D 196 -7.89 -39.94 14.93
CA HIS D 196 -8.18 -40.78 13.74
C HIS D 196 -6.89 -40.89 12.97
N ASP D 197 -6.68 -42.04 12.36
CA ASP D 197 -5.50 -42.23 11.52
C ASP D 197 -5.86 -41.86 10.07
N LEU D 198 -6.42 -40.66 9.93
CA LEU D 198 -6.93 -40.20 8.67
C LEU D 198 -6.02 -39.04 8.20
N TYR D 199 -6.44 -37.82 8.54
CA TYR D 199 -5.56 -36.65 8.58
C TYR D 199 -4.67 -36.71 9.82
N TRP D 200 -3.60 -35.91 9.86
CA TRP D 200 -2.87 -35.72 11.12
C TRP D 200 -3.73 -34.80 11.96
N GLN D 201 -4.90 -35.31 12.39
CA GLN D 201 -5.88 -34.57 13.21
C GLN D 201 -5.75 -34.93 14.67
N VAL D 202 -5.79 -33.90 15.51
CA VAL D 202 -5.66 -34.05 16.96
C VAL D 202 -6.87 -33.41 17.64
N ASP D 203 -7.10 -33.86 18.87
CA ASP D 203 -8.17 -33.32 19.68
C ASP D 203 -7.66 -32.20 20.59
N LEU D 204 -8.40 -31.08 20.53
CA LEU D 204 -7.91 -29.75 20.98
C LEU D 204 -8.91 -28.77 21.60
N ASP D 205 -8.59 -28.35 22.82
CA ASP D 205 -9.22 -27.20 23.49
C ASP D 205 -8.69 -25.91 22.86
N LEU D 206 -9.63 -25.28 22.15
CA LEU D 206 -9.34 -24.24 21.21
C LEU D 206 -9.81 -22.92 21.77
N HIS D 207 -8.86 -22.15 22.29
CA HIS D 207 -9.17 -20.88 22.86
C HIS D 207 -8.58 -19.78 22.02
N PHE D 208 -9.29 -18.66 22.01
CA PHE D 208 -9.11 -17.70 21.00
C PHE D 208 -9.86 -16.53 21.56
N GLY D 209 -9.17 -15.51 22.07
CA GLY D 209 -9.86 -14.46 22.84
C GLY D 209 -10.83 -15.10 23.83
N ASN D 210 -12.08 -14.69 23.83
CA ASN D 210 -13.10 -15.35 24.65
C ASN D 210 -13.38 -16.72 24.11
N LEU D 211 -13.87 -16.73 22.87
CA LEU D 211 -14.37 -17.93 22.20
C LEU D 211 -13.42 -19.11 22.32
N THR D 212 -13.80 -19.99 23.22
CA THR D 212 -13.28 -21.31 23.11
C THR D 212 -14.26 -22.03 22.16
N VAL D 213 -13.82 -23.21 21.74
CA VAL D 213 -14.69 -24.27 21.28
C VAL D 213 -13.96 -25.58 21.69
N GLU D 214 -14.42 -26.07 22.85
CA GLU D 214 -13.90 -27.24 23.57
C GLU D 214 -13.75 -28.48 22.68
N LYS D 215 -12.65 -29.19 22.89
CA LYS D 215 -12.42 -30.51 22.30
C LYS D 215 -12.64 -30.53 20.78
N ALA D 216 -12.00 -29.57 20.11
CA ALA D 216 -12.05 -29.44 18.65
C ALA D 216 -11.10 -30.45 18.01
N THR D 217 -11.35 -30.74 16.74
CA THR D 217 -10.37 -31.48 15.96
C THR D 217 -9.53 -30.52 15.10
N ALA D 218 -8.22 -30.69 15.22
CA ALA D 218 -7.29 -29.76 14.64
C ALA D 218 -6.34 -30.49 13.68
N ILE D 219 -6.49 -30.29 12.38
CA ILE D 219 -5.63 -30.93 11.37
C ILE D 219 -4.29 -30.20 11.17
N VAL D 220 -3.16 -30.86 11.41
CA VAL D 220 -1.89 -30.27 11.00
C VAL D 220 -1.76 -30.57 9.52
N ASP D 221 -1.25 -29.61 8.75
CA ASP D 221 -1.32 -29.63 7.29
C ASP D 221 -0.44 -28.60 6.67
N SER D 222 0.63 -29.05 6.04
CA SER D 222 1.62 -28.17 5.43
C SER D 222 1.21 -27.61 4.07
N GLY D 223 0.08 -28.09 3.55
CA GLY D 223 -0.31 -27.79 2.17
C GLY D 223 -0.99 -26.45 2.16
N THR D 224 -1.58 -26.15 3.33
CA THR D 224 -2.46 -25.01 3.57
C THR D 224 -1.58 -23.90 3.92
N SER D 225 -1.90 -22.75 3.35
CA SER D 225 -0.98 -21.65 3.41
C SER D 225 -1.29 -20.82 4.60
N SER D 226 -2.33 -21.21 5.31
CA SER D 226 -3.13 -20.30 6.08
C SER D 226 -3.68 -21.05 7.30
N ILE D 227 -4.35 -20.38 8.22
CA ILE D 227 -5.07 -21.11 9.29
C ILE D 227 -6.56 -20.99 9.05
N THR D 228 -7.33 -22.00 9.41
CA THR D 228 -8.75 -21.87 9.12
C THR D 228 -9.57 -21.97 10.36
N ALA D 229 -10.81 -21.53 10.24
CA ALA D 229 -11.75 -21.76 11.28
C ALA D 229 -13.13 -21.83 10.67
N PRO D 230 -14.07 -22.52 11.36
CA PRO D 230 -15.50 -22.42 11.18
C PRO D 230 -15.91 -21.03 10.75
N THR D 231 -16.66 -20.95 9.65
CA THR D 231 -17.05 -19.66 9.04
C THR D 231 -17.82 -18.78 10.04
N GLU D 232 -18.51 -19.47 10.96
CA GLU D 232 -19.44 -18.86 11.92
C GLU D 232 -18.71 -18.39 13.18
N PHE D 233 -17.90 -19.28 13.75
CA PHE D 233 -17.05 -18.98 14.91
C PHE D 233 -16.06 -17.90 14.57
N LEU D 234 -15.64 -17.84 13.31
CA LEU D 234 -14.70 -16.82 12.94
C LEU D 234 -15.37 -15.48 12.77
N ASN D 235 -16.31 -15.40 11.84
CA ASN D 235 -17.07 -14.19 11.59
C ASN D 235 -17.41 -13.54 12.94
N LYS D 236 -17.86 -14.36 13.90
CA LYS D 236 -18.18 -13.92 15.25
C LYS D 236 -16.93 -13.40 15.96
N PHE D 237 -15.77 -13.94 15.64
CA PHE D 237 -14.55 -13.53 16.31
C PHE D 237 -14.03 -12.14 16.01
N PHE D 238 -13.84 -11.84 14.72
CA PHE D 238 -13.25 -10.60 14.29
C PHE D 238 -14.10 -9.42 14.66
N GLU D 239 -15.40 -9.65 14.85
CA GLU D 239 -16.41 -8.63 15.19
C GLU D 239 -15.91 -7.81 16.34
N GLY D 240 -15.69 -6.53 16.15
CA GLY D 240 -15.31 -5.65 17.26
C GLY D 240 -13.83 -5.42 17.43
N LEU D 241 -13.03 -6.26 16.79
CA LEU D 241 -11.58 -6.07 16.57
C LEU D 241 -11.44 -4.96 15.52
N ASP D 242 -10.28 -4.73 14.91
CA ASP D 242 -10.42 -3.83 13.75
C ASP D 242 -9.96 -4.39 12.43
N VAL D 243 -10.62 -5.47 12.07
CA VAL D 243 -10.22 -6.29 11.00
C VAL D 243 -11.29 -6.21 9.94
N VAL D 244 -11.06 -5.35 8.95
CA VAL D 244 -11.92 -5.28 7.77
C VAL D 244 -11.71 -6.37 6.75
N LYS D 245 -12.83 -6.80 6.20
CA LYS D 245 -12.88 -7.94 5.31
C LYS D 245 -13.12 -7.35 3.93
N ILE D 246 -12.28 -7.73 2.97
CA ILE D 246 -12.37 -7.16 1.63
C ILE D 246 -13.36 -8.00 0.75
N PRO D 247 -14.41 -7.33 0.23
CA PRO D 247 -15.70 -7.89 -0.19
C PRO D 247 -15.64 -9.04 -1.26
N PHE D 248 -16.49 -10.04 -1.01
CA PHE D 248 -16.39 -11.41 -1.53
C PHE D 248 -15.02 -12.06 -1.84
N LEU D 249 -13.95 -11.68 -1.18
CA LEU D 249 -12.76 -12.52 -1.17
C LEU D 249 -12.47 -13.02 0.26
N PRO D 250 -12.00 -14.28 0.43
CA PRO D 250 -11.76 -14.74 1.82
C PRO D 250 -10.51 -14.06 2.39
N LEU D 251 -10.63 -12.75 2.68
CA LEU D 251 -9.48 -11.89 2.98
C LEU D 251 -9.83 -10.74 3.90
N TYR D 252 -8.89 -10.39 4.77
CA TYR D 252 -9.13 -9.46 5.87
C TYR D 252 -7.90 -8.61 6.09
N ILE D 253 -8.05 -7.30 6.20
CA ILE D 253 -6.88 -6.46 6.45
C ILE D 253 -7.04 -5.83 7.76
N THR D 254 -5.95 -5.52 8.42
CA THR D 254 -5.97 -4.89 9.73
C THR D 254 -4.67 -4.14 9.76
N THR D 255 -4.45 -3.26 10.73
CA THR D 255 -3.16 -2.61 10.89
C THR D 255 -2.35 -3.56 11.69
N CYS D 256 -1.03 -3.55 11.55
CA CYS D 256 -0.24 -4.61 12.19
C CYS D 256 -0.01 -4.39 13.65
N ASN D 257 -0.08 -3.14 14.09
CA ASN D 257 0.05 -2.80 15.47
C ASN D 257 -1.31 -3.03 16.21
N ASN D 258 -2.39 -3.33 15.48
CA ASN D 258 -3.73 -3.44 16.07
C ASN D 258 -3.65 -4.09 17.43
N PRO D 259 -4.02 -3.35 18.49
CA PRO D 259 -3.90 -3.89 19.79
C PRO D 259 -5.11 -4.66 20.21
N LYS D 260 -6.19 -4.64 19.42
CA LYS D 260 -7.35 -5.45 19.81
C LYS D 260 -7.03 -6.90 19.59
N LEU D 261 -5.94 -7.18 18.84
CA LEU D 261 -5.65 -8.55 18.38
C LEU D 261 -5.06 -9.40 19.47
N PRO D 262 -5.75 -10.50 19.81
CA PRO D 262 -5.25 -11.46 20.78
C PRO D 262 -4.29 -12.50 20.22
N THR D 263 -3.61 -13.15 21.14
CA THR D 263 -2.95 -14.42 20.91
C THR D 263 -3.98 -15.55 20.93
N LEU D 264 -3.64 -16.60 20.19
CA LEU D 264 -4.49 -17.76 20.01
C LEU D 264 -4.01 -18.90 20.90
N GLU D 265 -4.96 -19.59 21.52
CA GLU D 265 -4.61 -20.72 22.38
C GLU D 265 -4.98 -22.14 21.90
N PHE D 266 -3.98 -23.00 22.07
CA PHE D 266 -4.12 -24.40 21.79
C PHE D 266 -3.56 -25.15 22.98
N ARG D 267 -4.41 -25.42 23.98
CA ARG D 267 -4.08 -26.24 25.17
C ARG D 267 -4.64 -27.66 25.05
N SER D 268 -3.91 -28.65 25.61
CA SER D 268 -4.34 -30.06 25.71
C SER D 268 -4.25 -30.54 27.16
N ALA D 269 -4.32 -31.86 27.36
CA ALA D 269 -4.13 -32.51 28.69
C ALA D 269 -2.68 -32.34 29.20
N THR D 270 -1.72 -32.61 28.32
CA THR D 270 -0.28 -32.36 28.53
C THR D 270 0.07 -30.90 28.54
N ASN D 271 -0.39 -30.16 27.50
CA ASN D 271 0.16 -28.82 27.23
C ASN D 271 -0.64 -27.83 26.36
N VAL D 272 -0.10 -26.60 26.30
CA VAL D 272 -0.66 -25.46 25.62
C VAL D 272 0.29 -24.81 24.57
N TYR D 273 -0.31 -24.41 23.44
CA TYR D 273 0.34 -23.78 22.28
C TYR D 273 -0.47 -22.57 22.02
N THR D 274 0.16 -21.60 21.36
CA THR D 274 -0.42 -20.27 21.22
C THR D 274 0.11 -19.60 20.00
N LEU D 275 -0.81 -18.98 19.26
CA LEU D 275 -0.40 -18.19 18.10
C LEU D 275 -0.47 -16.65 18.30
N GLU D 276 0.72 -16.05 18.50
CA GLU D 276 0.87 -14.59 18.57
C GLU D 276 0.42 -13.93 17.26
N PRO D 277 -0.23 -12.77 17.36
CA PRO D 277 -0.51 -12.10 16.13
C PRO D 277 0.74 -11.96 15.20
N GLU D 278 1.95 -11.90 15.74
CA GLU D 278 3.13 -11.78 14.85
C GLU D 278 3.32 -13.00 13.88
N TYR D 279 2.49 -14.04 14.07
CA TYR D 279 2.65 -15.28 13.31
C TYR D 279 1.53 -15.43 12.32
N TYR D 280 0.37 -14.83 12.59
CA TYR D 280 -0.72 -14.86 11.62
C TYR D 280 -1.00 -13.55 10.87
N LEU D 281 -0.01 -12.68 10.75
CA LEU D 281 -0.20 -11.54 9.88
C LEU D 281 0.82 -11.61 8.79
N GLN D 282 0.54 -10.92 7.69
CA GLN D 282 1.46 -10.76 6.57
C GLN D 282 1.36 -9.30 6.09
N GLN D 283 2.52 -8.63 6.02
CA GLN D 283 2.66 -7.22 5.56
C GLN D 283 2.22 -7.01 4.12
N ILE D 284 1.79 -5.82 3.80
CA ILE D 284 1.28 -5.56 2.50
C ILE D 284 1.77 -4.18 2.19
N PHE D 285 2.02 -3.42 3.25
CA PHE D 285 2.16 -2.01 3.11
C PHE D 285 2.79 -1.49 4.37
N ASP D 286 3.94 -0.84 4.24
CA ASP D 286 4.56 -0.22 5.37
C ASP D 286 5.11 1.09 4.99
N PHE D 287 4.40 2.11 5.36
CA PHE D 287 4.83 3.42 5.11
C PHE D 287 4.05 4.23 6.10
N GLY D 288 4.68 4.58 7.20
CA GLY D 288 3.96 5.38 8.17
C GLY D 288 3.01 4.47 8.91
N ILE D 289 1.84 4.23 8.37
CA ILE D 289 0.98 3.25 8.99
C ILE D 289 1.37 2.02 8.24
N SER D 290 1.09 0.89 8.82
CA SER D 290 1.50 -0.30 8.23
C SER D 290 0.38 -1.35 8.40
N LEU D 291 -0.11 -1.85 7.26
CA LEU D 291 -1.20 -2.80 7.22
C LEU D 291 -0.76 -4.16 6.80
N CYS D 292 -1.47 -5.13 7.32
CA CYS D 292 -1.09 -6.50 7.23
C CYS D 292 -2.34 -7.18 6.95
N MET D 293 -2.18 -8.25 6.19
CA MET D 293 -3.29 -9.07 5.88
C MET D 293 -3.30 -10.27 6.76
N VAL D 294 -4.50 -10.70 7.18
CA VAL D 294 -4.57 -11.72 8.22
C VAL D 294 -4.86 -13.13 7.72
N SER D 295 -4.09 -14.08 8.27
CA SER D 295 -3.96 -15.40 7.72
C SER D 295 -4.90 -16.42 8.30
N ILE D 296 -6.07 -15.97 8.68
CA ILE D 296 -7.04 -16.86 9.22
C ILE D 296 -8.23 -16.72 8.32
N ILE D 297 -8.77 -17.86 7.92
CA ILE D 297 -9.86 -17.82 6.98
C ILE D 297 -11.02 -18.79 7.33
N PRO D 298 -12.26 -18.35 7.11
CA PRO D 298 -13.46 -19.16 7.28
C PRO D 298 -13.57 -20.37 6.33
N VAL D 299 -13.57 -21.59 6.88
CA VAL D 299 -13.88 -22.84 6.11
C VAL D 299 -14.47 -23.95 6.98
N ASP D 300 -15.66 -24.42 6.60
CA ASP D 300 -16.46 -25.34 7.42
C ASP D 300 -16.27 -26.82 7.08
N LEU D 301 -16.13 -27.68 8.09
CA LEU D 301 -16.21 -29.16 7.93
C LEU D 301 -16.86 -29.83 9.14
N ASN D 302 -16.41 -31.04 9.41
CA ASN D 302 -17.15 -32.04 10.22
C ASN D 302 -17.45 -31.66 11.68
N LYS D 303 -16.40 -31.49 12.47
CA LYS D 303 -16.56 -31.15 13.86
C LYS D 303 -16.42 -29.63 13.78
N ASN D 304 -16.31 -29.02 14.94
CA ASN D 304 -15.29 -27.99 15.14
C ASN D 304 -13.98 -28.61 14.59
N THR D 305 -13.70 -28.34 13.31
CA THR D 305 -12.48 -28.83 12.71
C THR D 305 -11.68 -27.66 12.23
N PHE D 306 -10.46 -27.54 12.78
CA PHE D 306 -9.53 -26.45 12.49
C PHE D 306 -8.40 -26.95 11.57
N ILE D 307 -8.03 -26.17 10.57
CA ILE D 307 -6.75 -26.46 9.93
C ILE D 307 -5.61 -25.56 10.39
N LEU D 308 -4.75 -26.09 11.25
CA LEU D 308 -3.47 -25.45 11.42
C LEU D 308 -2.62 -25.62 10.16
N GLY D 309 -2.40 -24.56 9.43
CA GLY D 309 -1.57 -24.65 8.24
C GLY D 309 -0.18 -24.07 8.42
N ASP D 310 0.24 -23.26 7.46
CA ASP D 310 1.60 -22.73 7.45
C ASP D 310 1.92 -21.70 8.54
N PRO D 311 1.03 -20.74 8.80
CA PRO D 311 1.28 -19.79 9.87
C PRO D 311 1.57 -20.44 11.20
N PHE D 312 0.86 -21.53 11.51
CA PHE D 312 1.16 -22.28 12.73
C PHE D 312 2.54 -23.00 12.64
N MET D 313 2.81 -23.71 11.53
CA MET D 313 4.06 -24.45 11.42
C MET D 313 5.31 -23.58 11.30
N ARG D 314 5.12 -22.28 11.04
CA ARG D 314 6.27 -21.40 11.00
C ARG D 314 6.76 -21.24 12.44
N LYS D 315 5.82 -21.18 13.39
CA LYS D 315 6.17 -21.06 14.80
C LYS D 315 6.71 -22.36 15.36
N TYR D 316 5.93 -23.41 15.20
CA TYR D 316 6.22 -24.75 15.75
C TYR D 316 6.82 -25.74 14.76
N PHE D 317 8.07 -26.13 15.02
CA PHE D 317 8.65 -27.29 14.40
C PHE D 317 7.69 -28.43 14.66
N THR D 318 7.57 -29.29 13.65
CA THR D 318 6.58 -30.32 13.67
C THR D 318 7.22 -31.65 13.39
N VAL D 319 6.78 -32.63 14.19
CA VAL D 319 7.22 -34.00 14.03
C VAL D 319 5.96 -34.86 13.88
N PHE D 320 5.98 -35.62 12.78
CA PHE D 320 4.90 -36.51 12.34
C PHE D 320 5.25 -38.02 12.48
N ASP D 321 4.58 -38.67 13.44
CA ASP D 321 4.99 -39.99 13.98
C ASP D 321 3.96 -41.11 13.67
N TYR D 322 4.26 -41.90 12.65
CA TYR D 322 3.37 -42.97 12.21
C TYR D 322 3.37 -44.08 13.23
N ASP D 323 4.55 -44.29 13.79
CA ASP D 323 4.79 -45.27 14.84
C ASP D 323 4.01 -44.98 16.10
N ASN D 324 4.28 -43.86 16.73
CA ASN D 324 3.67 -43.68 18.02
C ASN D 324 2.29 -42.98 17.95
N HIS D 325 1.67 -43.07 16.77
CA HIS D 325 0.39 -42.37 16.44
C HIS D 325 0.20 -40.86 16.87
N THR D 326 1.33 -40.21 17.12
CA THR D 326 1.38 -38.88 17.67
C THR D 326 1.70 -37.85 16.60
N VAL D 327 1.39 -36.60 16.93
CA VAL D 327 2.02 -35.43 16.35
C VAL D 327 2.73 -34.73 17.51
N GLY D 328 3.92 -34.19 17.25
CA GLY D 328 4.69 -33.45 18.27
C GLY D 328 5.37 -32.15 17.84
N PHE D 329 5.28 -31.13 18.72
CA PHE D 329 5.71 -29.72 18.43
C PHE D 329 6.72 -29.07 19.37
N ALA D 330 7.54 -28.19 18.79
CA ALA D 330 8.47 -27.30 19.51
C ALA D 330 8.56 -25.92 18.85
N LEU D 331 9.09 -24.94 19.57
CA LEU D 331 9.53 -23.65 18.99
C LEU D 331 10.50 -23.92 17.84
N ALA D 332 10.10 -23.57 16.62
CA ALA D 332 11.03 -23.63 15.48
C ALA D 332 12.28 -22.85 15.88
N LYS D 333 13.47 -23.45 15.69
CA LYS D 333 14.69 -22.67 15.90
C LYS D 333 14.48 -21.47 15.01
N LYS D 334 14.35 -20.28 15.65
CA LYS D 334 14.01 -18.98 15.00
C LYS D 334 15.08 -18.59 13.94
N LYS D 335 16.23 -19.29 13.97
CA LYS D 335 17.16 -19.33 12.83
C LYS D 335 18.49 -20.05 13.16
N2 006 E . 6.82 31.90 -1.26
C20 006 E . 5.94 30.78 -1.41
O20 006 E . 4.00 31.52 -2.48
C21 006 E . 4.91 31.07 -0.36
O21 006 E . 3.85 29.19 -3.05
C22 006 E . 5.55 30.80 0.96
C23 006 E . 5.64 31.82 1.88
C24 006 E . 6.26 31.53 3.10
C25 006 E . 6.79 30.26 3.39
C26 006 E . 6.70 29.25 2.45
C27 006 E . 6.08 29.52 1.22
C28 006 E . 5.27 30.93 -2.73
C29 006 E . 4.96 29.59 -3.25
N30 006 E . 5.22 25.53 -3.11
O30 006 E . 3.85 23.62 -3.20
C31 006 E . 5.74 24.52 -2.21
C32 006 E . 5.26 24.69 -0.83
C33 006 E . 5.31 25.87 -0.05
C34 006 E . 4.79 25.88 1.25
C35 006 E . 5.06 23.20 -2.58
C36 006 E . 4.73 23.53 -0.33
C37 006 E . 4.20 23.52 0.96
C38 006 E . 4.23 24.70 1.73
C39 006 E . 4.75 22.40 -1.32
C40 006 E . 11.00 37.75 -0.67
O40 006 E . 8.51 30.48 -1.13
C41 006 E . 10.52 37.38 -1.91
O41 006 E . 8.62 34.20 -1.08
C42 006 E . 9.75 36.23 -2.03
C43 006 E . 9.31 35.96 -3.46
C44 006 E . 9.67 35.03 1.59
C45 006 E . 9.42 35.38 -0.94
C46 006 E . 9.93 35.80 0.31
C47 006 E . 10.69 36.95 0.42
C48 006 E . 8.13 31.67 -1.10
C49 006 E . 9.10 32.85 -0.88
C50 006 E . 7.26 29.29 -4.16
N50 006 E . 5.88 28.88 -3.89
O50 006 E . 7.10 26.60 -3.07
S50 006 E . 7.77 28.26 -5.45
C51 006 E . 6.19 27.59 -5.82
C52 006 E . 6.28 26.28 -6.64
C53 006 E . 5.39 28.58 -6.65
C54 006 E . 5.55 27.58 -4.42
C55 006 E . 6.01 26.51 -3.48
C1 GOL F . 6.49 38.72 7.73
O1 GOL F . 7.27 38.51 6.57
C2 GOL F . 5.14 37.96 7.66
O2 GOL F . 5.33 36.55 7.47
C3 GOL F . 4.43 38.19 9.01
O3 GOL F . 3.12 37.65 9.07
C1 GOL G . 3.78 18.08 0.56
O1 GOL G . 4.43 18.26 -0.67
C2 GOL G . 2.38 18.68 0.44
O2 GOL G . 1.86 18.54 -0.87
C3 GOL G . 1.47 18.12 1.55
O3 GOL G . 0.33 17.42 1.09
C1 GOL H . 10.67 22.13 2.48
O1 GOL H . 10.68 20.71 2.37
C2 GOL H . 9.42 22.80 1.87
O2 GOL H . 8.36 21.90 1.54
C3 GOL H . 8.89 23.87 2.84
O3 GOL H . 8.56 24.98 2.05
N2 006 I . 26.07 15.22 11.97
C20 006 I . 25.35 14.16 11.25
O20 006 I . 26.20 11.96 12.00
C21 006 I . 26.21 13.77 10.07
O21 006 I . 23.76 11.29 11.44
C22 006 I . 25.93 14.70 8.95
C23 006 I . 26.79 15.76 8.72
C24 006 I . 26.51 16.62 7.67
C25 006 I . 25.38 16.41 6.88
C26 006 I . 24.51 15.35 7.10
C27 006 I . 24.81 14.50 8.15
C28 006 I . 25.23 12.99 12.21
C29 006 I . 23.90 12.31 12.10
N30 006 I . 20.11 11.67 10.95
O30 006 I . 19.09 9.64 9.28
C31 006 I . 19.26 11.98 9.78
C32 006 I . 19.93 12.15 8.49
C33 006 I . 21.17 12.69 8.22
C34 006 I . 21.58 12.75 6.91
C35 006 I . 18.34 10.83 9.44
C36 006 I . 19.12 11.71 7.52
C37 006 I . 19.50 11.76 6.20
C38 006 I . 20.74 12.29 5.92
C39 006 I . 17.83 11.17 8.07
C40 006 I . 29.28 21.43 14.04
O40 006 I . 24.74 17.01 11.46
C41 006 I . 28.59 21.45 12.82
O41 006 I . 27.87 17.86 12.28
C42 006 I . 28.12 20.29 12.21
C43 006 I . 27.39 20.46 10.89
C44 006 I . 29.37 17.77 14.89
C45 006 I . 28.36 19.03 12.84
C46 006 I . 29.06 19.02 14.09
C47 006 I . 29.51 20.21 14.67
C48 006 I . 25.73 16.51 11.99
C49 006 I . 26.62 17.41 12.82
C50 006 I . 23.02 14.08 13.60
N50 006 I . 22.93 12.87 12.79
O50 006 I . 20.79 13.77 11.24
S50 006 I . 21.53 14.21 14.48
C51 006 I . 20.91 12.64 14.08
C52 006 I . 19.39 12.66 14.05
C53 006 I . 21.39 11.74 15.19
C54 006 I . 21.61 12.25 12.78
C55 006 I . 20.81 12.62 11.58
C1 GOL J . 34.11 16.93 4.73
O1 GOL J . 35.42 16.67 4.21
C2 GOL J . 34.10 17.82 5.99
O2 GOL J . 34.00 19.21 5.72
C3 GOL J . 32.87 17.43 6.80
O3 GOL J . 31.91 18.46 6.90
C1 GOL K . 35.33 14.18 -10.99
O1 GOL K . 36.70 13.82 -11.16
C2 GOL K . 35.19 15.25 -9.90
O2 GOL K . 35.15 14.67 -8.62
C3 GOL K . 36.31 16.30 -9.92
O3 GOL K . 35.72 17.55 -9.64
N2 006 L . -25.36 -16.51 -11.48
C20 006 L . -24.41 -15.43 -11.25
O20 006 L . -25.59 -13.49 -11.95
C21 006 L . -23.63 -15.12 -12.53
O21 006 L . -23.81 -12.55 -10.58
C22 006 L . -22.65 -16.23 -12.86
C23 006 L . -22.87 -17.11 -13.92
C24 006 L . -21.96 -18.15 -14.21
C25 006 L . -20.81 -18.29 -13.46
C26 006 L . -20.58 -17.42 -12.42
C27 006 L . -21.51 -16.43 -12.12
C28 006 L . -25.28 -14.27 -10.83
C29 006 L . -24.48 -13.36 -9.99
N30 006 L . -21.36 -12.09 -7.58
O30 006 L . -19.49 -9.99 -7.47
C31 006 L . -19.92 -12.45 -7.46
C32 006 L . -19.21 -12.89 -8.68
C33 006 L . -19.68 -13.74 -9.67
C34 006 L . -18.80 -13.99 -10.72
C35 006 L . -19.03 -11.26 -7.02
C36 006 L . -17.92 -12.35 -8.71
C37 006 L . -17.05 -12.59 -9.76
C38 006 L . -17.51 -13.43 -10.77
C39 006 L . -17.63 -11.47 -7.53
C40 006 L . -30.10 -21.89 -11.60
O40 006 L . -24.26 -17.49 -9.85
C41 006 L . -28.83 -22.14 -12.08
O41 006 L . -27.13 -18.87 -11.63
C42 006 L . -27.84 -21.20 -12.10
C43 006 L . -26.53 -21.67 -12.65
C44 006 L . -29.76 -18.29 -10.62
C45 006 L . -28.09 -19.91 -11.64
C46 006 L . -29.37 -19.66 -11.16
C47 006 L . -30.35 -20.64 -11.13
C48 006 L . -25.18 -17.55 -10.66
C49 006 L . -26.04 -18.82 -10.69
C50 006 L . -25.35 -14.45 -7.90
N50 006 L . -24.54 -13.48 -8.65
O50 006 L . -22.10 -14.19 -7.74
S50 006 L . -25.12 -14.14 -6.21
C51 006 L . -24.40 -12.54 -6.38
C52 006 L . -23.39 -12.28 -5.29
C53 006 L . -25.51 -11.51 -6.35
C54 006 L . -23.76 -12.58 -7.77
C55 006 L . -22.33 -13.01 -7.68
C1 GOL M . -17.82 -12.03 0.62
O1 GOL M . -18.18 -13.39 0.55
C2 GOL M . -18.48 -11.23 1.76
O2 GOL M . -17.58 -11.19 2.87
C3 GOL M . -18.81 -9.81 1.25
O3 GOL M . -20.22 -9.57 1.02
C1 GOL N . -15.99 -18.07 -7.98
O1 GOL N . -17.35 -17.92 -8.32
C2 GOL N . -15.35 -16.76 -8.44
O2 GOL N . -15.96 -15.70 -7.72
C3 GOL N . -13.81 -16.73 -8.48
O3 GOL N . -13.25 -15.92 -7.47
C1 GOL O . -24.07 -21.94 -19.62
O1 GOL O . -22.75 -21.50 -19.93
C2 GOL O . -25.08 -20.96 -20.19
O2 GOL O . -24.83 -19.76 -19.49
C3 GOL O . -24.76 -20.73 -21.67
O3 GOL O . -25.62 -19.71 -22.12
N2 006 P . -7.00 -31.97 1.28
C20 006 P . -6.49 -30.61 1.22
O20 006 P . -4.35 -31.57 1.71
C21 006 P . -6.47 -30.16 2.68
O21 006 P . -3.85 -28.99 1.77
C22 006 P . -7.85 -29.84 3.23
C23 006 P . -8.37 -30.66 4.24
C24 006 P . -9.64 -30.38 4.77
C25 006 P . -10.37 -29.29 4.29
C26 006 P . -9.85 -28.47 3.30
C27 006 P . -8.58 -28.73 2.77
C28 006 P . -5.04 -30.77 0.78
C29 006 P . -4.30 -29.49 0.76
N30 006 P . -3.89 -25.26 -0.36
O30 006 P . -2.65 -22.76 0.06
C31 006 P . -4.75 -24.07 -0.37
C32 006 P . -5.72 -23.93 0.73
C33 006 P . -6.56 -24.89 1.24
C34 006 P . -7.45 -24.56 2.28
C35 006 P . -4.01 -22.71 -0.37
C36 006 P . -5.76 -22.66 1.20
C37 006 P . -6.64 -22.31 2.23
C38 006 P . -7.50 -23.27 2.78
C39 006 P . -4.78 -21.74 0.51
C40 006 P . -10.74 -38.41 0.42
O40 006 P . -8.35 -31.94 -0.55
C41 006 P . -9.52 -38.29 -0.25
O41 006 P . -9.07 -34.60 -0.32
C42 006 P . -8.95 -37.04 -0.51
C43 006 P . -7.62 -36.98 -1.26
C44 006 P . -11.59 -34.78 1.11
C45 006 P . -9.61 -35.86 -0.08
C46 006 P . -10.84 -35.99 0.62
C47 006 P . -11.38 -37.26 0.86
C48 006 P . -7.87 -32.53 0.40
C49 006 P . -8.25 -33.98 0.70
C50 006 P . -4.76 -29.66 -1.63
N50 006 P . -4.20 -28.99 -0.45
O50 006 P . -5.55 -26.64 -1.03
S50 006 P . -3.88 -28.97 -2.96
C51 006 P . -2.83 -27.85 -2.14
C52 006 P . -2.80 -26.59 -3.01
C53 006 P . -1.45 -28.47 -1.97
C54 006 P . -3.49 -27.71 -0.76
C55 006 P . -4.38 -26.48 -0.71
C1 GOL Q . -6.62 -30.06 23.59
O1 GOL Q . -6.71 -28.68 23.18
C2 GOL Q . -7.57 -30.46 24.72
O2 GOL Q . -8.80 -30.97 24.21
C3 GOL Q . -6.90 -31.58 25.54
O3 GOL Q . -7.63 -31.76 26.78
C1 GOL R . -11.46 -24.69 0.18
O1 GOL R . -10.18 -24.17 0.47
C2 GOL R . -12.34 -24.64 1.45
O2 GOL R . -11.76 -23.73 2.38
C3 GOL R . -13.82 -24.30 1.12
O3 GOL R . -14.77 -24.88 2.00
#